data_5F78
#
_entry.id   5F78
#
_cell.length_a   81.193
_cell.length_b   82.232
_cell.length_c   150.746
_cell.angle_alpha   90.000
_cell.angle_beta   101.550
_cell.angle_gamma   90.000
#
_symmetry.space_group_name_H-M   'P 1 21 1'
#
loop_
_entity.id
_entity.type
_entity.pdbx_description
1 polymer 'Methylthioadenosine phosphorylase'
2 non-polymer 'SULFATE ION'
3 water water
#
_entity_poly.entity_id   1
_entity_poly.type   'polypeptide(L)'
_entity_poly.pdbx_seq_one_letter_code
;MGSSHHHHHHSSGLVPRGSHMMSKVKVGIIGGSGFDDPNLFKKVGVRQVTTPFGKPSDTLVEGFVGDVACVVLPRHGKGH
LIPPSEVNYRANVWALKDLGCTHILATTACGSLQEDLVPGDFVVLNQFMDKTWGRENTFYGSKPDSLKGVLHMPMAEPFC
ERTRQILIQAARNKSINVYDKKTMDKSACIHPCVHAEGSAVTINGPRFSTRCESFIHKAMGLDIVNMTLVPEVSLAREAG
LSYASIAIVTDFDCWKSEEEHVCVDMVLEQFRKSVVHVREILLEAVALIGAEDWTKTIEANKALVMSSRQDLLHQGSNDK
;
_entity_poly.pdbx_strand_id   A,B,C,D,E,F
#
loop_
_chem_comp.id
_chem_comp.type
_chem_comp.name
_chem_comp.formula
SO4 non-polymer 'SULFATE ION' 'O4 S -2'
#
# COMPACT_ATOMS: atom_id res chain seq x y z
N LYS A 24 0.51 22.65 38.95
CA LYS A 24 -0.44 22.53 37.85
C LYS A 24 -0.69 21.07 37.49
N VAL A 25 0.34 20.24 37.59
CA VAL A 25 0.25 18.82 37.28
C VAL A 25 0.44 18.00 38.54
N LYS A 26 -0.12 16.79 38.53
CA LYS A 26 0.04 15.83 39.61
C LYS A 26 -0.01 14.44 39.01
N VAL A 27 1.00 13.62 39.28
CA VAL A 27 1.17 12.34 38.62
C VAL A 27 0.77 11.23 39.58
N GLY A 28 -0.17 10.39 39.16
CA GLY A 28 -0.50 9.17 39.87
C GLY A 28 0.25 8.00 39.27
N ILE A 29 0.58 7.03 40.11
CA ILE A 29 1.33 5.85 39.71
C ILE A 29 0.59 4.62 40.18
N ILE A 30 0.20 3.76 39.24
CA ILE A 30 -0.41 2.47 39.55
C ILE A 30 0.68 1.42 39.36
N GLY A 31 1.15 0.84 40.46
CA GLY A 31 2.21 -0.15 40.41
C GLY A 31 1.64 -1.55 40.40
N GLY A 32 2.08 -2.34 39.43
CA GLY A 32 1.66 -3.73 39.29
C GLY A 32 2.54 -4.68 40.06
N SER A 33 2.69 -5.89 39.52
CA SER A 33 3.60 -6.87 40.08
C SER A 33 5.01 -6.29 40.19
N GLY A 34 5.64 -6.52 41.34
CA GLY A 34 6.92 -5.92 41.64
C GLY A 34 6.84 -4.58 42.35
N PHE A 35 5.65 -3.99 42.42
CA PHE A 35 5.42 -2.71 43.09
C PHE A 35 4.29 -2.81 44.10
N ASP A 36 4.10 -4.00 44.69
CA ASP A 36 3.02 -4.18 45.66
C ASP A 36 3.28 -3.40 46.94
N ASP A 37 4.54 -3.18 47.28
CA ASP A 37 4.95 -2.36 48.41
C ASP A 37 5.73 -1.18 47.86
N PRO A 38 5.07 -0.06 47.58
CA PRO A 38 5.76 1.05 46.89
C PRO A 38 6.79 1.73 47.79
N ASN A 39 7.92 2.09 47.17
CA ASN A 39 8.97 2.83 47.87
C ASN A 39 9.72 3.72 46.89
N LEU A 40 8.98 4.36 45.98
CA LEU A 40 9.62 5.12 44.90
C LEU A 40 10.36 6.34 45.42
N PHE A 41 9.76 7.06 46.38
CA PHE A 41 10.31 8.31 46.89
C PHE A 41 10.29 8.28 48.42
N LYS A 42 10.75 9.37 49.02
CA LYS A 42 10.65 9.55 50.47
C LYS A 42 9.19 9.75 50.85
N LYS A 43 8.59 8.72 51.43
CA LYS A 43 7.17 8.75 51.75
C LYS A 43 6.88 9.77 52.84
N VAL A 44 5.79 10.52 52.66
CA VAL A 44 5.30 11.44 53.69
C VAL A 44 4.29 10.69 54.56
N GLY A 45 3.22 10.17 53.94
CA GLY A 45 2.23 9.42 54.67
C GLY A 45 1.35 8.60 53.75
N VAL A 46 0.70 7.60 54.33
CA VAL A 46 -0.26 6.78 53.60
C VAL A 46 -1.65 7.38 53.79
N ARG A 47 -2.50 7.18 52.79
CA ARG A 47 -3.79 7.84 52.72
C ARG A 47 -4.86 6.84 52.31
N GLN A 48 -5.94 6.76 53.09
CA GLN A 48 -7.08 5.93 52.78
C GLN A 48 -8.19 6.80 52.21
N VAL A 49 -8.72 6.41 51.04
CA VAL A 49 -9.76 7.17 50.38
C VAL A 49 -10.95 6.26 50.08
N THR A 50 -12.10 6.90 49.92
CA THR A 50 -13.32 6.24 49.49
C THR A 50 -13.72 6.81 48.13
N THR A 51 -14.52 6.04 47.40
CA THR A 51 -14.86 6.34 46.02
C THR A 51 -16.32 5.97 45.81
N PRO A 52 -17.03 6.66 44.91
CA PRO A 52 -18.42 6.27 44.60
C PRO A 52 -18.56 4.86 44.05
N PHE A 53 -17.46 4.21 43.67
CA PHE A 53 -17.47 2.88 43.09
C PHE A 53 -16.79 1.85 43.98
N GLY A 54 -16.61 2.16 45.26
CA GLY A 54 -16.02 1.24 46.21
C GLY A 54 -14.62 1.68 46.63
N LYS A 55 -13.98 0.84 47.43
CA LYS A 55 -12.66 1.17 47.94
C LYS A 55 -11.58 0.78 46.92
N PRO A 56 -10.50 1.56 46.81
CA PRO A 56 -9.40 1.17 45.94
C PRO A 56 -8.65 -0.04 46.47
N SER A 57 -7.68 -0.54 45.69
CA SER A 57 -7.01 -1.79 46.04
C SER A 57 -6.31 -1.71 47.39
N ASP A 58 -5.88 -0.52 47.79
CA ASP A 58 -5.11 -0.36 49.02
C ASP A 58 -5.05 1.13 49.34
N THR A 59 -4.40 1.44 50.46
CA THR A 59 -4.09 2.83 50.77
C THR A 59 -3.06 3.36 49.76
N LEU A 60 -3.00 4.69 49.67
CA LEU A 60 -2.12 5.35 48.71
C LEU A 60 -0.98 6.03 49.43
N VAL A 61 0.20 6.02 48.83
CA VAL A 61 1.38 6.67 49.37
C VAL A 61 1.54 8.03 48.69
N GLU A 62 1.54 9.08 49.49
CA GLU A 62 1.63 10.45 48.98
C GLU A 62 3.03 11.00 49.21
N GLY A 63 3.54 11.72 48.22
CA GLY A 63 4.86 12.31 48.35
C GLY A 63 5.14 13.30 47.23
N PHE A 64 6.42 13.61 47.07
CA PHE A 64 6.88 14.53 46.05
C PHE A 64 8.13 13.95 45.38
N VAL A 65 8.29 14.27 44.10
CA VAL A 65 9.51 13.90 43.37
C VAL A 65 10.41 15.13 43.31
N GLY A 66 10.03 16.11 42.49
CA GLY A 66 10.67 17.41 42.56
C GLY A 66 9.79 18.35 43.36
N ASP A 67 9.31 19.40 42.71
CA ASP A 67 8.16 20.14 43.22
C ASP A 67 6.84 19.54 42.73
N VAL A 68 6.88 18.33 42.20
CA VAL A 68 5.72 17.68 41.60
C VAL A 68 5.13 16.70 42.61
N ALA A 69 3.85 16.89 42.94
CA ALA A 69 3.16 15.95 43.80
C ALA A 69 2.97 14.61 43.08
N CYS A 70 3.20 13.52 43.82
CA CYS A 70 3.12 12.18 43.27
C CYS A 70 2.41 11.29 44.29
N VAL A 71 1.62 10.34 43.79
CA VAL A 71 0.91 9.41 44.66
C VAL A 71 0.92 8.03 43.99
N VAL A 72 1.24 7.01 44.77
CA VAL A 72 1.45 5.66 44.24
C VAL A 72 0.42 4.72 44.86
N LEU A 73 -0.12 3.83 44.03
CA LEU A 73 -1.19 2.91 44.42
C LEU A 73 -0.84 1.52 43.90
N PRO A 74 -0.73 0.51 44.77
CA PRO A 74 -0.44 -0.85 44.29
C PRO A 74 -1.71 -1.48 43.72
N ARG A 75 -1.63 -1.95 42.47
CA ARG A 75 -2.83 -2.43 41.79
C ARG A 75 -3.44 -3.63 42.50
N HIS A 76 -2.60 -4.52 43.02
CA HIS A 76 -3.08 -5.76 43.62
C HIS A 76 -3.14 -5.74 45.14
N GLY A 77 -2.85 -4.59 45.77
CA GLY A 77 -2.77 -4.52 47.20
C GLY A 77 -1.39 -4.92 47.72
N LYS A 78 -1.15 -4.60 48.99
CA LYS A 78 0.21 -4.68 49.53
C LYS A 78 0.78 -6.09 49.44
N GLY A 79 -0.03 -7.10 49.71
CA GLY A 79 0.41 -8.48 49.63
C GLY A 79 0.11 -9.19 48.34
N HIS A 80 -0.30 -8.47 47.29
CA HIS A 80 -0.68 -9.05 46.01
C HIS A 80 -1.74 -10.14 46.19
N LEU A 81 -2.81 -9.79 46.91
CA LEU A 81 -3.89 -10.72 47.19
C LEU A 81 -5.09 -10.56 46.25
N ILE A 82 -5.09 -9.55 45.39
CA ILE A 82 -6.23 -9.28 44.51
C ILE A 82 -5.86 -9.70 43.09
N PRO A 83 -6.59 -10.64 42.48
CA PRO A 83 -6.29 -11.06 41.11
C PRO A 83 -6.77 -10.03 40.11
N PRO A 84 -6.27 -10.08 38.86
CA PRO A 84 -6.60 -9.03 37.87
C PRO A 84 -8.09 -8.84 37.63
N SER A 85 -8.87 -9.92 37.56
CA SER A 85 -10.29 -9.78 37.24
C SER A 85 -11.08 -9.14 38.37
N GLU A 86 -10.54 -9.13 39.60
CA GLU A 86 -11.25 -8.60 40.76
C GLU A 86 -10.72 -7.24 41.20
N VAL A 87 -9.72 -6.69 40.52
CA VAL A 87 -9.25 -5.35 40.82
C VAL A 87 -10.36 -4.35 40.54
N ASN A 88 -10.57 -3.41 41.47
CA ASN A 88 -11.56 -2.36 41.29
C ASN A 88 -10.89 -1.22 40.53
N TYR A 89 -10.86 -1.37 39.20
CA TYR A 89 -10.21 -0.37 38.36
C TYR A 89 -10.93 0.97 38.43
N ARG A 90 -12.26 0.96 38.51
CA ARG A 90 -13.01 2.20 38.62
C ARG A 90 -12.61 2.97 39.87
N ALA A 91 -12.55 2.28 41.02
CA ALA A 91 -12.20 2.97 42.26
C ALA A 91 -10.75 3.45 42.24
N ASN A 92 -9.84 2.66 41.66
CA ASN A 92 -8.44 3.08 41.60
C ASN A 92 -8.28 4.34 40.75
N VAL A 93 -8.90 4.35 39.57
CA VAL A 93 -8.75 5.51 38.68
C VAL A 93 -9.47 6.71 39.25
N TRP A 94 -10.66 6.52 39.81
CA TRP A 94 -11.40 7.66 40.35
C TRP A 94 -10.72 8.22 41.60
N ALA A 95 -10.14 7.35 42.42
CA ALA A 95 -9.41 7.82 43.59
C ALA A 95 -8.27 8.74 43.19
N LEU A 96 -7.51 8.37 42.17
CA LEU A 96 -6.44 9.22 41.68
C LEU A 96 -7.00 10.52 41.10
N LYS A 97 -8.14 10.43 40.40
CA LYS A 97 -8.79 11.63 39.87
C LYS A 97 -9.20 12.58 40.99
N ASP A 98 -9.83 12.04 42.03
CA ASP A 98 -10.31 12.90 43.11
C ASP A 98 -9.17 13.52 43.92
N LEU A 99 -8.00 12.88 43.92
CA LEU A 99 -6.84 13.45 44.58
C LEU A 99 -6.15 14.53 43.75
N GLY A 100 -6.70 14.85 42.57
CA GLY A 100 -6.15 15.91 41.76
C GLY A 100 -5.12 15.49 40.74
N CYS A 101 -4.98 14.20 40.48
CA CYS A 101 -4.02 13.74 39.48
C CYS A 101 -4.45 14.22 38.10
N THR A 102 -3.46 14.66 37.31
CA THR A 102 -3.67 14.94 35.90
C THR A 102 -3.12 13.85 34.99
N HIS A 103 -2.18 13.05 35.49
CA HIS A 103 -1.55 11.98 34.74
C HIS A 103 -1.59 10.69 35.55
N ILE A 104 -1.50 9.56 34.85
CA ILE A 104 -1.34 8.25 35.48
C ILE A 104 -0.28 7.49 34.71
N LEU A 105 0.79 7.09 35.40
CA LEU A 105 1.76 6.16 34.87
C LEU A 105 1.52 4.80 35.51
N ALA A 106 1.52 3.75 34.70
CA ALA A 106 1.21 2.41 35.17
C ALA A 106 2.27 1.42 34.69
N THR A 107 2.50 0.39 35.50
CA THR A 107 3.38 -0.71 35.14
C THR A 107 2.58 -2.00 35.04
N THR A 108 3.09 -2.93 34.23
CA THR A 108 2.48 -4.25 34.11
C THR A 108 3.54 -5.26 33.72
N ALA A 109 3.56 -6.39 34.42
CA ALA A 109 4.41 -7.51 34.03
C ALA A 109 3.70 -8.35 32.98
N CYS A 110 4.43 -8.75 31.94
CA CYS A 110 3.80 -9.37 30.79
C CYS A 110 4.67 -10.50 30.25
N GLY A 111 4.07 -11.35 29.43
CA GLY A 111 4.78 -12.37 28.68
C GLY A 111 4.94 -11.95 27.24
N SER A 112 6.04 -12.39 26.62
CA SER A 112 6.33 -12.02 25.25
C SER A 112 5.64 -12.96 24.27
N LEU A 113 5.21 -12.41 23.13
CA LEU A 113 4.69 -13.18 22.02
C LEU A 113 5.55 -13.11 20.77
N GLN A 114 6.65 -12.35 20.79
CA GLN A 114 7.46 -12.15 19.59
C GLN A 114 8.94 -12.30 19.93
N GLU A 115 9.74 -12.64 18.90
CA GLU A 115 11.13 -13.02 19.12
C GLU A 115 11.95 -11.91 19.74
N ASP A 116 11.77 -10.67 19.28
CA ASP A 116 12.67 -9.60 19.67
C ASP A 116 12.31 -8.96 21.00
N LEU A 117 11.26 -9.44 21.67
CA LEU A 117 10.89 -9.01 23.01
C LEU A 117 11.26 -10.14 23.96
N VAL A 118 12.28 -9.93 24.76
CA VAL A 118 12.84 -10.99 25.59
C VAL A 118 12.75 -10.54 27.05
N PRO A 119 12.80 -11.48 28.00
CA PRO A 119 12.73 -11.11 29.41
C PRO A 119 13.76 -10.06 29.78
N GLY A 120 13.33 -9.06 30.54
CA GLY A 120 14.15 -7.93 30.90
C GLY A 120 13.91 -6.70 30.06
N ASP A 121 13.27 -6.85 28.90
CA ASP A 121 12.90 -5.71 28.07
C ASP A 121 11.69 -4.99 28.67
N PHE A 122 11.44 -3.78 28.15
CA PHE A 122 10.29 -2.98 28.51
C PHE A 122 9.55 -2.58 27.24
N VAL A 123 8.26 -2.27 27.38
CA VAL A 123 7.44 -1.88 26.25
C VAL A 123 6.59 -0.68 26.66
N VAL A 124 6.74 0.45 25.96
CA VAL A 124 5.82 1.58 26.10
C VAL A 124 4.71 1.33 25.09
N LEU A 125 3.64 0.69 25.57
CA LEU A 125 2.56 0.25 24.71
C LEU A 125 1.86 1.43 24.03
N ASN A 126 1.35 1.18 22.81
CA ASN A 126 0.50 2.14 22.12
C ASN A 126 -0.79 1.53 21.59
N GLN A 127 -0.97 0.22 21.71
CA GLN A 127 -2.17 -0.45 21.20
C GLN A 127 -2.53 -1.62 22.11
N PHE A 128 -3.76 -2.11 21.97
CA PHE A 128 -4.14 -3.32 22.68
C PHE A 128 -5.31 -4.00 21.97
N MET A 129 -5.48 -5.29 22.27
CA MET A 129 -6.64 -6.08 21.93
C MET A 129 -7.25 -6.61 23.20
N ASP A 130 -8.54 -6.35 23.41
CA ASP A 130 -9.19 -6.61 24.69
C ASP A 130 -9.89 -7.96 24.65
N LYS A 131 -9.46 -8.87 25.54
CA LYS A 131 -10.14 -10.14 25.73
C LYS A 131 -10.62 -10.29 27.17
N THR A 132 -10.83 -9.18 27.89
CA THR A 132 -11.40 -9.25 29.23
C THR A 132 -12.92 -9.26 29.17
N TRP A 133 -13.53 -9.61 30.30
CA TRP A 133 -14.98 -9.66 30.44
C TRP A 133 -15.30 -9.68 31.93
N GLY A 134 -16.51 -9.28 32.26
CA GLY A 134 -16.98 -9.35 33.64
C GLY A 134 -16.41 -8.31 34.57
N ARG A 135 -15.64 -7.36 34.05
CA ARG A 135 -15.11 -6.26 34.85
C ARG A 135 -15.92 -4.99 34.57
N GLU A 136 -16.04 -4.15 35.59
CA GLU A 136 -16.69 -2.84 35.42
C GLU A 136 -15.75 -1.95 34.61
N ASN A 137 -16.10 -1.69 33.35
CA ASN A 137 -15.20 -1.01 32.44
C ASN A 137 -15.65 0.40 32.05
N THR A 138 -16.66 0.95 32.71
CA THR A 138 -17.09 2.31 32.42
C THR A 138 -17.69 2.93 33.68
N PHE A 139 -17.50 4.24 33.80
CA PHE A 139 -18.10 4.98 34.92
C PHE A 139 -19.58 5.29 34.69
N TYR A 140 -20.07 5.19 33.46
CA TYR A 140 -21.38 5.72 33.08
C TYR A 140 -22.35 4.61 32.71
N GLY A 141 -23.63 4.86 32.98
CA GLY A 141 -24.65 3.90 32.60
C GLY A 141 -26.01 4.30 33.16
N SER A 142 -26.93 3.34 33.18
CA SER A 142 -28.27 3.54 33.68
C SER A 142 -28.51 2.90 35.04
N LYS A 143 -27.53 2.15 35.56
CA LYS A 143 -27.67 1.54 36.87
C LYS A 143 -27.34 2.56 37.97
N PRO A 144 -27.91 2.39 39.17
CA PRO A 144 -27.62 3.33 40.26
C PRO A 144 -26.17 3.29 40.74
N ASP A 145 -25.41 2.26 40.38
CA ASP A 145 -24.00 2.17 40.75
C ASP A 145 -23.07 2.90 39.80
N SER A 146 -23.60 3.75 38.92
CA SER A 146 -22.80 4.43 37.93
C SER A 146 -23.28 5.87 37.78
N LEU A 147 -22.43 6.70 37.17
CA LEU A 147 -22.83 8.05 36.81
C LEU A 147 -23.87 7.99 35.69
N LYS A 148 -24.87 8.88 35.77
CA LYS A 148 -25.94 8.86 34.79
C LYS A 148 -25.44 9.36 33.44
N GLY A 149 -25.79 8.64 32.38
CA GLY A 149 -25.38 9.02 31.04
C GLY A 149 -24.88 7.86 30.20
N VAL A 150 -24.66 8.11 28.92
CA VAL A 150 -24.12 7.12 27.99
C VAL A 150 -22.89 7.73 27.33
N LEU A 151 -21.73 7.13 27.58
CA LEU A 151 -20.45 7.68 27.16
C LEU A 151 -19.79 6.71 26.18
N HIS A 152 -19.60 7.17 24.94
CA HIS A 152 -18.97 6.37 23.88
C HIS A 152 -17.64 7.04 23.52
N MET A 153 -16.55 6.56 24.14
CA MET A 153 -15.25 7.20 24.04
C MET A 153 -14.46 6.66 22.86
N PRO A 154 -13.90 7.51 22.00
CA PRO A 154 -12.99 7.02 20.96
C PRO A 154 -11.73 6.42 21.59
N MET A 155 -11.25 5.33 21.00
CA MET A 155 -10.11 4.62 21.57
C MET A 155 -9.11 4.13 20.51
N ALA A 156 -9.14 4.72 19.30
CA ALA A 156 -8.28 4.24 18.22
C ALA A 156 -6.81 4.23 18.63
N GLU A 157 -6.33 5.33 19.21
CA GLU A 157 -5.01 5.40 19.84
C GLU A 157 -5.24 5.61 21.33
N PRO A 158 -5.30 4.54 22.13
CA PRO A 158 -5.92 4.62 23.46
C PRO A 158 -5.08 5.29 24.54
N PHE A 159 -3.81 5.61 24.29
CA PHE A 159 -2.95 6.22 25.28
C PHE A 159 -2.79 7.71 25.00
N CYS A 160 -2.23 8.42 25.99
CA CYS A 160 -1.82 9.81 25.79
C CYS A 160 -0.45 9.83 25.14
N GLU A 161 -0.38 10.31 23.90
CA GLU A 161 0.87 10.21 23.14
C GLU A 161 1.97 11.07 23.75
N ARG A 162 1.63 12.25 24.25
CA ARG A 162 2.63 13.08 24.93
C ARG A 162 3.25 12.33 26.10
N THR A 163 2.41 11.62 26.88
CA THR A 163 2.92 10.90 28.05
C THR A 163 3.69 9.66 27.64
N ARG A 164 3.31 9.02 26.54
CA ARG A 164 4.10 7.90 26.01
C ARG A 164 5.52 8.35 25.69
N GLN A 165 5.66 9.48 24.97
CA GLN A 165 6.99 9.94 24.58
C GLN A 165 7.81 10.42 25.76
N ILE A 166 7.16 10.75 26.88
CA ILE A 166 7.91 11.15 28.07
C ILE A 166 8.54 9.92 28.74
N LEU A 167 7.81 8.80 28.76
CA LEU A 167 8.39 7.56 29.28
C LEU A 167 9.60 7.13 28.46
N ILE A 168 9.51 7.25 27.13
CA ILE A 168 10.62 6.87 26.27
C ILE A 168 11.81 7.81 26.46
N GLN A 169 11.54 9.11 26.58
CA GLN A 169 12.63 10.05 26.81
C GLN A 169 13.25 9.85 28.19
N ALA A 170 12.45 9.47 29.18
CA ALA A 170 13.00 9.16 30.50
C ALA A 170 13.95 7.99 30.44
N ALA A 171 13.64 6.99 29.60
CA ALA A 171 14.54 5.86 29.43
C ALA A 171 15.86 6.29 28.80
N ARG A 172 15.79 7.16 27.78
CA ARG A 172 17.01 7.69 27.18
C ARG A 172 17.84 8.44 28.20
N ASN A 173 17.20 9.25 29.05
CA ASN A 173 17.92 10.02 30.05
C ASN A 173 18.60 9.14 31.08
N LYS A 174 18.04 7.96 31.36
CA LYS A 174 18.63 7.00 32.28
C LYS A 174 19.55 6.00 31.57
N SER A 175 19.95 6.30 30.34
CA SER A 175 20.89 5.46 29.58
C SER A 175 20.36 4.04 29.39
N ILE A 176 19.06 3.92 29.16
CA ILE A 176 18.42 2.65 28.81
C ILE A 176 18.21 2.64 27.31
N ASN A 177 18.60 1.53 26.67
CA ASN A 177 18.47 1.42 25.22
C ASN A 177 17.01 1.52 24.80
N VAL A 178 16.76 2.24 23.71
CA VAL A 178 15.44 2.36 23.13
C VAL A 178 15.48 1.75 21.73
N TYR A 179 14.51 0.87 21.44
CA TYR A 179 14.43 0.18 20.16
C TYR A 179 13.12 0.52 19.48
N ASP A 180 13.20 1.02 18.26
CA ASP A 180 12.04 1.33 17.44
C ASP A 180 12.12 0.49 16.17
N LYS A 181 11.31 -0.56 16.10
CA LYS A 181 11.39 -1.52 15.00
C LYS A 181 11.01 -0.90 13.66
N LYS A 182 10.32 0.24 13.66
CA LYS A 182 9.98 0.90 12.40
C LYS A 182 11.15 1.70 11.83
N THR A 183 12.16 2.04 12.64
CA THR A 183 13.27 2.86 12.19
C THR A 183 14.63 2.24 12.43
N MET A 184 14.71 1.08 13.07
CA MET A 184 15.99 0.50 13.48
C MET A 184 16.07 -0.96 13.07
N ASP A 185 17.28 -1.39 12.72
CA ASP A 185 17.51 -2.77 12.31
C ASP A 185 17.44 -3.70 13.52
N LYS A 186 17.07 -4.96 13.26
CA LYS A 186 17.00 -5.95 14.31
C LYS A 186 18.33 -6.13 15.03
N SER A 187 19.44 -5.80 14.37
CA SER A 187 20.75 -5.86 15.03
C SER A 187 20.95 -4.69 15.98
N ALA A 188 20.34 -3.55 15.68
CA ALA A 188 20.30 -2.46 16.66
C ALA A 188 19.44 -2.76 17.89
N CYS A 189 18.93 -3.97 18.03
CA CYS A 189 18.14 -4.39 19.19
C CYS A 189 19.10 -4.83 20.30
N ILE A 190 19.36 -3.94 21.24
CA ILE A 190 20.35 -4.17 22.29
C ILE A 190 19.58 -4.32 23.60
N HIS A 191 19.57 -5.52 24.14
CA HIS A 191 18.87 -5.82 25.39
C HIS A 191 19.72 -5.51 26.63
N PRO A 192 19.07 -5.08 27.72
CA PRO A 192 17.64 -4.79 27.85
C PRO A 192 17.28 -3.47 27.20
N CYS A 193 16.14 -3.42 26.54
CA CYS A 193 15.74 -2.21 25.82
C CYS A 193 14.29 -1.89 26.08
N VAL A 194 13.96 -0.62 25.83
CA VAL A 194 12.58 -0.16 25.82
C VAL A 194 12.11 -0.16 24.37
N HIS A 195 11.11 -0.97 24.07
CA HIS A 195 10.51 -0.96 22.74
C HIS A 195 9.59 0.26 22.63
N ALA A 196 9.83 1.09 21.62
CA ALA A 196 9.13 2.36 21.49
C ALA A 196 7.67 2.20 21.11
N GLU A 197 7.24 1.00 20.72
CA GLU A 197 5.85 0.72 20.39
C GLU A 197 5.54 -0.71 20.76
N GLY A 198 4.25 -1.01 20.84
CA GLY A 198 3.85 -2.37 21.17
C GLY A 198 2.38 -2.54 21.46
N SER A 199 1.83 -3.70 21.10
CA SER A 199 0.43 -4.01 21.33
C SER A 199 0.32 -5.16 22.33
N ALA A 200 -0.61 -5.03 23.26
CA ALA A 200 -0.86 -6.06 24.26
C ALA A 200 -2.22 -6.71 23.99
N VAL A 201 -2.29 -8.03 24.15
CA VAL A 201 -3.57 -8.70 24.31
C VAL A 201 -3.79 -8.86 25.80
N THR A 202 -4.91 -8.34 26.29
CA THR A 202 -5.23 -8.39 27.71
C THR A 202 -6.25 -9.50 27.93
N ILE A 203 -5.79 -10.61 28.49
CA ILE A 203 -6.67 -11.73 28.78
C ILE A 203 -7.20 -11.58 30.20
N ASN A 204 -8.28 -12.30 30.49
CA ASN A 204 -8.98 -12.06 31.75
C ASN A 204 -8.31 -12.74 32.93
N GLY A 205 -7.59 -13.83 32.70
CA GLY A 205 -7.01 -14.61 33.78
C GLY A 205 -8.09 -15.35 34.55
N PRO A 206 -7.71 -15.98 35.67
CA PRO A 206 -6.35 -15.98 36.22
C PRO A 206 -5.38 -16.95 35.52
N ARG A 207 -5.90 -17.90 34.76
CA ARG A 207 -5.03 -18.86 34.08
C ARG A 207 -4.25 -18.19 32.96
N PHE A 208 -3.08 -18.76 32.66
CA PHE A 208 -2.34 -18.35 31.49
C PHE A 208 -2.92 -18.99 30.24
N SER A 209 -2.44 -18.56 29.08
CA SER A 209 -2.98 -19.00 27.80
C SER A 209 -2.53 -20.42 27.46
N THR A 210 -3.36 -21.11 26.69
CA THR A 210 -2.92 -22.36 26.07
C THR A 210 -1.99 -22.05 24.91
N ARG A 211 -1.23 -23.07 24.50
CA ARG A 211 -0.39 -22.93 23.31
C ARG A 211 -1.22 -22.51 22.10
N CYS A 212 -2.40 -23.11 21.94
CA CYS A 212 -3.30 -22.75 20.85
C CYS A 212 -3.63 -21.26 20.87
N GLU A 213 -4.01 -20.75 22.04
CA GLU A 213 -4.35 -19.33 22.17
C GLU A 213 -3.14 -18.44 21.92
N SER A 214 -1.98 -18.83 22.43
CA SER A 214 -0.77 -18.03 22.23
C SER A 214 -0.38 -17.99 20.76
N PHE A 215 -0.52 -19.12 20.04
CA PHE A 215 -0.22 -19.15 18.62
C PHE A 215 -1.12 -18.19 17.85
N ILE A 216 -2.40 -18.16 18.18
CA ILE A 216 -3.34 -17.29 17.48
C ILE A 216 -3.04 -15.82 17.78
N HIS A 217 -2.77 -15.50 19.05
CA HIS A 217 -2.40 -14.13 19.40
C HIS A 217 -1.14 -13.69 18.67
N LYS A 218 -0.15 -14.58 18.59
CA LYS A 218 1.06 -14.25 17.84
C LYS A 218 0.76 -14.04 16.36
N ALA A 219 -0.10 -14.89 15.79
CA ALA A 219 -0.43 -14.76 14.37
C ALA A 219 -1.15 -13.44 14.08
N MET A 220 -1.84 -12.89 15.07
CA MET A 220 -2.50 -11.60 14.92
C MET A 220 -1.53 -10.42 15.01
N GLY A 221 -0.25 -10.67 15.27
CA GLY A 221 0.72 -9.60 15.35
C GLY A 221 0.83 -8.92 16.70
N LEU A 222 0.23 -9.47 17.75
CA LEU A 222 0.32 -8.89 19.08
C LEU A 222 1.69 -9.18 19.69
N ASP A 223 2.17 -8.22 20.47
CA ASP A 223 3.54 -8.27 20.99
C ASP A 223 3.66 -8.92 22.35
N ILE A 224 2.76 -8.61 23.29
CA ILE A 224 2.83 -9.10 24.66
C ILE A 224 1.43 -9.51 25.13
N VAL A 225 1.39 -10.29 26.20
CA VAL A 225 0.14 -10.69 26.83
C VAL A 225 0.19 -10.29 28.30
N ASN A 226 -0.88 -9.71 28.80
CA ASN A 226 -0.99 -9.35 30.21
C ASN A 226 -2.45 -9.46 30.63
N MET A 227 -2.75 -9.05 31.87
CA MET A 227 -4.10 -9.22 32.40
C MET A 227 -4.71 -7.97 33.02
N THR A 228 -3.99 -6.85 33.06
CA THR A 228 -4.43 -5.72 33.88
C THR A 228 -4.57 -4.40 33.13
N LEU A 229 -4.23 -4.35 31.84
CA LEU A 229 -4.25 -3.06 31.13
C LEU A 229 -5.68 -2.55 30.94
N VAL A 230 -6.61 -3.44 30.62
CA VAL A 230 -8.01 -3.09 30.40
C VAL A 230 -8.81 -3.60 31.59
N PRO A 231 -9.73 -2.77 32.14
CA PRO A 231 -10.20 -1.45 31.69
C PRO A 231 -9.43 -0.23 32.23
N GLU A 232 -8.28 -0.44 32.85
CA GLU A 232 -7.55 0.66 33.46
C GLU A 232 -7.32 1.79 32.46
N VAL A 233 -6.85 1.46 31.25
CA VAL A 233 -6.53 2.48 30.25
C VAL A 233 -7.80 3.17 29.77
N SER A 234 -8.91 2.44 29.67
CA SER A 234 -10.16 3.02 29.22
C SER A 234 -10.73 3.97 30.26
N LEU A 235 -10.71 3.57 31.53
CA LEU A 235 -11.26 4.42 32.59
C LEU A 235 -10.45 5.69 32.79
N ALA A 236 -9.13 5.62 32.59
CA ALA A 236 -8.32 6.83 32.71
C ALA A 236 -8.77 7.88 31.70
N ARG A 237 -9.05 7.47 30.46
CA ARG A 237 -9.52 8.43 29.47
C ARG A 237 -10.93 8.92 29.79
N GLU A 238 -11.79 8.04 30.33
CA GLU A 238 -13.11 8.49 30.77
C GLU A 238 -12.99 9.54 31.86
N ALA A 239 -11.94 9.48 32.68
CA ALA A 239 -11.72 10.42 33.77
C ALA A 239 -11.03 11.69 33.31
N GLY A 240 -10.66 11.80 32.03
CA GLY A 240 -9.95 12.97 31.56
C GLY A 240 -8.49 13.03 31.95
N LEU A 241 -7.88 11.87 32.20
CA LEU A 241 -6.50 11.80 32.66
C LEU A 241 -5.60 11.27 31.54
N SER A 242 -4.38 11.81 31.48
CA SER A 242 -3.37 11.31 30.56
C SER A 242 -2.76 10.02 31.12
N TYR A 243 -2.85 8.94 30.36
CA TYR A 243 -2.44 7.62 30.83
C TYR A 243 -1.39 7.04 29.88
N ALA A 244 -0.32 6.52 30.44
CA ALA A 244 0.68 5.76 29.69
C ALA A 244 1.13 4.57 30.53
N SER A 245 1.43 3.47 29.85
CA SER A 245 1.81 2.22 30.49
C SER A 245 3.20 1.80 30.03
N ILE A 246 4.01 1.32 30.95
CA ILE A 246 5.28 0.68 30.61
C ILE A 246 5.20 -0.77 31.10
N ALA A 247 5.36 -1.71 30.17
CA ALA A 247 5.26 -3.13 30.46
C ALA A 247 6.64 -3.71 30.71
N ILE A 248 6.72 -4.66 31.62
CA ILE A 248 7.96 -5.36 31.94
C ILE A 248 7.85 -6.79 31.42
N VAL A 249 8.70 -7.15 30.48
CA VAL A 249 8.72 -8.51 29.96
C VAL A 249 9.41 -9.42 30.97
N THR A 250 8.73 -10.49 31.36
CA THR A 250 9.34 -11.47 32.26
C THR A 250 9.12 -12.86 31.64
N ASP A 251 9.31 -13.90 32.44
CA ASP A 251 9.27 -15.27 31.95
C ASP A 251 8.35 -16.10 32.83
N PHE A 252 7.28 -16.63 32.25
CA PHE A 252 6.29 -17.44 32.97
C PHE A 252 6.39 -18.92 32.62
N ASP A 253 7.49 -19.35 31.99
CA ASP A 253 7.59 -20.70 31.46
C ASP A 253 8.63 -21.54 32.19
N CYS A 254 8.91 -21.23 33.46
CA CYS A 254 9.86 -22.03 34.21
C CYS A 254 9.38 -23.46 34.43
N TRP A 255 8.07 -23.69 34.29
CA TRP A 255 7.54 -25.06 34.36
C TRP A 255 8.09 -25.95 33.25
N LYS A 256 8.72 -25.37 32.21
CA LYS A 256 9.29 -26.15 31.13
C LYS A 256 10.71 -26.61 31.41
N SER A 257 11.43 -25.96 32.31
CA SER A 257 12.81 -26.31 32.57
C SER A 257 12.90 -27.51 33.49
N GLU A 258 14.04 -28.20 33.45
CA GLU A 258 14.24 -29.37 34.30
C GLU A 258 14.45 -28.96 35.76
N GLU A 259 15.12 -27.84 35.99
CA GLU A 259 15.37 -27.31 37.33
C GLU A 259 14.47 -26.09 37.52
N GLU A 260 13.20 -26.35 37.83
CA GLU A 260 12.23 -25.26 37.96
C GLU A 260 12.56 -24.35 39.13
N HIS A 261 13.07 -24.91 40.23
CA HIS A 261 13.39 -24.10 41.40
C HIS A 261 14.52 -23.13 41.10
N VAL A 262 15.51 -23.56 40.30
CA VAL A 262 16.58 -22.65 39.91
C VAL A 262 16.07 -21.64 38.90
N CYS A 263 15.18 -22.07 38.01
CA CYS A 263 14.66 -21.17 36.97
C CYS A 263 13.90 -20.00 37.58
N VAL A 264 13.02 -20.27 38.54
CA VAL A 264 12.24 -19.20 39.14
C VAL A 264 13.15 -18.23 39.89
N ASP A 265 14.23 -18.73 40.49
CA ASP A 265 15.18 -17.83 41.15
C ASP A 265 15.85 -16.91 40.16
N MET A 266 16.26 -17.44 39.00
CA MET A 266 16.92 -16.63 37.99
C MET A 266 15.96 -15.61 37.38
N VAL A 267 14.71 -16.03 37.14
CA VAL A 267 13.74 -15.11 36.55
C VAL A 267 13.36 -14.01 37.55
N LEU A 268 13.25 -14.38 38.83
CA LEU A 268 12.94 -13.36 39.84
C LEU A 268 14.07 -12.37 40.01
N GLU A 269 15.32 -12.83 39.91
CA GLU A 269 16.47 -11.94 40.02
C GLU A 269 16.48 -10.94 38.86
N GLN A 270 16.23 -11.42 37.64
CA GLN A 270 16.13 -10.51 36.50
C GLN A 270 14.94 -9.56 36.66
N PHE A 271 13.82 -10.06 37.18
CA PHE A 271 12.66 -9.19 37.38
C PHE A 271 12.96 -8.11 38.42
N ARG A 272 13.70 -8.45 39.46
CA ARG A 272 14.11 -7.44 40.43
C ARG A 272 14.93 -6.34 39.77
N LYS A 273 15.87 -6.71 38.92
CA LYS A 273 16.65 -5.72 38.17
C LYS A 273 15.77 -4.88 37.27
N SER A 274 14.76 -5.51 36.66
CA SER A 274 13.83 -4.77 35.81
C SER A 274 13.05 -3.74 36.60
N VAL A 275 12.62 -4.10 37.81
CA VAL A 275 11.86 -3.17 38.65
C VAL A 275 12.72 -1.97 39.02
N VAL A 276 14.02 -2.19 39.25
CA VAL A 276 14.91 -1.07 39.55
C VAL A 276 14.97 -0.10 38.37
N HIS A 277 15.09 -0.63 37.15
CA HIS A 277 15.11 0.23 35.97
C HIS A 277 13.80 1.00 35.82
N VAL A 278 12.66 0.32 35.98
CA VAL A 278 11.38 0.99 35.82
C VAL A 278 11.19 2.04 36.90
N ARG A 279 11.68 1.79 38.10
CA ARG A 279 11.62 2.77 39.17
C ARG A 279 12.36 4.05 38.79
N GLU A 280 13.52 3.92 38.15
CA GLU A 280 14.26 5.10 37.69
C GLU A 280 13.53 5.79 36.55
N ILE A 281 12.93 5.03 35.64
CA ILE A 281 12.18 5.61 34.54
C ILE A 281 10.98 6.39 35.06
N LEU A 282 10.25 5.81 36.01
CA LEU A 282 9.08 6.49 36.58
C LEU A 282 9.49 7.78 37.27
N LEU A 283 10.58 7.75 38.04
CA LEU A 283 11.01 8.95 38.75
C LEU A 283 11.45 10.04 37.78
N GLU A 284 12.15 9.66 36.70
CA GLU A 284 12.56 10.64 35.71
C GLU A 284 11.35 11.16 34.93
N ALA A 285 10.37 10.30 34.67
CA ALA A 285 9.18 10.71 33.92
C ALA A 285 8.36 11.73 34.69
N VAL A 286 8.22 11.54 36.01
CA VAL A 286 7.46 12.50 36.82
C VAL A 286 8.09 13.88 36.72
N ALA A 287 9.42 13.95 36.75
CA ALA A 287 10.09 15.24 36.64
C ALA A 287 9.90 15.85 35.25
N LEU A 288 9.99 15.02 34.20
CA LEU A 288 9.80 15.53 32.85
C LEU A 288 8.38 16.02 32.62
N ILE A 289 7.39 15.37 33.25
CA ILE A 289 6.01 15.83 33.14
C ILE A 289 5.86 17.21 33.79
N GLY A 290 6.44 17.38 34.98
CA GLY A 290 6.32 18.64 35.70
C GLY A 290 7.07 19.80 35.09
N ALA A 291 7.91 19.56 34.08
CA ALA A 291 8.68 20.63 33.45
C ALA A 291 7.98 21.25 32.26
N GLU A 292 6.92 20.63 31.74
CA GLU A 292 6.19 21.13 30.58
C GLU A 292 4.83 21.68 31.01
N ASP A 293 4.21 22.43 30.11
CA ASP A 293 2.86 22.93 30.32
C ASP A 293 1.86 21.98 29.68
N TRP A 294 0.77 21.69 30.41
CA TRP A 294 -0.23 20.73 29.97
C TRP A 294 -1.62 21.35 29.90
N THR A 295 -1.72 22.68 29.80
CA THR A 295 -3.03 23.33 29.83
C THR A 295 -3.91 22.88 28.68
N LYS A 296 -3.40 22.96 27.45
CA LYS A 296 -4.21 22.60 26.29
C LYS A 296 -4.49 21.10 26.23
N THR A 297 -3.57 20.27 26.74
CA THR A 297 -3.79 18.83 26.74
C THR A 297 -4.82 18.43 27.78
N ILE A 298 -4.73 18.98 28.98
CA ILE A 298 -5.72 18.69 30.02
C ILE A 298 -7.10 19.15 29.59
N GLU A 299 -7.18 20.35 29.00
CA GLU A 299 -8.46 20.83 28.48
C GLU A 299 -8.99 19.92 27.40
N ALA A 300 -8.13 19.42 26.53
CA ALA A 300 -8.57 18.51 25.47
C ALA A 300 -9.01 17.16 26.04
N ASN A 301 -8.40 16.73 27.14
CA ASN A 301 -8.83 15.50 27.80
C ASN A 301 -10.23 15.65 28.38
N LYS A 302 -10.53 16.82 28.94
CA LYS A 302 -11.85 17.04 29.54
C LYS A 302 -12.92 17.21 28.46
N ALA A 303 -12.58 17.88 27.35
CA ALA A 303 -13.56 18.11 26.30
C ALA A 303 -13.92 16.83 25.56
N LEU A 304 -12.96 15.93 25.37
CA LEU A 304 -13.25 14.64 24.73
C LEU A 304 -14.29 13.86 25.54
N VAL A 305 -14.24 13.96 26.86
CA VAL A 305 -15.24 13.31 27.70
C VAL A 305 -16.61 13.91 27.45
N MET A 306 -16.69 15.24 27.43
CA MET A 306 -17.97 15.92 27.21
C MET A 306 -18.54 15.61 25.84
N SER A 307 -17.70 15.61 24.81
CA SER A 307 -18.17 15.40 23.45
C SER A 307 -18.56 13.95 23.19
N SER A 308 -18.13 13.02 24.04
CA SER A 308 -18.47 11.61 23.90
C SER A 308 -19.78 11.24 24.59
N ARG A 309 -20.51 12.22 25.11
CA ARG A 309 -21.78 11.96 25.79
C ARG A 309 -22.90 11.88 24.77
N GLN A 310 -23.46 10.68 24.59
CA GLN A 310 -24.52 10.49 23.61
C GLN A 310 -25.88 10.94 24.12
N ASP A 311 -26.13 10.79 25.43
CA ASP A 311 -27.40 11.22 26.00
C ASP A 311 -27.56 12.75 25.93
N LEU A 312 -26.47 13.49 26.07
CA LEU A 312 -26.53 14.94 26.01
C LEU A 312 -26.67 15.43 24.57
N LYS B 24 -53.21 -11.44 11.86
CA LYS B 24 -52.40 -12.49 11.23
C LYS B 24 -50.92 -12.12 11.32
N VAL B 25 -50.50 -11.16 10.51
CA VAL B 25 -49.16 -10.60 10.60
C VAL B 25 -49.23 -9.29 11.37
N LYS B 26 -48.20 -9.03 12.16
CA LYS B 26 -48.09 -7.79 12.94
C LYS B 26 -46.60 -7.52 13.09
N VAL B 27 -46.18 -6.32 12.70
CA VAL B 27 -44.77 -6.00 12.54
C VAL B 27 -44.31 -5.18 13.74
N GLY B 28 -43.38 -5.73 14.51
CA GLY B 28 -42.69 -4.97 15.52
C GLY B 28 -41.50 -4.23 14.92
N ILE B 29 -41.18 -3.08 15.50
CA ILE B 29 -40.06 -2.27 15.04
C ILE B 29 -39.26 -1.82 16.26
N ILE B 30 -37.97 -2.11 16.25
CA ILE B 30 -37.04 -1.66 17.30
C ILE B 30 -36.18 -0.57 16.70
N GLY B 31 -36.40 0.67 17.13
CA GLY B 31 -35.67 1.81 16.61
C GLY B 31 -34.41 2.08 17.41
N GLY B 32 -33.28 2.14 16.73
CA GLY B 32 -32.00 2.44 17.35
C GLY B 32 -31.71 3.92 17.43
N SER B 33 -30.43 4.26 17.34
CA SER B 33 -30.02 5.66 17.35
C SER B 33 -30.66 6.40 16.18
N GLY B 34 -31.10 7.62 16.44
CA GLY B 34 -31.89 8.37 15.49
C GLY B 34 -33.38 8.10 15.54
N PHE B 35 -33.80 7.04 16.23
CA PHE B 35 -35.21 6.69 16.38
C PHE B 35 -35.62 6.66 17.85
N ASP B 36 -34.97 7.47 18.69
CA ASP B 36 -35.33 7.50 20.10
C ASP B 36 -36.78 7.96 20.30
N ASP B 37 -37.26 8.83 19.42
CA ASP B 37 -38.68 9.14 19.29
C ASP B 37 -39.08 8.66 17.89
N PRO B 38 -39.60 7.44 17.77
CA PRO B 38 -39.75 6.83 16.43
C PRO B 38 -40.54 7.67 15.45
N ASN B 39 -41.78 8.06 15.81
CA ASN B 39 -42.61 8.91 14.97
C ASN B 39 -42.83 8.28 13.59
N LEU B 40 -43.41 7.08 13.61
CA LEU B 40 -43.66 6.33 12.38
C LEU B 40 -45.13 6.31 11.99
N PHE B 41 -46.05 6.40 12.94
CA PHE B 41 -47.48 6.35 12.64
C PHE B 41 -48.26 6.95 13.79
N LYS B 42 -49.54 7.22 13.54
CA LYS B 42 -50.42 7.76 14.56
C LYS B 42 -50.61 6.75 15.68
N LYS B 43 -50.42 7.19 16.92
CA LYS B 43 -50.54 6.31 18.06
C LYS B 43 -52.00 5.95 18.30
N VAL B 44 -52.30 4.65 18.36
CA VAL B 44 -53.61 4.15 18.70
C VAL B 44 -53.66 3.63 20.13
N GLY B 45 -52.64 2.89 20.53
CA GLY B 45 -52.50 2.45 21.90
C GLY B 45 -51.08 2.63 22.41
N VAL B 46 -50.93 3.06 23.66
CA VAL B 46 -49.63 3.19 24.30
C VAL B 46 -49.62 2.21 25.47
N ARG B 47 -48.68 1.27 25.44
CA ARG B 47 -48.70 0.11 26.33
C ARG B 47 -47.48 0.15 27.24
N GLN B 48 -47.72 0.27 28.54
CA GLN B 48 -46.67 0.11 29.53
C GLN B 48 -46.66 -1.35 29.97
N VAL B 49 -45.66 -2.10 29.50
CA VAL B 49 -45.67 -3.55 29.54
C VAL B 49 -44.70 -4.05 30.60
N THR B 50 -45.08 -5.15 31.24
CA THR B 50 -44.18 -5.92 32.10
C THR B 50 -44.03 -7.31 31.53
N THR B 51 -42.80 -7.83 31.55
CA THR B 51 -42.49 -9.15 31.04
C THR B 51 -41.89 -10.01 32.15
N PRO B 52 -41.86 -11.33 31.98
CA PRO B 52 -41.15 -12.18 32.97
C PRO B 52 -39.68 -11.85 33.11
N PHE B 53 -39.11 -11.07 32.18
CA PHE B 53 -37.69 -10.74 32.19
C PHE B 53 -37.45 -9.26 32.47
N GLY B 54 -38.44 -8.56 33.01
CA GLY B 54 -38.30 -7.16 33.38
C GLY B 54 -39.03 -6.23 32.43
N LYS B 55 -38.72 -4.93 32.57
CA LYS B 55 -39.36 -3.84 31.85
C LYS B 55 -38.66 -3.61 30.51
N PRO B 56 -39.44 -3.40 29.44
CA PRO B 56 -38.83 -3.01 28.16
C PRO B 56 -38.19 -1.63 28.26
N SER B 57 -37.51 -1.25 27.19
CA SER B 57 -36.76 0.01 27.19
C SER B 57 -37.66 1.22 27.37
N ASP B 58 -38.93 1.11 26.97
CA ASP B 58 -39.87 2.23 27.04
C ASP B 58 -41.26 1.67 26.79
N THR B 59 -42.25 2.56 26.83
CA THR B 59 -43.61 2.16 26.49
C THR B 59 -43.67 1.76 25.02
N LEU B 60 -44.54 0.80 24.71
CA LEU B 60 -44.71 0.31 23.35
C LEU B 60 -45.90 1.01 22.71
N VAL B 61 -45.69 1.52 21.50
CA VAL B 61 -46.71 2.28 20.78
C VAL B 61 -47.29 1.40 19.69
N GLU B 62 -48.60 1.21 19.74
CA GLU B 62 -49.30 0.31 18.82
C GLU B 62 -50.14 1.13 17.84
N GLY B 63 -50.15 0.71 16.59
CA GLY B 63 -50.93 1.38 15.56
C GLY B 63 -50.98 0.64 14.25
N PHE B 64 -51.19 1.36 13.15
CA PHE B 64 -51.36 0.77 11.83
C PHE B 64 -50.51 1.51 10.81
N VAL B 65 -49.94 0.76 9.87
CA VAL B 65 -49.37 1.31 8.66
C VAL B 65 -50.20 0.75 7.52
N GLY B 66 -51.05 1.59 6.93
CA GLY B 66 -52.07 1.07 6.04
C GLY B 66 -53.01 0.17 6.84
N ASP B 67 -53.16 -1.08 6.38
CA ASP B 67 -53.98 -2.06 7.07
C ASP B 67 -53.16 -2.97 7.97
N VAL B 68 -51.85 -2.77 8.07
CA VAL B 68 -50.96 -3.68 8.77
C VAL B 68 -50.74 -3.16 10.18
N ALA B 69 -51.08 -3.99 11.18
CA ALA B 69 -50.81 -3.64 12.57
C ALA B 69 -49.32 -3.57 12.82
N CYS B 70 -48.91 -2.62 13.65
CA CYS B 70 -47.49 -2.34 13.86
C CYS B 70 -47.28 -1.88 15.30
N VAL B 71 -46.13 -2.25 15.86
CA VAL B 71 -45.74 -1.89 17.23
C VAL B 71 -44.30 -1.42 17.19
N VAL B 72 -43.99 -0.31 17.85
CA VAL B 72 -42.66 0.27 17.81
C VAL B 72 -42.20 0.62 19.22
N LEU B 73 -40.90 0.44 19.48
CA LEU B 73 -40.27 0.86 20.73
C LEU B 73 -38.85 1.32 20.45
N PRO B 74 -38.36 2.33 21.16
CA PRO B 74 -36.97 2.75 20.98
C PRO B 74 -36.03 1.89 21.83
N ARG B 75 -34.98 1.36 21.19
CA ARG B 75 -34.08 0.43 21.87
C ARG B 75 -33.45 1.05 23.10
N HIS B 76 -33.06 2.33 23.02
CA HIS B 76 -32.38 3.00 24.11
C HIS B 76 -33.33 3.84 24.96
N GLY B 77 -34.63 3.75 24.70
CA GLY B 77 -35.61 4.53 25.42
C GLY B 77 -35.57 6.00 25.03
N LYS B 78 -36.60 6.72 25.46
CA LYS B 78 -36.64 8.16 25.24
C LYS B 78 -35.48 8.82 25.96
N GLY B 79 -34.86 9.79 25.29
CA GLY B 79 -33.68 10.44 25.82
C GLY B 79 -32.38 9.68 25.64
N HIS B 80 -32.43 8.44 25.16
CA HIS B 80 -31.23 7.64 24.88
C HIS B 80 -30.36 7.49 26.14
N LEU B 81 -30.99 7.05 27.24
CA LEU B 81 -30.28 6.93 28.51
C LEU B 81 -29.69 5.54 28.75
N ILE B 82 -30.06 4.54 27.94
CA ILE B 82 -29.68 3.15 28.19
C ILE B 82 -28.56 2.78 27.24
N PRO B 83 -27.36 2.42 27.73
CA PRO B 83 -26.27 2.05 26.83
C PRO B 83 -26.48 0.65 26.26
N PRO B 84 -25.78 0.30 25.18
CA PRO B 84 -26.02 -1.00 24.52
C PRO B 84 -25.91 -2.21 25.43
N SER B 85 -24.97 -2.21 26.38
CA SER B 85 -24.78 -3.38 27.25
C SER B 85 -25.91 -3.54 28.26
N GLU B 86 -26.67 -2.49 28.53
CA GLU B 86 -27.70 -2.52 29.58
C GLU B 86 -29.11 -2.56 29.03
N VAL B 87 -29.28 -2.58 27.70
CA VAL B 87 -30.60 -2.76 27.12
C VAL B 87 -31.15 -4.12 27.52
N ASN B 88 -32.42 -4.14 27.93
CA ASN B 88 -33.09 -5.40 28.26
C ASN B 88 -33.66 -6.00 26.97
N TYR B 89 -32.78 -6.71 26.25
CA TYR B 89 -33.15 -7.29 24.97
C TYR B 89 -34.26 -8.32 25.13
N ARG B 90 -34.20 -9.12 26.20
CA ARG B 90 -35.24 -10.12 26.44
C ARG B 90 -36.61 -9.46 26.62
N ALA B 91 -36.68 -8.41 27.43
CA ALA B 91 -37.97 -7.76 27.68
C ALA B 91 -38.51 -7.11 26.42
N ASN B 92 -37.63 -6.52 25.61
CA ASN B 92 -38.08 -5.87 24.38
C ASN B 92 -38.66 -6.89 23.40
N VAL B 93 -37.93 -7.98 23.15
CA VAL B 93 -38.40 -9.00 22.22
C VAL B 93 -39.64 -9.70 22.77
N TRP B 94 -39.62 -10.05 24.06
CA TRP B 94 -40.76 -10.73 24.66
C TRP B 94 -42.01 -9.86 24.63
N ALA B 95 -41.86 -8.56 24.90
CA ALA B 95 -43.02 -7.66 24.88
C ALA B 95 -43.62 -7.58 23.48
N LEU B 96 -42.79 -7.50 22.45
CA LEU B 96 -43.30 -7.47 21.09
C LEU B 96 -44.01 -8.78 20.75
N LYS B 97 -43.43 -9.91 21.13
CA LYS B 97 -44.09 -11.20 20.93
C LYS B 97 -45.41 -11.27 21.68
N ASP B 98 -45.44 -10.73 22.91
CA ASP B 98 -46.64 -10.79 23.73
C ASP B 98 -47.79 -10.00 23.12
N LEU B 99 -47.48 -8.92 22.40
CA LEU B 99 -48.49 -8.12 21.73
C LEU B 99 -48.89 -8.68 20.38
N GLY B 100 -48.39 -9.85 20.00
CA GLY B 100 -48.82 -10.53 18.80
C GLY B 100 -47.96 -10.31 17.58
N CYS B 101 -46.79 -9.69 17.72
CA CYS B 101 -45.93 -9.48 16.56
C CYS B 101 -45.49 -10.81 15.97
N THR B 102 -45.44 -10.86 14.64
CA THR B 102 -44.88 -11.99 13.91
C THR B 102 -43.51 -11.67 13.32
N HIS B 103 -43.19 -10.40 13.13
CA HIS B 103 -41.94 -9.94 12.56
C HIS B 103 -41.35 -8.85 13.44
N ILE B 104 -40.03 -8.68 13.35
CA ILE B 104 -39.33 -7.55 13.95
C ILE B 104 -38.39 -6.95 12.91
N LEU B 105 -38.56 -5.67 12.60
CA LEU B 105 -37.60 -4.89 11.84
C LEU B 105 -36.84 -3.99 12.81
N ALA B 106 -35.52 -3.95 12.68
CA ALA B 106 -34.69 -3.18 13.59
C ALA B 106 -33.67 -2.37 12.80
N THR B 107 -33.30 -1.21 13.36
CA THR B 107 -32.26 -0.36 12.80
C THR B 107 -31.05 -0.34 13.73
N THR B 108 -29.91 0.02 13.17
CA THR B 108 -28.70 0.18 13.98
C THR B 108 -27.74 1.12 13.26
N ALA B 109 -27.12 2.01 14.03
CA ALA B 109 -26.09 2.91 13.51
C ALA B 109 -24.73 2.27 13.72
N CYS B 110 -23.91 2.27 12.66
CA CYS B 110 -22.69 1.48 12.66
C CYS B 110 -21.55 2.25 12.00
N GLY B 111 -20.34 1.76 12.24
CA GLY B 111 -19.15 2.27 11.58
C GLY B 111 -18.66 1.28 10.54
N SER B 112 -17.98 1.79 9.52
CA SER B 112 -17.52 0.97 8.43
C SER B 112 -16.14 0.37 8.72
N LEU B 113 -15.92 -0.83 8.21
CA LEU B 113 -14.62 -1.48 8.28
C LEU B 113 -14.06 -1.80 6.90
N GLN B 114 -14.76 -1.48 5.83
CA GLN B 114 -14.31 -1.81 4.49
C GLN B 114 -14.50 -0.61 3.57
N GLU B 115 -13.73 -0.61 2.48
CA GLU B 115 -13.65 0.56 1.61
C GLU B 115 -14.99 0.89 0.96
N ASP B 116 -15.71 -0.14 0.49
CA ASP B 116 -16.94 0.08 -0.26
C ASP B 116 -18.14 0.41 0.63
N LEU B 117 -17.99 0.40 1.94
CA LEU B 117 -19.05 0.79 2.85
C LEU B 117 -18.74 2.21 3.33
N VAL B 118 -19.51 3.17 2.81
CA VAL B 118 -19.21 4.59 2.98
C VAL B 118 -20.30 5.22 3.83
N PRO B 119 -19.97 6.16 4.72
CA PRO B 119 -21.01 6.86 5.49
C PRO B 119 -22.11 7.38 4.60
N GLY B 120 -23.35 7.07 4.98
CA GLY B 120 -24.51 7.35 4.16
C GLY B 120 -25.10 6.11 3.49
N ASP B 121 -24.33 5.03 3.40
CA ASP B 121 -24.85 3.78 2.91
C ASP B 121 -25.71 3.10 3.98
N PHE B 122 -26.47 2.11 3.55
CA PHE B 122 -27.19 1.21 4.44
C PHE B 122 -26.77 -0.22 4.14
N VAL B 123 -26.95 -1.10 5.12
CA VAL B 123 -26.62 -2.51 4.96
C VAL B 123 -27.76 -3.36 5.50
N VAL B 124 -28.29 -4.23 4.66
CA VAL B 124 -29.24 -5.26 5.09
C VAL B 124 -28.38 -6.46 5.51
N LEU B 125 -28.12 -6.57 6.80
CA LEU B 125 -27.15 -7.54 7.31
C LEU B 125 -27.63 -8.97 7.08
N ASN B 126 -26.68 -9.88 6.88
CA ASN B 126 -26.99 -11.30 6.82
C ASN B 126 -26.06 -12.16 7.67
N GLN B 127 -25.03 -11.59 8.29
CA GLN B 127 -24.09 -12.36 9.10
C GLN B 127 -23.59 -11.49 10.25
N PHE B 128 -23.04 -12.14 11.27
CA PHE B 128 -22.42 -11.39 12.34
C PHE B 128 -21.37 -12.23 13.06
N MET B 129 -20.47 -11.53 13.75
CA MET B 129 -19.55 -12.12 14.71
C MET B 129 -19.79 -11.46 16.06
N ASP B 130 -19.99 -12.27 17.08
CA ASP B 130 -20.43 -11.81 18.39
C ASP B 130 -19.22 -11.62 19.31
N LYS B 131 -19.01 -10.37 19.74
CA LYS B 131 -17.99 -10.06 20.74
C LYS B 131 -18.62 -9.39 21.96
N THR B 132 -19.90 -9.66 22.21
CA THR B 132 -20.56 -9.16 23.41
C THR B 132 -20.42 -10.14 24.57
N TRP B 133 -20.62 -9.63 25.78
CA TRP B 133 -20.56 -10.45 26.99
C TRP B 133 -21.42 -9.78 28.04
N GLY B 134 -21.81 -10.58 29.04
CA GLY B 134 -22.52 -10.04 30.18
C GLY B 134 -23.96 -9.64 29.94
N ARG B 135 -24.50 -9.97 28.77
CA ARG B 135 -25.89 -9.67 28.44
C ARG B 135 -26.71 -10.94 28.52
N GLU B 136 -27.93 -10.83 29.03
CA GLU B 136 -28.85 -11.96 29.01
C GLU B 136 -29.23 -12.27 27.57
N ASN B 137 -28.83 -13.45 27.07
CA ASN B 137 -28.95 -13.75 25.66
C ASN B 137 -29.87 -14.92 25.34
N THR B 138 -30.60 -15.45 26.33
CA THR B 138 -31.53 -16.54 26.06
C THR B 138 -32.71 -16.46 27.03
N PHE B 139 -33.87 -16.91 26.55
CA PHE B 139 -35.07 -17.01 27.38
C PHE B 139 -35.08 -18.27 28.24
N TYR B 140 -34.27 -19.28 27.90
CA TYR B 140 -34.37 -20.61 28.49
C TYR B 140 -33.18 -20.89 29.40
N GLY B 141 -33.42 -21.70 30.42
CA GLY B 141 -32.35 -22.08 31.33
C GLY B 141 -32.89 -22.85 32.51
N SER B 142 -32.03 -22.98 33.52
CA SER B 142 -32.34 -23.74 34.73
C SER B 142 -32.56 -22.84 35.94
N LYS B 143 -32.52 -21.52 35.76
CA LYS B 143 -32.70 -20.60 36.87
C LYS B 143 -34.15 -20.18 36.98
N PRO B 144 -34.57 -19.69 38.16
CA PRO B 144 -36.01 -19.40 38.36
C PRO B 144 -36.55 -18.30 37.47
N ASP B 145 -35.70 -17.46 36.88
CA ASP B 145 -36.16 -16.33 36.08
C ASP B 145 -36.23 -16.63 34.60
N SER B 146 -36.02 -17.88 34.20
CA SER B 146 -36.03 -18.26 32.79
C SER B 146 -37.11 -19.29 32.52
N LEU B 147 -37.42 -19.47 31.24
CA LEU B 147 -38.29 -20.55 30.82
C LEU B 147 -37.59 -21.89 31.00
N LYS B 148 -38.34 -22.89 31.44
CA LYS B 148 -37.76 -24.20 31.67
C LYS B 148 -37.38 -24.86 30.34
N GLY B 149 -36.16 -25.38 30.28
CA GLY B 149 -35.68 -26.07 29.10
C GLY B 149 -34.30 -25.61 28.69
N VAL B 150 -33.72 -26.34 27.74
CA VAL B 150 -32.42 -26.05 27.16
C VAL B 150 -32.60 -25.91 25.66
N LEU B 151 -32.33 -24.71 25.14
CA LEU B 151 -32.61 -24.37 23.74
C LEU B 151 -31.30 -24.08 23.02
N HIS B 152 -31.00 -24.85 21.98
CA HIS B 152 -29.78 -24.70 21.18
C HIS B 152 -30.20 -24.36 19.75
N MET B 153 -30.35 -23.07 19.47
CA MET B 153 -30.92 -22.64 18.18
C MET B 153 -29.85 -22.63 17.09
N PRO B 154 -30.12 -23.18 15.92
CA PRO B 154 -29.23 -22.95 14.77
C PRO B 154 -29.19 -21.47 14.42
N MET B 155 -28.00 -21.02 14.02
CA MET B 155 -27.81 -19.60 13.72
C MET B 155 -26.89 -19.39 12.52
N ALA B 156 -26.66 -20.41 11.70
CA ALA B 156 -25.71 -20.31 10.59
C ALA B 156 -26.04 -19.12 9.68
N GLU B 157 -27.30 -18.99 9.29
CA GLU B 157 -27.80 -17.79 8.64
C GLU B 157 -28.82 -17.18 9.60
N PRO B 158 -28.42 -16.20 10.41
CA PRO B 158 -29.20 -15.88 11.62
C PRO B 158 -30.40 -14.98 11.41
N PHE B 159 -30.64 -14.47 10.20
CA PHE B 159 -31.79 -13.62 9.93
C PHE B 159 -32.86 -14.40 9.18
N CYS B 160 -34.06 -13.80 9.12
CA CYS B 160 -35.12 -14.32 8.27
C CYS B 160 -34.87 -13.85 6.84
N GLU B 161 -34.60 -14.79 5.93
CA GLU B 161 -34.19 -14.41 4.59
C GLU B 161 -35.33 -13.74 3.82
N ARG B 162 -36.56 -14.22 3.98
CA ARG B 162 -37.70 -13.55 3.36
C ARG B 162 -37.78 -12.09 3.79
N THR B 163 -37.64 -11.84 5.09
CA THR B 163 -37.76 -10.47 5.59
C THR B 163 -36.56 -9.63 5.18
N ARG B 164 -35.37 -10.22 5.08
CA ARG B 164 -34.22 -9.50 4.50
C ARG B 164 -34.54 -9.00 3.10
N GLN B 165 -35.09 -9.87 2.25
CA GLN B 165 -35.38 -9.47 0.88
C GLN B 165 -36.49 -8.44 0.82
N ILE B 166 -37.39 -8.43 1.81
CA ILE B 166 -38.41 -7.39 1.88
C ILE B 166 -37.76 -6.02 2.04
N LEU B 167 -36.80 -5.91 2.96
CA LEU B 167 -36.10 -4.65 3.17
C LEU B 167 -35.38 -4.20 1.90
N ILE B 168 -34.78 -5.14 1.18
CA ILE B 168 -34.06 -4.80 -0.04
C ILE B 168 -35.03 -4.34 -1.13
N GLN B 169 -36.16 -5.05 -1.27
CA GLN B 169 -37.17 -4.62 -2.24
C GLN B 169 -37.77 -3.27 -1.86
N ALA B 170 -37.94 -3.03 -0.55
CA ALA B 170 -38.46 -1.73 -0.12
C ALA B 170 -37.53 -0.59 -0.53
N ALA B 171 -36.21 -0.82 -0.45
CA ALA B 171 -35.27 0.20 -0.89
C ALA B 171 -35.37 0.44 -2.40
N ARG B 172 -35.49 -0.63 -3.18
CA ARG B 172 -35.69 -0.46 -4.63
C ARG B 172 -36.97 0.29 -4.91
N ASN B 173 -38.03 0.03 -4.13
CA ASN B 173 -39.30 0.70 -4.37
C ASN B 173 -39.25 2.18 -4.04
N LYS B 174 -38.39 2.58 -3.10
CA LYS B 174 -38.19 3.97 -2.77
C LYS B 174 -37.04 4.60 -3.54
N SER B 175 -36.60 3.97 -4.63
CA SER B 175 -35.62 4.54 -5.55
C SER B 175 -34.29 4.85 -4.87
N ILE B 176 -33.85 3.93 -4.01
CA ILE B 176 -32.52 3.99 -3.40
C ILE B 176 -31.66 2.94 -4.07
N ASN B 177 -30.44 3.32 -4.46
CA ASN B 177 -29.55 2.39 -5.14
C ASN B 177 -29.30 1.16 -4.28
N VAL B 178 -29.27 0.00 -4.92
CA VAL B 178 -28.99 -1.27 -4.25
C VAL B 178 -27.76 -1.89 -4.90
N TYR B 179 -26.76 -2.20 -4.08
CA TYR B 179 -25.53 -2.82 -4.55
C TYR B 179 -25.44 -4.23 -3.99
N ASP B 180 -25.35 -5.21 -4.88
CA ASP B 180 -25.26 -6.62 -4.50
C ASP B 180 -23.94 -7.16 -5.02
N LYS B 181 -22.99 -7.37 -4.11
CA LYS B 181 -21.66 -7.83 -4.50
C LYS B 181 -21.68 -9.24 -5.09
N LYS B 182 -22.72 -10.02 -4.81
CA LYS B 182 -22.82 -11.35 -5.38
C LYS B 182 -22.98 -11.31 -6.89
N THR B 183 -23.59 -10.24 -7.42
CA THR B 183 -23.95 -10.18 -8.84
C THR B 183 -23.48 -8.92 -9.55
N MET B 184 -23.02 -7.90 -8.84
CA MET B 184 -22.62 -6.64 -9.45
C MET B 184 -21.15 -6.37 -9.18
N ASP B 185 -20.49 -5.72 -10.14
CA ASP B 185 -19.11 -5.32 -9.95
C ASP B 185 -19.02 -4.09 -9.06
N LYS B 186 -17.82 -3.84 -8.55
CA LYS B 186 -17.59 -2.65 -7.72
C LYS B 186 -17.90 -1.37 -8.47
N SER B 187 -17.88 -1.40 -9.81
CA SER B 187 -18.26 -0.23 -10.58
C SER B 187 -19.71 0.15 -10.37
N ALA B 188 -20.56 -0.82 -10.06
CA ALA B 188 -21.97 -0.56 -9.78
C ALA B 188 -22.21 0.02 -8.40
N CYS B 189 -21.19 0.03 -7.53
CA CYS B 189 -21.35 0.57 -6.19
C CYS B 189 -21.48 2.09 -6.24
N ILE B 190 -22.72 2.58 -6.32
CA ILE B 190 -23.00 4.00 -6.46
C ILE B 190 -23.57 4.51 -5.14
N HIS B 191 -22.85 5.43 -4.51
CA HIS B 191 -23.23 5.94 -3.19
C HIS B 191 -24.15 7.15 -3.28
N PRO B 192 -25.11 7.25 -2.35
CA PRO B 192 -25.38 6.28 -1.28
C PRO B 192 -26.16 5.07 -1.76
N CYS B 193 -25.86 3.89 -1.23
CA CYS B 193 -26.51 2.67 -1.66
C CYS B 193 -26.85 1.79 -0.47
N VAL B 194 -27.77 0.87 -0.69
CA VAL B 194 -28.10 -0.18 0.25
C VAL B 194 -27.33 -1.43 -0.14
N HIS B 195 -26.48 -1.92 0.75
CA HIS B 195 -25.73 -3.13 0.49
C HIS B 195 -26.63 -4.34 0.75
N ALA B 196 -26.77 -5.19 -0.27
CA ALA B 196 -27.72 -6.30 -0.20
C ALA B 196 -27.27 -7.42 0.73
N GLU B 197 -26.03 -7.37 1.22
CA GLU B 197 -25.57 -8.33 2.22
C GLU B 197 -24.45 -7.67 3.02
N GLY B 198 -24.11 -8.28 4.14
CA GLY B 198 -23.08 -7.73 4.99
C GLY B 198 -22.97 -8.39 6.35
N SER B 199 -21.78 -8.34 6.93
CA SER B 199 -21.52 -8.94 8.23
C SER B 199 -21.14 -7.85 9.23
N ALA B 200 -21.64 -7.97 10.45
CA ALA B 200 -21.36 -7.03 11.52
C ALA B 200 -20.58 -7.73 12.63
N VAL B 201 -19.58 -7.04 13.17
CA VAL B 201 -19.00 -7.42 14.45
C VAL B 201 -19.69 -6.58 15.52
N THR B 202 -20.29 -7.25 16.50
CA THR B 202 -20.98 -6.54 17.58
C THR B 202 -20.09 -6.56 18.80
N ILE B 203 -19.54 -5.40 19.15
CA ILE B 203 -18.71 -5.26 20.33
C ILE B 203 -19.59 -4.84 21.50
N ASN B 204 -19.08 -5.04 22.72
CA ASN B 204 -19.92 -4.83 23.89
C ASN B 204 -20.08 -3.35 24.23
N GLY B 205 -19.13 -2.52 23.84
CA GLY B 205 -19.15 -1.12 24.20
C GLY B 205 -18.85 -0.93 25.68
N PRO B 206 -19.02 0.31 26.17
CA PRO B 206 -19.48 1.47 25.40
C PRO B 206 -18.38 2.12 24.57
N ARG B 207 -17.12 1.77 24.83
CA ARG B 207 -16.02 2.37 24.11
C ARG B 207 -15.98 1.87 22.67
N PHE B 208 -15.40 2.67 21.78
CA PHE B 208 -15.13 2.22 20.44
C PHE B 208 -13.85 1.37 20.42
N SER B 209 -13.57 0.76 19.27
CA SER B 209 -12.44 -0.14 19.14
C SER B 209 -11.12 0.62 19.03
N THR B 210 -10.04 -0.03 19.46
CA THR B 210 -8.72 0.46 19.13
C THR B 210 -8.42 0.23 17.66
N ARG B 211 -7.37 0.88 17.17
CA ARG B 211 -6.90 0.61 15.81
C ARG B 211 -6.50 -0.85 15.67
N CYS B 212 -5.85 -1.41 16.70
CA CYS B 212 -5.46 -2.82 16.68
C CYS B 212 -6.69 -3.72 16.51
N GLU B 213 -7.75 -3.46 17.27
CA GLU B 213 -8.95 -4.28 17.16
C GLU B 213 -9.63 -4.10 15.82
N SER B 214 -9.74 -2.86 15.34
CA SER B 214 -10.37 -2.61 14.04
C SER B 214 -9.59 -3.27 12.91
N PHE B 215 -8.26 -3.24 12.98
CA PHE B 215 -7.44 -3.88 11.96
C PHE B 215 -7.72 -5.38 11.90
N ILE B 216 -7.86 -6.03 13.06
CA ILE B 216 -8.08 -7.46 13.09
C ILE B 216 -9.48 -7.82 12.59
N HIS B 217 -10.48 -7.03 12.99
CA HIS B 217 -11.84 -7.24 12.49
C HIS B 217 -11.88 -7.07 10.98
N LYS B 218 -11.17 -6.07 10.44
CA LYS B 218 -11.11 -5.88 9.01
C LYS B 218 -10.43 -7.06 8.32
N ALA B 219 -9.35 -7.58 8.92
CA ALA B 219 -8.65 -8.72 8.34
C ALA B 219 -9.52 -9.97 8.32
N MET B 220 -10.45 -10.08 9.26
CA MET B 220 -11.41 -11.18 9.29
C MET B 220 -12.53 -11.02 8.26
N GLY B 221 -12.57 -9.92 7.53
CA GLY B 221 -13.56 -9.74 6.49
C GLY B 221 -14.89 -9.19 6.93
N LEU B 222 -14.97 -8.63 8.14
CA LEU B 222 -16.21 -8.04 8.61
C LEU B 222 -16.43 -6.68 7.98
N ASP B 223 -17.70 -6.34 7.76
CA ASP B 223 -18.06 -5.14 6.99
C ASP B 223 -18.29 -3.92 7.88
N ILE B 224 -19.01 -4.09 9.00
CA ILE B 224 -19.36 -2.98 9.87
C ILE B 224 -19.19 -3.40 11.32
N VAL B 225 -19.15 -2.41 12.20
CA VAL B 225 -19.08 -2.62 13.65
C VAL B 225 -20.24 -1.89 14.30
N ASN B 226 -20.90 -2.55 15.25
CA ASN B 226 -21.96 -1.91 16.03
C ASN B 226 -21.93 -2.52 17.43
N MET B 227 -22.96 -2.18 18.23
CA MET B 227 -22.99 -2.62 19.62
C MET B 227 -24.32 -3.24 20.06
N THR B 228 -25.32 -3.34 19.18
CA THR B 228 -26.66 -3.68 19.63
C THR B 228 -27.33 -4.87 18.92
N LEU B 229 -26.69 -5.45 17.90
CA LEU B 229 -27.35 -6.49 17.13
C LEU B 229 -27.54 -7.77 17.94
N VAL B 230 -26.56 -8.12 18.76
CA VAL B 230 -26.59 -9.33 19.58
C VAL B 230 -26.81 -8.91 21.02
N PRO B 231 -27.72 -9.58 21.75
CA PRO B 231 -28.47 -10.79 21.42
C PRO B 231 -29.87 -10.56 20.86
N GLU B 232 -30.14 -9.35 20.35
CA GLU B 232 -31.47 -9.05 19.82
C GLU B 232 -31.87 -10.03 18.72
N VAL B 233 -30.96 -10.26 17.77
CA VAL B 233 -31.28 -11.16 16.65
C VAL B 233 -31.48 -12.59 17.16
N SER B 234 -30.69 -13.00 18.16
CA SER B 234 -30.81 -14.37 18.68
C SER B 234 -32.14 -14.57 19.40
N LEU B 235 -32.51 -13.61 20.25
CA LEU B 235 -33.75 -13.74 21.03
C LEU B 235 -34.98 -13.68 20.14
N ALA B 236 -34.92 -12.92 19.05
CA ALA B 236 -36.03 -12.90 18.12
C ALA B 236 -36.30 -14.28 17.55
N ARG B 237 -35.24 -15.00 17.15
CA ARG B 237 -35.42 -16.35 16.62
C ARG B 237 -35.87 -17.31 17.72
N GLU B 238 -35.37 -17.15 18.94
CA GLU B 238 -35.86 -17.95 20.06
C GLU B 238 -37.36 -17.76 20.28
N ALA B 239 -37.87 -16.56 20.01
CA ALA B 239 -39.29 -16.25 20.21
C ALA B 239 -40.16 -16.63 19.01
N GLY B 240 -39.57 -17.26 17.99
CA GLY B 240 -40.35 -17.65 16.82
C GLY B 240 -40.72 -16.50 15.92
N LEU B 241 -39.94 -15.42 15.93
CA LEU B 241 -40.23 -14.23 15.13
C LEU B 241 -39.27 -14.12 13.96
N SER B 242 -39.74 -13.50 12.88
CA SER B 242 -38.91 -13.20 11.72
C SER B 242 -38.23 -11.85 11.92
N TYR B 243 -36.90 -11.85 11.97
CA TYR B 243 -36.12 -10.66 12.30
C TYR B 243 -35.21 -10.28 11.14
N ALA B 244 -35.17 -8.99 10.82
CA ALA B 244 -34.22 -8.44 9.86
C ALA B 244 -33.77 -7.06 10.34
N SER B 245 -32.51 -6.74 10.07
CA SER B 245 -31.91 -5.49 10.51
C SER B 245 -31.44 -4.68 9.31
N ILE B 246 -31.59 -3.36 9.40
CA ILE B 246 -31.01 -2.44 8.43
C ILE B 246 -30.04 -1.52 9.16
N ALA B 247 -28.77 -1.56 8.77
CA ALA B 247 -27.74 -0.78 9.43
C ALA B 247 -27.53 0.53 8.70
N ILE B 248 -27.33 1.60 9.45
CA ILE B 248 -27.00 2.91 8.90
C ILE B 248 -25.50 3.14 9.11
N VAL B 249 -24.76 3.25 8.02
CA VAL B 249 -23.33 3.56 8.10
C VAL B 249 -23.16 5.05 8.37
N THR B 250 -22.47 5.38 9.45
CA THR B 250 -22.18 6.78 9.77
C THR B 250 -20.68 6.89 10.03
N ASP B 251 -20.27 7.97 10.69
CA ASP B 251 -18.84 8.28 10.86
C ASP B 251 -18.59 8.66 12.32
N PHE B 252 -17.84 7.84 13.03
CA PHE B 252 -17.49 8.09 14.42
C PHE B 252 -16.08 8.62 14.59
N ASP B 253 -15.32 8.81 13.51
CA ASP B 253 -13.92 9.17 13.57
C ASP B 253 -13.67 10.65 13.32
N CYS B 254 -14.60 11.50 13.77
CA CYS B 254 -14.48 12.94 13.61
C CYS B 254 -13.30 13.53 14.37
N TRP B 255 -12.72 12.78 15.31
CA TRP B 255 -11.56 13.29 16.05
C TRP B 255 -10.34 13.43 15.15
N LYS B 256 -10.26 12.64 14.07
CA LYS B 256 -9.15 12.74 13.13
C LYS B 256 -9.16 14.05 12.35
N SER B 257 -10.24 14.83 12.42
CA SER B 257 -10.40 16.01 11.58
C SER B 257 -9.65 17.20 12.16
N GLU B 258 -9.30 18.13 11.28
CA GLU B 258 -8.66 19.37 11.71
C GLU B 258 -9.62 20.21 12.54
N GLU B 259 -10.83 20.42 12.03
CA GLU B 259 -11.88 21.16 12.73
C GLU B 259 -13.00 20.18 13.04
N GLU B 260 -12.86 19.46 14.16
CA GLU B 260 -13.86 18.47 14.55
C GLU B 260 -15.25 19.07 14.70
N HIS B 261 -15.35 20.37 14.95
CA HIS B 261 -16.66 21.00 15.03
C HIS B 261 -17.38 21.00 13.68
N VAL B 262 -16.63 21.08 12.58
CA VAL B 262 -17.24 21.15 11.26
C VAL B 262 -17.68 19.78 10.78
N CYS B 263 -16.82 18.77 10.92
CA CYS B 263 -17.15 17.43 10.48
C CYS B 263 -18.37 16.89 11.22
N VAL B 264 -18.45 17.15 12.53
CA VAL B 264 -19.56 16.63 13.34
C VAL B 264 -20.90 17.11 12.79
N ASP B 265 -20.98 18.40 12.46
CA ASP B 265 -22.22 18.93 11.89
C ASP B 265 -22.51 18.31 10.53
N MET B 266 -21.46 18.06 9.74
CA MET B 266 -21.66 17.40 8.45
C MET B 266 -22.09 15.95 8.62
N VAL B 267 -21.49 15.25 9.59
CA VAL B 267 -21.86 13.85 9.81
C VAL B 267 -23.29 13.75 10.34
N LEU B 268 -23.66 14.64 11.27
CA LEU B 268 -25.02 14.60 11.82
C LEU B 268 -26.06 14.97 10.77
N GLU B 269 -25.73 15.89 9.86
CA GLU B 269 -26.66 16.22 8.77
C GLU B 269 -26.83 15.04 7.83
N GLN B 270 -25.75 14.32 7.53
CA GLN B 270 -25.86 13.11 6.71
C GLN B 270 -26.65 12.04 7.45
N PHE B 271 -26.44 11.92 8.76
CA PHE B 271 -27.20 10.94 9.54
C PHE B 271 -28.68 11.26 9.56
N ARG B 272 -29.01 12.55 9.62
CA ARG B 272 -30.42 12.97 9.59
C ARG B 272 -31.08 12.56 8.28
N LYS B 273 -30.40 12.77 7.16
CA LYS B 273 -30.91 12.30 5.87
C LYS B 273 -31.04 10.78 5.86
N SER B 274 -30.11 10.09 6.51
CA SER B 274 -30.15 8.63 6.52
C SER B 274 -31.39 8.12 7.24
N VAL B 275 -31.74 8.72 8.38
CA VAL B 275 -32.90 8.23 9.13
C VAL B 275 -34.18 8.54 8.37
N VAL B 276 -34.21 9.61 7.58
CA VAL B 276 -35.38 9.89 6.75
C VAL B 276 -35.58 8.76 5.74
N HIS B 277 -34.51 8.33 5.09
CA HIS B 277 -34.64 7.26 4.09
C HIS B 277 -34.92 5.91 4.75
N VAL B 278 -34.37 5.67 5.95
CA VAL B 278 -34.65 4.42 6.64
C VAL B 278 -36.11 4.38 7.09
N ARG B 279 -36.66 5.52 7.53
CA ARG B 279 -38.09 5.58 7.84
C ARG B 279 -38.93 5.19 6.63
N GLU B 280 -38.60 5.72 5.46
CA GLU B 280 -39.33 5.37 4.24
C GLU B 280 -39.18 3.89 3.93
N ILE B 281 -37.98 3.32 4.14
CA ILE B 281 -37.79 1.90 3.89
C ILE B 281 -38.62 1.07 4.85
N LEU B 282 -38.62 1.44 6.14
CA LEU B 282 -39.38 0.69 7.14
C LEU B 282 -40.87 0.70 6.82
N LEU B 283 -41.42 1.87 6.46
CA LEU B 283 -42.86 1.94 6.19
C LEU B 283 -43.22 1.14 4.95
N GLU B 284 -42.38 1.19 3.91
CA GLU B 284 -42.63 0.41 2.71
C GLU B 284 -42.46 -1.08 2.98
N ALA B 285 -41.50 -1.44 3.84
CA ALA B 285 -41.30 -2.84 4.19
C ALA B 285 -42.50 -3.40 4.95
N VAL B 286 -43.09 -2.60 5.84
CA VAL B 286 -44.29 -3.03 6.55
C VAL B 286 -45.41 -3.34 5.57
N ALA B 287 -45.60 -2.47 4.57
CA ALA B 287 -46.65 -2.71 3.58
C ALA B 287 -46.36 -3.94 2.74
N LEU B 288 -45.08 -4.17 2.41
CA LEU B 288 -44.73 -5.33 1.61
C LEU B 288 -44.92 -6.63 2.39
N ILE B 289 -44.64 -6.61 3.69
CA ILE B 289 -44.88 -7.78 4.53
C ILE B 289 -46.37 -8.12 4.55
N GLY B 290 -47.21 -7.09 4.67
CA GLY B 290 -48.65 -7.30 4.74
C GLY B 290 -49.29 -7.73 3.43
N ALA B 291 -48.57 -7.63 2.31
CA ALA B 291 -49.11 -8.00 1.03
C ALA B 291 -48.91 -9.47 0.68
N GLU B 292 -48.30 -10.27 1.57
CA GLU B 292 -47.99 -11.65 1.30
C GLU B 292 -48.53 -12.55 2.41
N ASP B 293 -48.64 -13.83 2.10
CA ASP B 293 -49.00 -14.85 3.08
C ASP B 293 -47.75 -15.35 3.78
N TRP B 294 -47.80 -15.46 5.10
CA TRP B 294 -46.67 -15.90 5.90
C TRP B 294 -46.97 -17.15 6.71
N THR B 295 -48.07 -17.85 6.40
CA THR B 295 -48.50 -18.98 7.23
C THR B 295 -47.39 -20.02 7.38
N LYS B 296 -46.78 -20.43 6.27
CA LYS B 296 -45.76 -21.47 6.33
C LYS B 296 -44.50 -20.98 7.02
N THR B 297 -44.14 -19.71 6.81
CA THR B 297 -42.93 -19.18 7.44
C THR B 297 -43.11 -19.05 8.95
N ILE B 298 -44.26 -18.53 9.39
CA ILE B 298 -44.54 -18.45 10.82
C ILE B 298 -44.52 -19.84 11.44
N GLU B 299 -45.20 -20.80 10.79
CA GLU B 299 -45.20 -22.19 11.26
C GLU B 299 -43.78 -22.73 11.38
N ALA B 300 -42.92 -22.42 10.41
CA ALA B 300 -41.54 -22.91 10.46
C ALA B 300 -40.75 -22.24 11.57
N ASN B 301 -40.99 -20.94 11.80
CA ASN B 301 -40.33 -20.26 12.91
C ASN B 301 -40.64 -20.95 14.24
N LYS B 302 -41.91 -21.27 14.45
CA LYS B 302 -42.30 -21.92 15.70
C LYS B 302 -41.73 -23.34 15.80
N ALA B 303 -41.77 -24.09 14.70
CA ALA B 303 -41.28 -25.46 14.71
C ALA B 303 -39.78 -25.52 14.97
N LEU B 304 -39.03 -24.53 14.50
CA LEU B 304 -37.59 -24.50 14.74
C LEU B 304 -37.27 -24.34 16.22
N VAL B 305 -38.12 -23.61 16.95
CA VAL B 305 -37.92 -23.48 18.40
C VAL B 305 -38.14 -24.81 19.10
N MET B 306 -39.21 -25.52 18.73
CA MET B 306 -39.51 -26.79 19.39
C MET B 306 -38.46 -27.85 19.07
N SER B 307 -37.96 -27.87 17.83
CA SER B 307 -36.97 -28.87 17.45
C SER B 307 -35.59 -28.58 18.01
N SER B 308 -35.37 -27.38 18.55
CA SER B 308 -34.09 -27.02 19.15
C SER B 308 -34.04 -27.27 20.65
N ARG B 309 -35.12 -27.80 21.23
CA ARG B 309 -35.16 -28.08 22.67
C ARG B 309 -34.42 -29.39 22.94
N GLN B 310 -33.27 -29.31 23.61
CA GLN B 310 -32.47 -30.49 23.90
C GLN B 310 -33.04 -31.30 25.04
N ASP B 311 -33.75 -30.66 25.98
CA ASP B 311 -34.31 -31.37 27.12
C ASP B 311 -35.53 -32.21 26.74
N LEU B 312 -36.15 -31.93 25.60
CA LEU B 312 -37.35 -32.65 25.17
C LEU B 312 -37.00 -33.92 24.39
N LYS C 24 -5.34 -46.65 45.36
CA LYS C 24 -4.64 -45.37 45.48
C LYS C 24 -5.20 -44.36 44.48
N VAL C 25 -5.89 -44.87 43.46
CA VAL C 25 -6.53 -44.02 42.46
C VAL C 25 -8.04 -44.18 42.58
N LYS C 26 -8.74 -43.12 42.18
CA LYS C 26 -10.19 -43.15 42.08
C LYS C 26 -10.56 -42.25 40.91
N VAL C 27 -11.33 -42.78 39.97
CA VAL C 27 -11.57 -42.12 38.69
C VAL C 27 -12.97 -41.52 38.71
N GLY C 28 -13.05 -40.20 38.59
CA GLY C 28 -14.32 -39.54 38.38
C GLY C 28 -14.63 -39.43 36.90
N ILE C 29 -15.92 -39.48 36.57
CA ILE C 29 -16.38 -39.42 35.19
C ILE C 29 -17.48 -38.39 35.10
N ILE C 30 -17.30 -37.40 34.23
CA ILE C 30 -18.31 -36.39 33.94
C ILE C 30 -18.86 -36.71 32.56
N GLY C 31 -20.12 -37.15 32.51
CA GLY C 31 -20.76 -37.51 31.26
C GLY C 31 -21.57 -36.37 30.69
N GLY C 32 -21.28 -36.05 29.43
CA GLY C 32 -21.98 -34.99 28.72
C GLY C 32 -23.24 -35.50 28.04
N SER C 33 -23.59 -34.83 26.93
CA SER C 33 -24.74 -35.26 26.14
C SER C 33 -24.60 -36.72 25.74
N GLY C 34 -25.71 -37.45 25.79
CA GLY C 34 -25.69 -38.89 25.60
C GLY C 34 -25.43 -39.69 26.85
N PHE C 35 -24.99 -39.04 27.93
CA PHE C 35 -24.70 -39.70 29.21
C PHE C 35 -25.47 -39.07 30.35
N ASP C 36 -26.66 -38.53 30.06
CA ASP C 36 -27.46 -37.89 31.12
C ASP C 36 -27.91 -38.90 32.17
N ASP C 37 -28.07 -40.17 31.77
CA ASP C 37 -28.35 -41.27 32.69
C ASP C 37 -27.22 -42.28 32.48
N PRO C 38 -26.05 -42.03 33.09
CA PRO C 38 -24.80 -42.73 32.69
C PRO C 38 -24.91 -44.24 32.64
N ASN C 39 -25.10 -44.88 33.79
CA ASN C 39 -25.22 -46.34 33.88
C ASN C 39 -24.00 -47.03 33.28
N LEU C 40 -22.84 -46.77 33.89
CA LEU C 40 -21.58 -47.38 33.47
C LEU C 40 -21.24 -48.64 34.26
N PHE C 41 -21.79 -48.79 35.45
CA PHE C 41 -21.47 -49.91 36.32
C PHE C 41 -22.63 -50.07 37.31
N LYS C 42 -22.59 -51.17 38.06
CA LYS C 42 -23.61 -51.38 39.08
C LYS C 42 -23.47 -50.35 40.18
N LYS C 43 -24.56 -49.66 40.49
CA LYS C 43 -24.55 -48.62 41.52
C LYS C 43 -24.40 -49.25 42.89
N VAL C 44 -23.28 -48.99 43.55
CA VAL C 44 -23.09 -49.44 44.92
C VAL C 44 -23.64 -48.43 45.92
N GLY C 45 -23.54 -47.15 45.62
CA GLY C 45 -24.07 -46.12 46.51
C GLY C 45 -24.21 -44.80 45.77
N VAL C 46 -24.96 -43.90 46.40
CA VAL C 46 -25.16 -42.57 45.85
C VAL C 46 -24.76 -41.56 46.91
N ARG C 47 -24.39 -40.36 46.46
CA ARG C 47 -23.98 -39.28 47.35
C ARG C 47 -24.69 -38.00 46.92
N GLN C 48 -25.64 -37.56 47.75
CA GLN C 48 -26.38 -36.32 47.53
C GLN C 48 -25.67 -35.23 48.33
N VAL C 49 -24.73 -34.56 47.68
CA VAL C 49 -23.83 -33.65 48.38
C VAL C 49 -23.88 -32.27 47.72
N THR C 50 -23.46 -31.27 48.48
CA THR C 50 -23.18 -29.94 47.97
C THR C 50 -21.73 -29.57 48.30
N THR C 51 -21.30 -28.41 47.84
CA THR C 51 -19.91 -27.96 47.93
C THR C 51 -19.87 -26.53 48.43
N PRO C 52 -18.68 -26.04 48.82
CA PRO C 52 -18.55 -24.62 49.13
C PRO C 52 -18.81 -23.70 47.95
N PHE C 53 -19.02 -24.23 46.75
CA PHE C 53 -19.28 -23.41 45.57
C PHE C 53 -20.63 -23.73 44.94
N GLY C 54 -21.51 -24.39 45.68
CA GLY C 54 -22.86 -24.65 45.25
C GLY C 54 -23.10 -26.13 45.01
N LYS C 55 -24.26 -26.41 44.44
CA LYS C 55 -24.70 -27.78 44.17
C LYS C 55 -24.08 -28.29 42.89
N PRO C 56 -23.62 -29.54 42.88
CA PRO C 56 -23.24 -30.19 41.61
C PRO C 56 -24.47 -30.44 40.76
N SER C 57 -24.23 -30.88 39.53
CA SER C 57 -25.32 -31.03 38.56
C SER C 57 -26.35 -32.06 39.01
N ASP C 58 -25.93 -33.08 39.76
CA ASP C 58 -26.85 -34.14 40.16
C ASP C 58 -26.21 -34.95 41.27
N THR C 59 -26.92 -36.00 41.68
CA THR C 59 -26.38 -36.98 42.61
C THR C 59 -25.16 -37.66 41.99
N LEU C 60 -24.13 -37.90 42.82
CA LEU C 60 -22.96 -38.63 42.38
C LEU C 60 -23.15 -40.12 42.66
N VAL C 61 -22.79 -40.95 41.70
CA VAL C 61 -23.01 -42.39 41.78
C VAL C 61 -21.67 -43.08 41.91
N GLU C 62 -21.51 -43.89 42.95
CA GLU C 62 -20.26 -44.57 43.28
C GLU C 62 -20.32 -46.03 42.86
N GLY C 63 -19.18 -46.55 42.41
CA GLY C 63 -19.11 -47.95 42.04
C GLY C 63 -17.69 -48.39 41.80
N PHE C 64 -17.55 -49.48 41.05
CA PHE C 64 -16.26 -50.07 40.75
C PHE C 64 -16.23 -50.54 39.31
N VAL C 65 -15.08 -50.36 38.66
CA VAL C 65 -14.75 -51.02 37.40
C VAL C 65 -13.64 -52.01 37.73
N GLY C 66 -13.98 -53.29 37.76
CA GLY C 66 -13.07 -54.26 38.34
C GLY C 66 -12.92 -53.94 39.82
N ASP C 67 -11.68 -53.67 40.25
CA ASP C 67 -11.41 -53.27 41.62
C ASP C 67 -11.04 -51.80 41.72
N VAL C 68 -11.30 -51.01 40.67
CA VAL C 68 -10.95 -49.60 40.64
C VAL C 68 -12.19 -48.78 40.98
N ALA C 69 -12.07 -47.95 42.02
CA ALA C 69 -13.18 -47.12 42.45
C ALA C 69 -13.50 -46.06 41.40
N CYS C 70 -14.79 -45.79 41.20
CA CYS C 70 -15.24 -44.89 40.16
C CYS C 70 -16.44 -44.09 40.67
N VAL C 71 -16.56 -42.86 40.18
CA VAL C 71 -17.67 -41.96 40.51
C VAL C 71 -18.12 -41.28 39.22
N VAL C 72 -19.44 -41.24 38.99
CA VAL C 72 -19.99 -40.67 37.76
C VAL C 72 -21.05 -39.62 38.09
N LEU C 73 -21.05 -38.53 37.33
CA LEU C 73 -22.09 -37.51 37.43
C LEU C 73 -22.40 -37.00 36.03
N PRO C 74 -23.68 -36.74 35.73
CA PRO C 74 -24.05 -36.16 34.43
C PRO C 74 -23.92 -34.65 34.45
N ARG C 75 -23.13 -34.12 33.51
CA ARG C 75 -22.80 -32.69 33.50
C ARG C 75 -24.06 -31.82 33.46
N HIS C 76 -25.07 -32.23 32.70
CA HIS C 76 -26.30 -31.44 32.56
C HIS C 76 -27.41 -31.92 33.47
N GLY C 77 -27.13 -32.85 34.38
CA GLY C 77 -28.14 -33.41 35.25
C GLY C 77 -29.06 -34.35 34.50
N LYS C 78 -29.77 -35.22 35.22
CA LYS C 78 -30.74 -36.10 34.58
C LYS C 78 -31.81 -35.26 33.89
N GLY C 79 -32.18 -35.67 32.68
CA GLY C 79 -33.13 -34.91 31.90
C GLY C 79 -32.55 -33.77 31.11
N HIS C 80 -31.25 -33.49 31.25
CA HIS C 80 -30.56 -32.46 30.47
C HIS C 80 -31.26 -31.11 30.59
N LEU C 81 -31.46 -30.67 31.84
CA LEU C 81 -32.14 -29.41 32.09
C LEU C 81 -31.20 -28.24 32.35
N ILE C 82 -29.89 -28.48 32.46
CA ILE C 82 -28.92 -27.44 32.76
C ILE C 82 -28.14 -27.13 31.49
N PRO C 83 -28.20 -25.90 30.98
CA PRO C 83 -27.45 -25.55 29.76
C PRO C 83 -25.98 -25.34 30.07
N PRO C 84 -25.12 -25.34 29.05
CA PRO C 84 -23.67 -25.24 29.28
C PRO C 84 -23.23 -24.03 30.11
N SER C 85 -23.82 -22.86 29.90
CA SER C 85 -23.33 -21.68 30.61
C SER C 85 -23.73 -21.69 32.08
N GLU C 86 -24.70 -22.50 32.48
CA GLU C 86 -25.19 -22.53 33.85
C GLU C 86 -24.70 -23.74 34.63
N VAL C 87 -23.99 -24.67 33.99
CA VAL C 87 -23.39 -25.79 34.70
C VAL C 87 -22.46 -25.27 35.79
N ASN C 88 -22.55 -25.87 36.97
CA ASN C 88 -21.69 -25.49 38.09
C ASN C 88 -20.41 -26.32 38.02
N TYR C 89 -19.48 -25.87 37.17
CA TYR C 89 -18.23 -26.59 36.99
C TYR C 89 -17.42 -26.65 38.28
N ARG C 90 -17.40 -25.54 39.04
CA ARG C 90 -16.68 -25.54 40.31
C ARG C 90 -17.20 -26.62 41.24
N ALA C 91 -18.54 -26.71 41.38
CA ALA C 91 -19.12 -27.68 42.30
C ALA C 91 -18.90 -29.11 41.80
N ASN C 92 -19.02 -29.35 40.50
CA ASN C 92 -18.82 -30.69 39.97
C ASN C 92 -17.40 -31.17 40.26
N VAL C 93 -16.40 -30.34 39.94
CA VAL C 93 -15.01 -30.72 40.16
C VAL C 93 -14.72 -30.86 41.65
N TRP C 94 -15.23 -29.94 42.46
CA TRP C 94 -14.95 -29.99 43.90
C TRP C 94 -15.56 -31.22 44.54
N ALA C 95 -16.78 -31.59 44.14
CA ALA C 95 -17.43 -32.74 44.74
C ALA C 95 -16.67 -34.03 44.42
N LEU C 96 -16.14 -34.15 43.21
CA LEU C 96 -15.34 -35.32 42.87
C LEU C 96 -14.05 -35.35 43.67
N LYS C 97 -13.36 -34.21 43.77
CA LYS C 97 -12.18 -34.11 44.61
C LYS C 97 -12.51 -34.45 46.05
N ASP C 98 -13.66 -33.99 46.55
CA ASP C 98 -14.05 -34.26 47.94
C ASP C 98 -14.22 -35.76 48.19
N LEU C 99 -14.62 -36.52 47.18
CA LEU C 99 -14.76 -37.96 47.34
C LEU C 99 -13.44 -38.70 47.17
N GLY C 100 -12.34 -37.99 46.95
CA GLY C 100 -11.05 -38.63 46.80
C GLY C 100 -10.67 -39.01 45.39
N CYS C 101 -11.36 -38.48 44.38
CA CYS C 101 -10.98 -38.76 43.01
C CYS C 101 -9.59 -38.23 42.73
N THR C 102 -8.80 -39.03 42.02
CA THR C 102 -7.48 -38.62 41.53
C THR C 102 -7.50 -38.22 40.07
N HIS C 103 -8.46 -38.73 39.31
CA HIS C 103 -8.60 -38.47 37.87
C HIS C 103 -10.03 -38.03 37.57
N ILE C 104 -10.18 -37.28 36.49
CA ILE C 104 -11.49 -37.01 35.90
C ILE C 104 -11.42 -37.29 34.41
N LEU C 105 -12.26 -38.21 33.93
CA LEU C 105 -12.48 -38.42 32.51
C LEU C 105 -13.81 -37.79 32.13
N ALA C 106 -13.82 -37.02 31.05
CA ALA C 106 -15.03 -36.30 30.63
C ALA C 106 -15.29 -36.55 29.15
N THR C 107 -16.57 -36.49 28.79
CA THR C 107 -17.02 -36.59 27.40
C THR C 107 -17.65 -35.26 26.97
N THR C 108 -17.63 -35.01 25.67
CA THR C 108 -18.30 -33.84 25.12
C THR C 108 -18.72 -34.10 23.68
N ALA C 109 -19.94 -33.69 23.34
CA ALA C 109 -20.43 -33.76 21.97
C ALA C 109 -20.09 -32.45 21.25
N CYS C 110 -19.57 -32.56 20.04
CA CYS C 110 -19.01 -31.40 19.35
C CYS C 110 -19.36 -31.44 17.88
N GLY C 111 -19.20 -30.28 17.25
CA GLY C 111 -19.31 -30.16 15.81
C GLY C 111 -17.94 -30.02 15.17
N SER C 112 -17.87 -30.38 13.90
CA SER C 112 -16.61 -30.39 13.17
C SER C 112 -16.34 -29.06 12.49
N LEU C 113 -15.08 -28.63 12.49
CA LEU C 113 -14.64 -27.45 11.78
C LEU C 113 -13.67 -27.77 10.64
N GLN C 114 -13.28 -29.03 10.47
CA GLN C 114 -12.28 -29.39 9.48
C GLN C 114 -12.75 -30.65 8.74
N GLU C 115 -12.23 -30.81 7.51
CA GLU C 115 -12.75 -31.83 6.60
C GLU C 115 -12.48 -33.25 7.07
N ASP C 116 -11.35 -33.51 7.73
CA ASP C 116 -11.04 -34.87 8.16
C ASP C 116 -11.67 -35.24 9.49
N LEU C 117 -12.38 -34.33 10.15
CA LEU C 117 -13.15 -34.64 11.34
C LEU C 117 -14.60 -34.80 10.91
N VAL C 118 -15.06 -36.05 10.86
CA VAL C 118 -16.39 -36.32 10.32
C VAL C 118 -17.28 -36.89 11.42
N PRO C 119 -18.59 -36.67 11.35
CA PRO C 119 -19.49 -37.22 12.35
C PRO C 119 -19.27 -38.72 12.55
N GLY C 120 -19.21 -39.14 13.80
CA GLY C 120 -18.84 -40.50 14.15
C GLY C 120 -17.41 -40.65 14.64
N ASP C 121 -16.55 -39.68 14.36
CA ASP C 121 -15.19 -39.67 14.87
C ASP C 121 -15.17 -39.26 16.34
N PHE C 122 -14.00 -39.44 16.96
CA PHE C 122 -13.72 -39.02 18.31
C PHE C 122 -12.43 -38.20 18.32
N VAL C 123 -12.27 -37.34 19.33
CA VAL C 123 -11.05 -36.55 19.48
C VAL C 123 -10.60 -36.61 20.93
N VAL C 124 -9.36 -37.05 21.16
CA VAL C 124 -8.73 -36.92 22.47
C VAL C 124 -8.03 -35.56 22.45
N LEU C 125 -8.74 -34.54 22.96
CA LEU C 125 -8.28 -33.16 22.83
C LEU C 125 -6.95 -32.96 23.53
N ASN C 126 -6.13 -32.06 22.96
CA ASN C 126 -4.94 -31.60 23.66
C ASN C 126 -4.81 -30.08 23.71
N GLN C 127 -5.71 -29.34 23.06
CA GLN C 127 -5.64 -27.88 23.01
C GLN C 127 -7.04 -27.29 22.99
N PHE C 128 -7.13 -26.00 23.32
CA PHE C 128 -8.41 -25.31 23.17
C PHE C 128 -8.20 -23.81 23.00
N MET C 129 -9.22 -23.16 22.44
CA MET C 129 -9.34 -21.71 22.42
C MET C 129 -10.64 -21.35 23.13
N ASP C 130 -10.53 -20.50 24.16
CA ASP C 130 -11.63 -20.22 25.06
C ASP C 130 -12.40 -18.98 24.60
N LYS C 131 -13.68 -19.16 24.28
CA LYS C 131 -14.57 -18.03 23.99
C LYS C 131 -15.75 -17.99 24.96
N THR C 132 -15.60 -18.55 26.15
CA THR C 132 -16.65 -18.49 27.16
C THR C 132 -16.53 -17.20 27.98
N TRP C 133 -17.60 -16.89 28.69
CA TRP C 133 -17.65 -15.72 29.56
C TRP C 133 -18.77 -15.94 30.57
N GLY C 134 -18.69 -15.19 31.68
CA GLY C 134 -19.73 -15.21 32.69
C GLY C 134 -19.81 -16.45 33.53
N ARG C 135 -18.87 -17.39 33.39
CA ARG C 135 -18.85 -18.61 34.17
C ARG C 135 -17.81 -18.50 35.29
N GLU C 136 -18.14 -19.05 36.46
CA GLU C 136 -17.17 -19.14 37.54
C GLU C 136 -16.05 -20.10 37.12
N ASN C 137 -14.83 -19.59 37.00
CA ASN C 137 -13.75 -20.36 36.39
C ASN C 137 -12.54 -20.57 37.30
N THR C 138 -12.64 -20.23 38.58
CA THR C 138 -11.50 -20.41 39.48
C THR C 138 -12.00 -20.56 40.91
N PHE C 139 -11.27 -21.38 41.68
CA PHE C 139 -11.57 -21.55 43.10
C PHE C 139 -10.95 -20.47 43.98
N TYR C 140 -9.99 -19.71 43.46
CA TYR C 140 -9.17 -18.80 44.24
C TYR C 140 -9.46 -17.34 43.89
N GLY C 141 -9.16 -16.47 44.85
CA GLY C 141 -9.31 -15.04 44.63
C GLY C 141 -9.40 -14.30 45.95
N SER C 142 -9.90 -13.07 45.87
CA SER C 142 -10.04 -12.21 47.05
C SER C 142 -11.47 -12.10 47.55
N LYS C 143 -12.42 -12.73 46.86
CA LYS C 143 -13.79 -12.76 47.35
C LYS C 143 -13.88 -13.56 48.64
N PRO C 144 -14.75 -13.15 49.56
CA PRO C 144 -14.84 -13.88 50.84
C PRO C 144 -15.14 -15.36 50.70
N ASP C 145 -15.89 -15.76 49.67
CA ASP C 145 -16.29 -17.16 49.55
C ASP C 145 -15.33 -18.00 48.71
N SER C 146 -14.24 -17.42 48.23
CA SER C 146 -13.26 -18.19 47.46
C SER C 146 -12.07 -18.55 48.34
N LEU C 147 -11.33 -19.56 47.90
CA LEU C 147 -10.06 -19.87 48.53
C LEU C 147 -9.12 -18.68 48.38
N LYS C 148 -8.48 -18.29 49.48
CA LYS C 148 -7.66 -17.09 49.43
C LYS C 148 -6.34 -17.36 48.72
N GLY C 149 -5.85 -16.34 48.02
CA GLY C 149 -4.64 -16.47 47.24
C GLY C 149 -4.87 -16.14 45.77
N VAL C 150 -3.81 -15.79 45.07
CA VAL C 150 -3.87 -15.49 43.64
C VAL C 150 -3.17 -16.63 42.91
N LEU C 151 -3.93 -17.39 42.13
CA LEU C 151 -3.45 -18.59 41.47
C LEU C 151 -3.43 -18.35 39.97
N HIS C 152 -2.23 -18.38 39.37
CA HIS C 152 -2.04 -18.24 37.93
C HIS C 152 -1.45 -19.55 37.42
N MET C 153 -2.34 -20.46 37.00
CA MET C 153 -1.93 -21.80 36.58
C MET C 153 -1.41 -21.77 35.14
N PRO C 154 -0.27 -22.40 34.86
CA PRO C 154 0.13 -22.59 33.46
C PRO C 154 -0.87 -23.50 32.74
N MET C 155 -1.17 -23.15 31.50
CA MET C 155 -2.14 -23.93 30.73
C MET C 155 -1.68 -24.20 29.29
N ALA C 156 -0.38 -24.07 29.01
CA ALA C 156 0.11 -24.23 27.65
C ALA C 156 -0.33 -25.56 27.04
N GLU C 157 -0.13 -26.66 27.77
CA GLU C 157 -0.71 -27.95 27.42
C GLU C 157 -1.68 -28.32 28.53
N PRO C 158 -2.98 -28.06 28.36
CA PRO C 158 -3.88 -27.96 29.53
C PRO C 158 -4.40 -29.28 30.09
N PHE C 159 -4.20 -30.42 29.43
CA PHE C 159 -4.67 -31.70 29.93
C PHE C 159 -3.54 -32.44 30.65
N CYS C 160 -3.90 -33.53 31.33
CA CYS C 160 -2.92 -34.47 31.84
C CYS C 160 -2.50 -35.40 30.71
N GLU C 161 -1.23 -35.32 30.29
CA GLU C 161 -0.79 -36.02 29.08
C GLU C 161 -0.81 -37.53 29.28
N ARG C 162 -0.40 -37.99 30.46
CA ARG C 162 -0.43 -39.42 30.75
C ARG C 162 -1.86 -39.97 30.62
N THR C 163 -2.85 -39.20 31.10
CA THR C 163 -4.23 -39.65 31.02
C THR C 163 -4.77 -39.56 29.60
N ARG C 164 -4.34 -38.55 28.82
CA ARG C 164 -4.69 -38.52 27.40
C ARG C 164 -4.27 -39.81 26.69
N GLN C 165 -3.04 -40.26 26.95
CA GLN C 165 -2.55 -41.46 26.27
C GLN C 165 -3.29 -42.71 26.74
N ILE C 166 -3.81 -42.70 27.96
CA ILE C 166 -4.66 -43.80 28.44
C ILE C 166 -5.92 -43.89 27.60
N LEU C 167 -6.58 -42.75 27.37
CA LEU C 167 -7.79 -42.75 26.55
C LEU C 167 -7.50 -43.26 25.14
N ILE C 168 -6.37 -42.85 24.56
CA ILE C 168 -6.04 -43.28 23.21
C ILE C 168 -5.75 -44.77 23.19
N GLN C 169 -4.97 -45.27 24.16
CA GLN C 169 -4.71 -46.69 24.24
C GLN C 169 -5.98 -47.50 24.47
N ALA C 170 -6.91 -46.96 25.28
CA ALA C 170 -8.17 -47.64 25.52
C ALA C 170 -8.95 -47.83 24.23
N ALA C 171 -8.91 -46.82 23.34
CA ALA C 171 -9.56 -46.94 22.05
C ALA C 171 -8.90 -48.02 21.20
N ARG C 172 -7.55 -48.07 21.19
CA ARG C 172 -6.85 -49.13 20.47
C ARG C 172 -7.26 -50.50 21.00
N ASN C 173 -7.40 -50.62 22.33
CA ASN C 173 -7.74 -51.91 22.94
C ASN C 173 -9.18 -52.31 22.67
N LYS C 174 -10.03 -51.37 22.26
CA LYS C 174 -11.41 -51.67 21.90
C LYS C 174 -11.64 -51.64 20.39
N SER C 175 -10.58 -51.82 19.61
CA SER C 175 -10.66 -52.03 18.16
C SER C 175 -11.22 -50.82 17.42
N ILE C 176 -10.85 -49.62 17.87
CA ILE C 176 -11.24 -48.37 17.23
C ILE C 176 -10.02 -47.76 16.55
N ASN C 177 -10.17 -47.37 15.29
CA ASN C 177 -9.08 -46.75 14.54
C ASN C 177 -8.57 -45.51 15.25
N VAL C 178 -7.25 -45.33 15.23
CA VAL C 178 -6.60 -44.15 15.78
C VAL C 178 -5.78 -43.48 14.68
N TYR C 179 -5.99 -42.17 14.51
CA TYR C 179 -5.34 -41.40 13.45
C TYR C 179 -4.50 -40.31 14.10
N ASP C 180 -3.20 -40.29 13.78
CA ASP C 180 -2.25 -39.30 14.29
C ASP C 180 -1.69 -38.56 13.09
N LYS C 181 -2.19 -37.34 12.85
CA LYS C 181 -1.79 -36.62 11.65
C LYS C 181 -0.33 -36.17 11.68
N LYS C 182 0.34 -36.26 12.83
CA LYS C 182 1.75 -35.91 12.89
C LYS C 182 2.62 -36.98 12.24
N THR C 183 2.20 -38.24 12.28
CA THR C 183 3.00 -39.35 11.80
C THR C 183 2.37 -40.12 10.66
N MET C 184 1.08 -39.91 10.36
CA MET C 184 0.36 -40.68 9.36
C MET C 184 -0.13 -39.77 8.25
N ASP C 185 -0.03 -40.26 7.02
CA ASP C 185 -0.69 -39.57 5.91
C ASP C 185 -2.20 -39.62 6.10
N LYS C 186 -2.89 -38.69 5.42
CA LYS C 186 -4.34 -38.64 5.50
C LYS C 186 -5.00 -39.94 5.02
N SER C 187 -4.25 -40.77 4.30
CA SER C 187 -4.75 -42.08 3.88
C SER C 187 -4.95 -43.03 5.06
N ALA C 188 -4.33 -42.74 6.21
CA ALA C 188 -4.54 -43.53 7.41
C ALA C 188 -5.75 -43.07 8.21
N CYS C 189 -6.45 -42.03 7.75
CA CYS C 189 -7.62 -41.50 8.44
C CYS C 189 -8.85 -42.29 7.96
N ILE C 190 -9.08 -43.43 8.61
CA ILE C 190 -10.17 -44.34 8.28
C ILE C 190 -11.27 -44.15 9.30
N HIS C 191 -12.45 -43.74 8.84
CA HIS C 191 -13.55 -43.39 9.74
C HIS C 191 -14.42 -44.61 10.06
N PRO C 192 -14.94 -44.67 11.30
CA PRO C 192 -14.74 -43.70 12.37
C PRO C 192 -13.40 -43.89 13.06
N CYS C 193 -12.75 -42.80 13.42
CA CYS C 193 -11.44 -42.90 14.06
C CYS C 193 -11.36 -41.95 15.24
N VAL C 194 -10.49 -42.29 16.18
CA VAL C 194 -10.08 -41.40 17.26
C VAL C 194 -8.93 -40.56 16.75
N HIS C 195 -9.11 -39.25 16.73
CA HIS C 195 -8.01 -38.35 16.39
C HIS C 195 -7.13 -38.19 17.62
N ALA C 196 -5.84 -38.52 17.48
CA ALA C 196 -4.93 -38.60 18.61
C ALA C 196 -4.57 -37.24 19.19
N GLU C 197 -4.88 -36.16 18.48
CA GLU C 197 -4.76 -34.81 19.01
C GLU C 197 -5.82 -33.94 18.33
N GLY C 198 -6.03 -32.76 18.90
CA GLY C 198 -7.00 -31.83 18.34
C GLY C 198 -7.31 -30.65 19.23
N SER C 199 -7.81 -29.57 18.64
CA SER C 199 -8.14 -28.36 19.38
C SER C 199 -9.63 -28.09 19.31
N ALA C 200 -10.18 -27.59 20.41
CA ALA C 200 -11.59 -27.22 20.48
C ALA C 200 -11.72 -25.73 20.71
N VAL C 201 -12.62 -25.08 19.99
CA VAL C 201 -13.07 -23.75 20.40
C VAL C 201 -14.32 -23.95 21.25
N THR C 202 -14.30 -23.41 22.46
CA THR C 202 -15.41 -23.53 23.39
C THR C 202 -16.17 -22.21 23.38
N ILE C 203 -17.39 -22.24 22.83
CA ILE C 203 -18.23 -21.06 22.77
C ILE C 203 -19.21 -21.10 23.92
N ASN C 204 -19.78 -19.94 24.26
CA ASN C 204 -20.60 -19.85 25.46
C ASN C 204 -21.96 -20.49 25.27
N GLY C 205 -22.49 -20.46 24.05
CA GLY C 205 -23.84 -20.92 23.81
C GLY C 205 -24.85 -19.95 24.41
N PRO C 206 -26.13 -20.36 24.47
CA PRO C 206 -26.61 -21.67 24.02
C PRO C 206 -26.74 -21.81 22.50
N ARG C 207 -26.73 -20.69 21.78
CA ARG C 207 -26.89 -20.73 20.34
C ARG C 207 -25.66 -21.33 19.67
N PHE C 208 -25.88 -21.90 18.49
CA PHE C 208 -24.77 -22.34 17.66
C PHE C 208 -24.17 -21.14 16.92
N SER C 209 -23.01 -21.36 16.29
CA SER C 209 -22.29 -20.27 15.65
C SER C 209 -22.96 -19.86 14.34
N THR C 210 -22.80 -18.59 13.98
CA THR C 210 -23.10 -18.15 12.63
C THR C 210 -22.09 -18.76 11.66
N ARG C 211 -22.45 -18.77 10.38
CA ARG C 211 -21.48 -19.18 9.35
C ARG C 211 -20.25 -18.28 9.40
N CYS C 212 -20.45 -16.99 9.65
CA CYS C 212 -19.33 -16.05 9.77
C CYS C 212 -18.37 -16.49 10.87
N GLU C 213 -18.91 -16.82 12.05
CA GLU C 213 -18.08 -17.25 13.17
C GLU C 213 -17.40 -18.59 12.88
N SER C 214 -18.13 -19.54 12.28
CA SER C 214 -17.55 -20.84 11.96
C SER C 214 -16.41 -20.71 10.96
N PHE C 215 -16.59 -19.85 9.94
CA PHE C 215 -15.54 -19.62 8.96
C PHE C 215 -14.27 -19.11 9.64
N ILE C 216 -14.42 -18.19 10.60
CA ILE C 216 -13.26 -17.62 11.27
C ILE C 216 -12.58 -18.67 12.15
N HIS C 217 -13.36 -19.44 12.90
CA HIS C 217 -12.79 -20.50 13.73
C HIS C 217 -12.04 -21.52 12.89
N LYS C 218 -12.60 -21.90 11.74
CA LYS C 218 -11.91 -22.83 10.85
C LYS C 218 -10.61 -22.24 10.33
N ALA C 219 -10.61 -20.96 9.96
CA ALA C 219 -9.40 -20.32 9.46
C ALA C 219 -8.32 -20.23 10.52
N MET C 220 -8.70 -20.18 11.80
CA MET C 220 -7.72 -20.20 12.88
C MET C 220 -7.14 -21.58 13.10
N GLY C 221 -7.64 -22.61 12.41
CA GLY C 221 -7.10 -23.95 12.53
C GLY C 221 -7.72 -24.79 13.62
N LEU C 222 -8.81 -24.33 14.23
CA LEU C 222 -9.46 -25.12 15.27
C LEU C 222 -10.20 -26.30 14.64
N ASP C 223 -10.21 -27.43 15.36
CA ASP C 223 -10.71 -28.69 14.82
C ASP C 223 -12.20 -28.90 15.07
N ILE C 224 -12.68 -28.61 16.28
CA ILE C 224 -14.07 -28.86 16.66
C ILE C 224 -14.57 -27.69 17.49
N VAL C 225 -15.88 -27.62 17.66
CA VAL C 225 -16.53 -26.59 18.48
C VAL C 225 -17.44 -27.28 19.49
N ASN C 226 -17.36 -26.83 20.75
CA ASN C 226 -18.25 -27.32 21.80
C ASN C 226 -18.55 -26.17 22.75
N MET C 227 -19.23 -26.49 23.87
CA MET C 227 -19.68 -25.47 24.80
C MET C 227 -19.32 -25.76 26.26
N THR C 228 -18.68 -26.89 26.56
CA THR C 228 -18.59 -27.36 27.93
C THR C 228 -17.17 -27.65 28.43
N LEU C 229 -16.15 -27.55 27.59
CA LEU C 229 -14.81 -27.93 28.02
C LEU C 229 -14.23 -26.93 29.02
N VAL C 230 -14.45 -25.64 28.78
CA VAL C 230 -13.95 -24.58 29.65
C VAL C 230 -15.13 -24.03 30.46
N PRO C 231 -14.96 -23.86 31.78
CA PRO C 231 -13.73 -23.96 32.59
C PRO C 231 -13.47 -25.32 33.25
N GLU C 232 -14.14 -26.37 32.79
CA GLU C 232 -14.02 -27.67 33.45
C GLU C 232 -12.58 -28.14 33.50
N VAL C 233 -11.86 -28.01 32.38
CA VAL C 233 -10.47 -28.48 32.32
C VAL C 233 -9.57 -27.63 33.22
N SER C 234 -9.84 -26.32 33.28
CA SER C 234 -9.02 -25.43 34.10
C SER C 234 -9.21 -25.73 35.59
N LEU C 235 -10.44 -25.95 36.01
CA LEU C 235 -10.72 -26.18 37.42
C LEU C 235 -10.19 -27.53 37.89
N ALA C 236 -10.18 -28.54 37.01
CA ALA C 236 -9.61 -29.83 37.37
C ALA C 236 -8.12 -29.69 37.69
N ARG C 237 -7.40 -28.89 36.90
CA ARG C 237 -6.00 -28.66 37.20
C ARG C 237 -5.82 -27.85 38.48
N GLU C 238 -6.69 -26.86 38.71
CA GLU C 238 -6.65 -26.13 39.98
C GLU C 238 -6.83 -27.07 41.16
N ALA C 239 -7.68 -28.09 41.00
CA ALA C 239 -7.96 -29.03 42.07
C ALA C 239 -6.88 -30.09 42.23
N GLY C 240 -5.84 -30.05 41.42
CA GLY C 240 -4.80 -31.06 41.49
C GLY C 240 -5.21 -32.41 40.94
N LEU C 241 -6.11 -32.42 39.95
CA LEU C 241 -6.62 -33.65 39.37
C LEU C 241 -6.11 -33.84 37.96
N SER C 242 -5.94 -35.10 37.56
CA SER C 242 -5.57 -35.44 36.19
C SER C 242 -6.85 -35.52 35.34
N TYR C 243 -6.94 -34.68 34.31
CA TYR C 243 -8.14 -34.51 33.50
C TYR C 243 -7.84 -34.82 32.04
N ALA C 244 -8.74 -35.56 31.40
CA ALA C 244 -8.65 -35.79 29.96
C ALA C 244 -10.06 -35.91 29.40
N SER C 245 -10.22 -35.42 28.17
CA SER C 245 -11.53 -35.32 27.53
C SER C 245 -11.53 -36.10 26.23
N ILE C 246 -12.63 -36.81 25.96
CA ILE C 246 -12.85 -37.45 24.68
C ILE C 246 -14.09 -36.83 24.06
N ALA C 247 -13.93 -36.22 22.90
CA ALA C 247 -15.04 -35.57 22.21
C ALA C 247 -15.67 -36.53 21.22
N ILE C 248 -16.98 -36.42 21.05
CA ILE C 248 -17.73 -37.13 20.03
C ILE C 248 -18.10 -36.13 18.96
N VAL C 249 -17.65 -36.37 17.73
CA VAL C 249 -18.04 -35.53 16.61
C VAL C 249 -19.43 -35.96 16.15
N THR C 250 -20.36 -35.03 16.10
CA THR C 250 -21.69 -35.30 15.59
C THR C 250 -22.03 -34.20 14.58
N ASP C 251 -23.31 -34.09 14.23
CA ASP C 251 -23.76 -33.20 13.17
C ASP C 251 -24.95 -32.39 13.67
N PHE C 252 -24.78 -31.06 13.73
CA PHE C 252 -25.84 -30.17 14.21
C PHE C 252 -26.52 -29.41 13.07
N ASP C 253 -26.33 -29.82 11.83
CA ASP C 253 -26.78 -29.04 10.68
C ASP C 253 -27.76 -29.81 9.81
N CYS C 254 -28.64 -30.61 10.42
CA CYS C 254 -29.68 -31.27 9.65
C CYS C 254 -30.76 -30.30 9.16
N TRP C 255 -30.76 -29.07 9.67
CA TRP C 255 -31.67 -28.05 9.14
C TRP C 255 -31.40 -27.76 7.66
N LYS C 256 -30.18 -28.08 7.18
CA LYS C 256 -29.87 -27.90 5.77
C LYS C 256 -30.70 -28.81 4.88
N SER C 257 -31.10 -29.97 5.39
CA SER C 257 -31.93 -30.90 4.61
C SER C 257 -33.32 -30.34 4.37
N GLU C 260 -34.98 -34.25 6.28
CA GLU C 260 -35.35 -33.39 7.39
C GLU C 260 -35.37 -34.19 8.69
N HIS C 261 -36.55 -34.75 9.01
CA HIS C 261 -36.65 -35.65 10.15
C HIS C 261 -35.87 -36.94 9.93
N VAL C 262 -35.62 -37.31 8.68
CA VAL C 262 -34.83 -38.50 8.39
C VAL C 262 -33.34 -38.22 8.60
N CYS C 263 -32.89 -37.02 8.24
CA CYS C 263 -31.52 -36.60 8.54
C CYS C 263 -31.24 -36.73 10.03
N VAL C 264 -32.14 -36.18 10.85
CA VAL C 264 -31.96 -36.22 12.30
C VAL C 264 -31.89 -37.66 12.79
N ASP C 265 -32.72 -38.54 12.21
CA ASP C 265 -32.76 -39.93 12.68
C ASP C 265 -31.45 -40.65 12.37
N MET C 266 -30.84 -40.37 11.21
CA MET C 266 -29.54 -40.97 10.91
C MET C 266 -28.45 -40.41 11.81
N VAL C 267 -28.48 -39.11 12.10
CA VAL C 267 -27.48 -38.51 12.98
C VAL C 267 -27.64 -39.03 14.40
N LEU C 268 -28.88 -39.17 14.88
CA LEU C 268 -29.10 -39.67 16.23
C LEU C 268 -28.67 -41.13 16.35
N GLU C 269 -28.93 -41.94 15.34
CA GLU C 269 -28.51 -43.34 15.38
C GLU C 269 -26.99 -43.45 15.41
N GLN C 270 -26.30 -42.62 14.63
CA GLN C 270 -24.84 -42.61 14.67
C GLN C 270 -24.33 -42.12 16.02
N PHE C 271 -24.97 -41.09 16.59
CA PHE C 271 -24.57 -40.61 17.90
C PHE C 271 -24.76 -41.69 18.96
N ARG C 272 -25.85 -42.45 18.86
CA ARG C 272 -26.06 -43.59 19.75
C ARG C 272 -24.90 -44.57 19.67
N LYS C 273 -24.46 -44.88 18.44
CA LYS C 273 -23.32 -45.78 18.27
C LYS C 273 -22.05 -45.16 18.84
N SER C 274 -21.87 -43.85 18.68
CA SER C 274 -20.71 -43.19 19.25
C SER C 274 -20.72 -43.26 20.77
N VAL C 275 -21.90 -43.14 21.38
CA VAL C 275 -22.00 -43.22 22.84
C VAL C 275 -21.60 -44.61 23.31
N VAL C 276 -22.01 -45.65 22.58
CA VAL C 276 -21.61 -47.01 22.93
C VAL C 276 -20.09 -47.16 22.86
N HIS C 277 -19.47 -46.64 21.80
CA HIS C 277 -18.01 -46.70 21.70
C HIS C 277 -17.34 -45.96 22.85
N VAL C 278 -17.84 -44.77 23.20
CA VAL C 278 -17.21 -44.01 24.27
C VAL C 278 -17.38 -44.72 25.61
N ARG C 279 -18.52 -45.39 25.80
CA ARG C 279 -18.71 -46.19 27.00
C ARG C 279 -17.64 -47.27 27.11
N GLU C 280 -17.35 -47.96 26.00
CA GLU C 280 -16.30 -48.98 26.02
C GLU C 280 -14.93 -48.36 26.26
N ILE C 281 -14.68 -47.19 25.67
CA ILE C 281 -13.40 -46.52 25.89
C ILE C 281 -13.23 -46.13 27.35
N LEU C 282 -14.29 -45.58 27.95
CA LEU C 282 -14.20 -45.14 29.35
C LEU C 282 -13.97 -46.31 30.31
N LEU C 283 -14.68 -47.42 30.10
CA LEU C 283 -14.52 -48.57 30.98
C LEU C 283 -13.13 -49.18 30.86
N GLU C 284 -12.60 -49.26 29.65
CA GLU C 284 -11.23 -49.73 29.46
C GLU C 284 -10.22 -48.75 30.04
N ALA C 285 -10.51 -47.44 29.93
CA ALA C 285 -9.60 -46.44 30.47
C ALA C 285 -9.49 -46.53 31.98
N VAL C 286 -10.61 -46.71 32.67
CA VAL C 286 -10.57 -46.85 34.13
C VAL C 286 -9.71 -48.04 34.52
N ALA C 287 -9.84 -49.16 33.81
CA ALA C 287 -9.02 -50.33 34.10
C ALA C 287 -7.54 -50.06 33.83
N LEU C 288 -7.24 -49.33 32.76
CA LEU C 288 -5.84 -49.05 32.44
C LEU C 288 -5.22 -48.11 33.47
N ILE C 289 -6.01 -47.17 34.00
CA ILE C 289 -5.49 -46.26 35.02
C ILE C 289 -5.16 -47.02 36.30
N GLY C 290 -6.07 -47.88 36.74
CA GLY C 290 -5.85 -48.63 37.96
C GLY C 290 -4.72 -49.64 37.87
N ALA C 291 -4.28 -49.99 36.66
CA ALA C 291 -3.21 -50.94 36.47
C ALA C 291 -1.82 -50.32 36.61
N GLU C 292 -1.72 -49.03 36.90
CA GLU C 292 -0.44 -48.35 37.00
C GLU C 292 -0.36 -47.57 38.30
N ASP C 293 0.86 -47.20 38.67
CA ASP C 293 1.11 -46.36 39.84
C ASP C 293 1.10 -44.90 39.41
N TRP C 294 0.46 -44.05 40.23
CA TRP C 294 0.30 -42.64 39.91
C TRP C 294 0.80 -41.73 41.04
N THR C 295 1.58 -42.27 41.98
CA THR C 295 2.05 -41.48 43.11
C THR C 295 2.81 -40.24 42.65
N LYS C 296 3.77 -40.42 41.74
CA LYS C 296 4.55 -39.30 41.22
C LYS C 296 3.66 -38.27 40.53
N THR C 297 2.78 -38.73 39.63
CA THR C 297 1.94 -37.81 38.87
C THR C 297 0.99 -37.02 39.78
N ILE C 298 0.38 -37.70 40.75
CA ILE C 298 -0.51 -37.04 41.69
C ILE C 298 0.25 -35.99 42.50
N GLU C 299 1.46 -36.32 42.94
CA GLU C 299 2.25 -35.35 43.69
C GLU C 299 2.64 -34.17 42.81
N ALA C 300 2.91 -34.42 41.53
CA ALA C 300 3.20 -33.32 40.61
C ALA C 300 1.97 -32.45 40.40
N ASN C 301 0.79 -33.06 40.32
CA ASN C 301 -0.45 -32.28 40.20
C ASN C 301 -0.59 -31.29 41.36
N LYS C 302 -0.35 -31.76 42.58
CA LYS C 302 -0.51 -30.90 43.75
C LYS C 302 0.61 -29.87 43.84
N ALA C 303 1.83 -30.26 43.45
CA ALA C 303 2.95 -29.32 43.51
C ALA C 303 2.79 -28.19 42.49
N LEU C 304 2.12 -28.47 41.38
CA LEU C 304 1.89 -27.42 40.38
C LEU C 304 0.92 -26.37 40.91
N VAL C 305 -0.07 -26.79 41.70
CA VAL C 305 -0.97 -25.83 42.33
C VAL C 305 -0.20 -24.91 43.27
N MET C 306 0.65 -25.50 44.13
CA MET C 306 1.40 -24.69 45.09
C MET C 306 2.32 -23.71 44.39
N SER C 307 3.00 -24.14 43.33
CA SER C 307 3.96 -23.28 42.65
C SER C 307 3.31 -22.23 41.77
N SER C 308 1.99 -22.27 41.60
CA SER C 308 1.28 -21.26 40.83
C SER C 308 0.69 -20.15 41.69
N ARG C 309 0.82 -20.25 43.01
CA ARG C 309 0.29 -19.24 43.92
C ARG C 309 1.21 -18.02 43.90
N GLN C 310 0.71 -16.91 43.36
CA GLN C 310 1.53 -15.71 43.28
C GLN C 310 1.62 -14.98 44.60
N ASP C 311 0.60 -15.13 45.47
CA ASP C 311 0.63 -14.47 46.77
C ASP C 311 1.66 -15.07 47.71
N LEU C 312 2.11 -16.29 47.44
CA LEU C 312 3.10 -16.95 48.31
C LEU C 312 4.52 -16.50 47.95
N LYS D 24 -17.51 -10.70 -23.81
CA LYS D 24 -17.44 -10.34 -25.23
C LYS D 24 -16.22 -9.47 -25.50
N VAL D 25 -15.69 -9.56 -26.71
CA VAL D 25 -14.55 -8.76 -27.12
C VAL D 25 -15.00 -7.73 -28.15
N LYS D 26 -14.22 -6.66 -28.24
CA LYS D 26 -14.48 -5.58 -29.19
C LYS D 26 -13.13 -5.00 -29.60
N VAL D 27 -12.89 -4.93 -30.91
CA VAL D 27 -11.57 -4.62 -31.44
C VAL D 27 -11.58 -3.20 -32.00
N GLY D 28 -10.72 -2.35 -31.43
CA GLY D 28 -10.43 -1.07 -32.03
C GLY D 28 -9.24 -1.18 -32.98
N ILE D 29 -9.28 -0.39 -34.04
CA ILE D 29 -8.22 -0.38 -35.04
C ILE D 29 -7.76 1.06 -35.23
N ILE D 30 -6.49 1.31 -34.94
CA ILE D 30 -5.87 2.61 -35.20
C ILE D 30 -5.09 2.49 -36.50
N GLY D 31 -5.55 3.17 -37.55
CA GLY D 31 -4.93 3.11 -38.85
C GLY D 31 -3.99 4.29 -39.05
N GLY D 32 -2.77 3.99 -39.47
CA GLY D 32 -1.75 4.99 -39.73
C GLY D 32 -1.76 5.47 -41.17
N SER D 33 -0.58 5.82 -41.65
CA SER D 33 -0.41 6.25 -43.03
C SER D 33 -0.95 5.18 -43.98
N GLY D 34 -1.63 5.62 -45.04
CA GLY D 34 -2.30 4.72 -45.94
C GLY D 34 -3.69 4.31 -45.51
N PHE D 35 -4.12 4.72 -44.31
CA PHE D 35 -5.45 4.39 -43.79
C PHE D 35 -6.24 5.64 -43.41
N ASP D 36 -5.86 6.80 -43.94
CA ASP D 36 -6.56 8.05 -43.61
C ASP D 36 -7.05 8.81 -44.84
N ASP D 37 -7.08 8.18 -46.01
CA ASP D 37 -7.68 8.82 -47.17
C ASP D 37 -9.18 8.96 -46.94
N PRO D 38 -9.74 10.16 -47.12
CA PRO D 38 -11.18 10.34 -46.86
C PRO D 38 -12.08 9.47 -47.73
N ASN D 39 -11.60 8.97 -48.88
CA ASN D 39 -12.43 8.11 -49.71
C ASN D 39 -12.63 6.73 -49.09
N LEU D 40 -11.81 6.35 -48.11
CA LEU D 40 -11.94 5.04 -47.47
C LEU D 40 -13.07 4.98 -46.46
N PHE D 41 -13.67 6.11 -46.11
CA PHE D 41 -14.66 6.15 -45.03
C PHE D 41 -16.02 6.59 -45.53
N GLY D 45 -21.47 4.15 -40.52
CA GLY D 45 -21.74 4.59 -39.17
C GLY D 45 -20.58 5.35 -38.56
N VAL D 46 -20.62 6.68 -38.71
CA VAL D 46 -19.55 7.57 -38.25
C VAL D 46 -19.95 8.16 -36.90
N ARG D 47 -19.01 8.16 -35.95
CA ARG D 47 -19.29 8.64 -34.60
C ARG D 47 -18.21 9.59 -34.11
N GLN D 48 -18.64 10.65 -33.44
CA GLN D 48 -17.77 11.62 -32.81
C GLN D 48 -17.88 11.48 -31.29
N VAL D 49 -16.73 11.42 -30.62
CA VAL D 49 -16.67 11.31 -29.17
C VAL D 49 -15.67 12.33 -28.65
N THR D 50 -15.75 12.60 -27.35
CA THR D 50 -14.71 13.35 -26.66
C THR D 50 -14.29 12.55 -25.43
N THR D 51 -13.16 12.94 -24.85
CA THR D 51 -12.53 12.23 -23.75
C THR D 51 -12.12 13.24 -22.69
N PRO D 52 -11.79 12.78 -21.48
CA PRO D 52 -11.21 13.70 -20.48
C PRO D 52 -9.88 14.31 -20.92
N PHE D 53 -9.26 13.81 -21.99
CA PHE D 53 -7.94 14.27 -22.42
C PHE D 53 -7.99 15.02 -23.75
N GLY D 54 -9.18 15.41 -24.19
CA GLY D 54 -9.33 16.14 -25.43
C GLY D 54 -10.00 15.30 -26.50
N LYS D 55 -10.08 15.89 -27.69
CA LYS D 55 -10.71 15.24 -28.82
C LYS D 55 -9.77 14.22 -29.46
N PRO D 56 -10.28 13.08 -29.93
CA PRO D 56 -9.45 12.17 -30.72
C PRO D 56 -9.11 12.79 -32.08
N SER D 57 -8.25 12.08 -32.81
CA SER D 57 -7.75 12.60 -34.07
C SER D 57 -8.86 12.91 -35.07
N ASP D 58 -9.96 12.17 -35.01
CA ASP D 58 -11.04 12.35 -35.97
C ASP D 58 -12.25 11.59 -35.46
N THR D 59 -13.31 11.60 -36.25
CA THR D 59 -14.44 10.72 -35.99
C THR D 59 -14.03 9.27 -36.22
N LEU D 60 -14.82 8.36 -35.67
CA LEU D 60 -14.57 6.93 -35.76
C LEU D 60 -15.64 6.25 -36.61
N VAL D 61 -15.30 5.09 -37.16
CA VAL D 61 -16.22 4.29 -37.96
C VAL D 61 -16.52 3.02 -37.18
N GLU D 62 -17.80 2.74 -36.99
CA GLU D 62 -18.27 1.60 -36.20
C GLU D 62 -18.87 0.55 -37.13
N GLY D 63 -18.56 -0.72 -36.87
CA GLY D 63 -19.10 -1.78 -37.68
C GLY D 63 -18.87 -3.13 -37.06
N PHE D 64 -18.94 -4.16 -37.91
CA PHE D 64 -18.76 -5.54 -37.50
C PHE D 64 -17.93 -6.28 -38.54
N VAL D 65 -17.21 -7.30 -38.08
CA VAL D 65 -16.52 -8.21 -39.00
C VAL D 65 -17.35 -9.48 -39.10
N GLY D 66 -17.41 -10.24 -38.01
CA GLY D 66 -18.38 -11.32 -37.94
C GLY D 66 -19.52 -10.90 -37.04
N ASP D 67 -19.61 -11.52 -35.87
CA ASP D 67 -20.39 -10.99 -34.78
C ASP D 67 -19.56 -10.10 -33.85
N VAL D 68 -18.37 -9.70 -34.30
CA VAL D 68 -17.41 -8.98 -33.47
C VAL D 68 -17.47 -7.50 -33.81
N ALA D 69 -17.80 -6.68 -32.81
CA ALA D 69 -17.84 -5.24 -33.01
C ALA D 69 -16.44 -4.69 -33.27
N CYS D 70 -16.35 -3.71 -34.17
CA CYS D 70 -15.07 -3.16 -34.60
C CYS D 70 -15.20 -1.64 -34.72
N VAL D 71 -14.15 -0.93 -34.33
CA VAL D 71 -14.11 0.54 -34.41
C VAL D 71 -12.78 0.94 -35.04
N VAL D 72 -12.84 1.80 -36.06
CA VAL D 72 -11.67 2.22 -36.82
C VAL D 72 -11.47 3.72 -36.62
N LEU D 73 -10.23 4.12 -36.34
CA LEU D 73 -9.87 5.52 -36.10
C LEU D 73 -8.58 5.83 -36.85
N PRO D 74 -8.56 6.83 -37.72
CA PRO D 74 -7.32 7.22 -38.41
C PRO D 74 -6.42 8.03 -37.49
N ARG D 75 -5.19 7.55 -37.28
CA ARG D 75 -4.29 8.15 -36.29
C ARG D 75 -4.01 9.61 -36.62
N HIS D 76 -3.82 9.93 -37.89
CA HIS D 76 -3.47 11.28 -38.30
C HIS D 76 -4.68 12.10 -38.72
N GLY D 77 -5.88 11.55 -38.55
CA GLY D 77 -7.09 12.20 -39.02
C GLY D 77 -7.24 12.07 -40.52
N LYS D 78 -8.46 12.19 -41.03
CA LYS D 78 -8.67 12.14 -42.47
C LYS D 78 -7.89 13.27 -43.13
N GLY D 79 -7.20 12.95 -44.22
CA GLY D 79 -6.34 13.89 -44.88
C GLY D 79 -4.92 13.95 -44.37
N HIS D 80 -4.62 13.27 -43.26
CA HIS D 80 -3.27 13.18 -42.69
C HIS D 80 -2.72 14.57 -42.37
N LEU D 81 -3.45 15.29 -41.51
CA LEU D 81 -3.09 16.66 -41.15
C LEU D 81 -2.39 16.77 -39.81
N ILE D 82 -2.35 15.72 -39.01
CA ILE D 82 -1.77 15.77 -37.66
C ILE D 82 -0.44 15.03 -37.68
N PRO D 83 0.67 15.69 -37.34
CA PRO D 83 1.98 15.02 -37.37
C PRO D 83 2.15 14.13 -36.16
N PRO D 84 3.14 13.22 -36.18
CA PRO D 84 3.25 12.22 -35.10
C PRO D 84 3.40 12.81 -33.71
N SER D 85 4.14 13.91 -33.55
CA SER D 85 4.37 14.46 -32.21
C SER D 85 3.14 15.17 -31.66
N GLU D 86 2.17 15.50 -32.51
CA GLU D 86 1.00 16.24 -32.08
C GLU D 86 -0.27 15.39 -32.00
N VAL D 87 -0.18 14.10 -32.36
CA VAL D 87 -1.31 13.21 -32.20
C VAL D 87 -1.68 13.09 -30.72
N ASN D 88 -2.98 13.15 -30.43
CA ASN D 88 -3.46 13.01 -29.06
C ASN D 88 -3.65 11.52 -28.77
N TYR D 89 -2.53 10.87 -28.45
CA TYR D 89 -2.56 9.43 -28.18
C TYR D 89 -3.42 9.11 -26.97
N ARG D 90 -3.44 10.00 -25.97
CA ARG D 90 -4.26 9.77 -24.78
C ARG D 90 -5.74 9.75 -25.14
N ALA D 91 -6.19 10.71 -25.95
CA ALA D 91 -7.60 10.77 -26.33
C ALA D 91 -7.95 9.61 -27.26
N ASN D 92 -7.04 9.22 -28.16
CA ASN D 92 -7.33 8.12 -29.08
C ASN D 92 -7.51 6.81 -28.33
N VAL D 93 -6.59 6.50 -27.41
CA VAL D 93 -6.69 5.25 -26.65
C VAL D 93 -7.88 5.28 -25.70
N TRP D 94 -8.10 6.41 -25.02
CA TRP D 94 -9.20 6.48 -24.07
C TRP D 94 -10.55 6.41 -24.77
N ALA D 95 -10.66 7.01 -25.96
CA ALA D 95 -11.91 6.94 -26.72
C ALA D 95 -12.26 5.50 -27.05
N LEU D 96 -11.27 4.72 -27.52
CA LEU D 96 -11.51 3.31 -27.81
C LEU D 96 -11.90 2.56 -26.54
N LYS D 97 -11.24 2.87 -25.41
CA LYS D 97 -11.60 2.25 -24.15
C LYS D 97 -13.03 2.57 -23.75
N ASP D 98 -13.43 3.85 -23.89
CA ASP D 98 -14.78 4.25 -23.51
C ASP D 98 -15.85 3.62 -24.40
N LEU D 99 -15.49 3.22 -25.62
CA LEU D 99 -16.43 2.53 -26.50
C LEU D 99 -16.52 1.04 -26.23
N GLY D 100 -15.83 0.54 -25.21
CA GLY D 100 -15.89 -0.86 -24.85
C GLY D 100 -14.87 -1.74 -25.52
N CYS D 101 -13.87 -1.18 -26.19
CA CYS D 101 -12.85 -2.00 -26.83
C CYS D 101 -12.06 -2.78 -25.78
N THR D 102 -11.82 -4.06 -26.07
CA THR D 102 -10.91 -4.88 -25.29
C THR D 102 -9.54 -5.00 -25.93
N HIS D 103 -9.45 -4.76 -27.23
CA HIS D 103 -8.22 -4.90 -28.01
C HIS D 103 -8.03 -3.68 -28.89
N ILE D 104 -6.77 -3.40 -29.21
CA ILE D 104 -6.41 -2.41 -30.21
C ILE D 104 -5.39 -3.03 -31.16
N LEU D 105 -5.73 -3.06 -32.44
CA LEU D 105 -4.78 -3.39 -33.49
C LEU D 105 -4.38 -2.08 -34.18
N ALA D 106 -3.07 -1.90 -34.41
CA ALA D 106 -2.56 -0.67 -34.97
C ALA D 106 -1.60 -0.97 -36.11
N THR D 107 -1.53 -0.05 -37.07
CA THR D 107 -0.58 -0.13 -38.17
C THR D 107 0.38 1.04 -38.10
N THR D 108 1.55 0.88 -38.71
CA THR D 108 2.51 1.97 -38.80
C THR D 108 3.40 1.76 -40.02
N ALA D 109 3.56 2.81 -40.82
CA ALA D 109 4.49 2.77 -41.94
C ALA D 109 5.90 3.11 -41.45
N CYS D 110 6.88 2.30 -41.85
CA CYS D 110 8.21 2.40 -41.25
C CYS D 110 9.28 2.23 -42.30
N GLY D 111 10.50 2.63 -41.93
CA GLY D 111 11.69 2.42 -42.74
C GLY D 111 12.54 1.32 -42.15
N SER D 112 13.23 0.59 -43.02
CA SER D 112 14.04 -0.55 -42.59
C SER D 112 15.43 -0.10 -42.17
N LEU D 113 15.97 -0.78 -41.15
CA LEU D 113 17.36 -0.61 -40.73
C LEU D 113 18.21 -1.87 -40.94
N GLN D 114 17.64 -2.94 -41.50
CA GLN D 114 18.35 -4.21 -41.59
C GLN D 114 18.10 -4.86 -42.95
N GLU D 115 19.06 -5.69 -43.38
CA GLU D 115 19.09 -6.18 -44.75
C GLU D 115 17.88 -7.05 -45.08
N ASP D 116 17.40 -7.84 -44.12
CA ASP D 116 16.34 -8.79 -44.41
C ASP D 116 14.94 -8.18 -44.34
N LEU D 117 14.83 -6.90 -43.98
CA LEU D 117 13.55 -6.20 -43.96
C LEU D 117 13.53 -5.26 -45.16
N VAL D 118 12.70 -5.57 -46.14
CA VAL D 118 12.70 -4.81 -47.39
C VAL D 118 11.30 -4.25 -47.60
N PRO D 119 11.18 -3.19 -48.39
CA PRO D 119 9.84 -2.61 -48.64
C PRO D 119 8.87 -3.66 -49.15
N GLY D 120 7.66 -3.63 -48.60
CA GLY D 120 6.65 -4.62 -48.87
C GLY D 120 6.49 -5.66 -47.77
N ASP D 121 7.47 -5.80 -46.89
CA ASP D 121 7.38 -6.69 -45.75
C ASP D 121 6.53 -6.05 -44.66
N PHE D 122 6.06 -6.89 -43.74
CA PHE D 122 5.42 -6.44 -42.52
C PHE D 122 6.22 -6.95 -41.32
N VAL D 123 6.04 -6.29 -40.17
CA VAL D 123 6.71 -6.69 -38.93
C VAL D 123 5.68 -6.66 -37.81
N VAL D 124 5.47 -7.81 -37.15
CA VAL D 124 4.69 -7.86 -35.92
C VAL D 124 5.67 -7.57 -34.79
N LEU D 125 5.73 -6.30 -34.39
CA LEU D 125 6.72 -5.84 -33.43
C LEU D 125 6.55 -6.52 -32.08
N ASN D 126 7.68 -6.72 -31.39
CA ASN D 126 7.64 -7.17 -30.00
C ASN D 126 8.49 -6.33 -29.07
N GLN D 127 9.25 -5.35 -29.59
CA GLN D 127 10.14 -4.54 -28.78
C GLN D 127 10.24 -3.14 -29.36
N PHE D 128 10.71 -2.19 -28.55
CA PHE D 128 10.98 -0.86 -29.08
C PHE D 128 12.03 -0.16 -28.23
N MET D 129 12.65 0.85 -28.83
CA MET D 129 13.49 1.83 -28.14
C MET D 129 12.90 3.20 -28.35
N ASP D 130 12.68 3.93 -27.26
CA ASP D 130 11.90 5.16 -27.27
C ASP D 130 12.84 6.36 -27.36
N LYS D 131 12.70 7.14 -28.44
CA LYS D 131 13.40 8.42 -28.56
C LYS D 131 12.41 9.57 -28.73
N THR D 132 11.18 9.40 -28.29
CA THR D 132 10.21 10.48 -28.34
C THR D 132 10.35 11.39 -27.12
N TRP D 133 9.76 12.58 -27.24
CA TRP D 133 9.75 13.55 -26.16
C TRP D 133 8.61 14.53 -26.43
N GLY D 134 8.17 15.20 -25.37
CA GLY D 134 7.17 16.23 -25.50
C GLY D 134 5.75 15.76 -25.75
N ARG D 135 5.51 14.45 -25.71
CA ARG D 135 4.18 13.90 -25.88
C ARG D 135 3.62 13.49 -24.53
N GLU D 136 2.30 13.62 -24.37
CA GLU D 136 1.63 13.12 -23.18
C GLU D 136 1.64 11.59 -23.21
N ASN D 137 2.39 10.98 -22.29
CA ASN D 137 2.65 9.55 -22.38
C ASN D 137 2.04 8.74 -21.25
N THR D 138 1.25 9.36 -20.37
CA THR D 138 0.59 8.62 -19.30
C THR D 138 -0.73 9.30 -18.95
N PHE D 139 -1.69 8.50 -18.51
CA PHE D 139 -2.98 9.03 -18.05
C PHE D 139 -2.90 9.59 -16.63
N TYR D 140 -1.89 9.23 -15.85
CA TYR D 140 -1.86 9.51 -14.43
C TYR D 140 -0.80 10.55 -14.08
N GLY D 141 -1.10 11.34 -13.05
CA GLY D 141 -0.17 12.34 -12.59
C GLY D 141 -0.75 13.19 -11.49
N SER D 142 -0.09 14.33 -11.24
CA SER D 142 -0.51 15.27 -10.22
C SER D 142 -1.11 16.55 -10.79
N LYS D 143 -1.10 16.74 -12.10
CA LYS D 143 -1.69 17.91 -12.73
C LYS D 143 -3.19 17.71 -12.93
N PRO D 144 -3.97 18.79 -13.00
CA PRO D 144 -5.42 18.64 -13.13
C PRO D 144 -5.85 18.03 -14.45
N ASP D 145 -4.96 17.97 -15.45
CA ASP D 145 -5.26 17.41 -16.75
C ASP D 145 -5.13 15.89 -16.80
N SER D 146 -4.88 15.24 -15.66
CA SER D 146 -4.63 13.80 -15.64
C SER D 146 -5.42 13.16 -14.52
N LEU D 147 -5.46 11.83 -14.55
CA LEU D 147 -6.03 11.07 -13.44
C LEU D 147 -5.09 11.11 -12.26
N LYS D 148 -5.66 11.12 -11.05
CA LYS D 148 -4.84 11.21 -9.85
C LYS D 148 -4.23 9.85 -9.53
N GLY D 149 -2.92 9.86 -9.24
CA GLY D 149 -2.21 8.63 -8.95
C GLY D 149 -0.84 8.60 -9.61
N VAL D 150 -0.01 7.65 -9.21
CA VAL D 150 1.33 7.45 -9.78
C VAL D 150 1.39 6.02 -10.29
N LEU D 151 1.44 5.85 -11.60
CA LEU D 151 1.38 4.55 -12.24
C LEU D 151 2.72 4.23 -12.89
N HIS D 152 3.37 3.16 -12.41
CA HIS D 152 4.66 2.69 -12.93
C HIS D 152 4.44 1.30 -13.53
N MET D 153 4.18 1.26 -14.85
CA MET D 153 3.78 0.05 -15.56
C MET D 153 5.02 -0.71 -16.04
N PRO D 154 5.11 -2.02 -15.80
CA PRO D 154 6.18 -2.80 -16.43
C PRO D 154 5.98 -2.86 -17.94
N MET D 155 7.10 -2.80 -18.67
CA MET D 155 7.04 -2.77 -20.13
C MET D 155 8.13 -3.62 -20.78
N ALA D 156 8.71 -4.58 -20.04
CA ALA D 156 9.81 -5.38 -20.58
C ALA D 156 9.44 -6.03 -21.90
N GLU D 157 8.25 -6.63 -21.96
CA GLU D 157 7.65 -7.15 -23.20
C GLU D 157 6.38 -6.35 -23.42
N PRO D 158 6.44 -5.25 -24.17
CA PRO D 158 5.40 -4.22 -24.07
C PRO D 158 4.11 -4.49 -24.83
N PHE D 159 4.03 -5.54 -25.64
CA PHE D 159 2.82 -5.87 -26.38
C PHE D 159 2.06 -6.99 -25.69
N CYS D 160 0.82 -7.20 -26.14
CA CYS D 160 0.05 -8.38 -25.72
C CYS D 160 0.48 -9.56 -26.59
N GLU D 161 1.11 -10.55 -25.97
CA GLU D 161 1.68 -11.66 -26.74
C GLU D 161 0.59 -12.48 -27.44
N ARG D 162 -0.52 -12.72 -26.76
CA ARG D 162 -1.63 -13.43 -27.39
C ARG D 162 -2.09 -12.72 -28.66
N THR D 163 -2.21 -11.39 -28.60
CA THR D 163 -2.68 -10.65 -29.76
C THR D 163 -1.61 -10.58 -30.85
N ARG D 164 -0.33 -10.52 -30.49
CA ARG D 164 0.75 -10.62 -31.47
C ARG D 164 0.63 -11.91 -32.28
N GLN D 165 0.45 -13.04 -31.59
CA GLN D 165 0.37 -14.31 -32.28
C GLN D 165 -0.89 -14.42 -33.14
N ILE D 166 -1.95 -13.69 -32.78
CA ILE D 166 -3.14 -13.63 -33.61
C ILE D 166 -2.82 -12.98 -34.96
N LEU D 167 -2.10 -11.86 -34.94
CA LEU D 167 -1.71 -11.20 -36.18
C LEU D 167 -0.87 -12.11 -37.05
N ILE D 168 0.06 -12.85 -36.44
CA ILE D 168 0.90 -13.77 -37.20
C ILE D 168 0.06 -14.90 -37.79
N GLN D 169 -0.86 -15.47 -36.99
CA GLN D 169 -1.71 -16.54 -37.51
C GLN D 169 -2.61 -16.03 -38.61
N ALA D 170 -3.11 -14.79 -38.48
CA ALA D 170 -3.94 -14.20 -39.53
C ALA D 170 -3.17 -14.12 -40.85
N ALA D 171 -1.87 -13.80 -40.78
CA ALA D 171 -1.05 -13.77 -41.98
C ALA D 171 -0.95 -15.16 -42.61
N ARG D 172 -0.74 -16.19 -41.79
CA ARG D 172 -0.71 -17.56 -42.32
C ARG D 172 -2.04 -17.92 -42.98
N ASN D 173 -3.15 -17.57 -42.34
CA ASN D 173 -4.47 -17.92 -42.85
C ASN D 173 -4.79 -17.24 -44.17
N LYS D 174 -4.14 -16.12 -44.47
CA LYS D 174 -4.32 -15.42 -45.73
C LYS D 174 -3.21 -15.72 -46.74
N SER D 175 -2.47 -16.80 -46.52
CA SER D 175 -1.42 -17.25 -47.44
C SER D 175 -0.34 -16.21 -47.63
N ILE D 176 0.04 -15.54 -46.54
CA ILE D 176 1.12 -14.57 -46.54
C ILE D 176 2.33 -15.20 -45.83
N ASN D 177 3.49 -15.12 -46.47
CA ASN D 177 4.69 -15.72 -45.91
C ASN D 177 5.01 -15.12 -44.54
N VAL D 178 5.43 -15.98 -43.61
CA VAL D 178 5.88 -15.58 -42.29
C VAL D 178 7.31 -16.02 -42.12
N TYR D 179 8.18 -15.09 -41.72
CA TYR D 179 9.58 -15.39 -41.46
C TYR D 179 9.85 -15.22 -39.97
N ASP D 180 10.31 -16.29 -39.32
CA ASP D 180 10.60 -16.32 -37.89
C ASP D 180 12.09 -16.60 -37.74
N LYS D 181 12.88 -15.54 -37.56
CA LYS D 181 14.33 -15.70 -37.49
C LYS D 181 14.78 -16.50 -36.27
N LYS D 182 13.89 -16.74 -35.31
CA LYS D 182 14.25 -17.57 -34.16
C LYS D 182 14.23 -19.06 -34.50
N THR D 183 13.53 -19.45 -35.57
CA THR D 183 13.45 -20.85 -35.98
C THR D 183 13.82 -21.10 -37.44
N MET D 184 14.04 -20.05 -38.23
CA MET D 184 14.34 -20.20 -39.65
C MET D 184 15.66 -19.50 -39.97
N ASP D 185 16.38 -20.05 -40.94
CA ASP D 185 17.62 -19.45 -41.41
C ASP D 185 17.31 -18.33 -42.41
N LYS D 186 18.26 -17.40 -42.53
CA LYS D 186 18.12 -16.24 -43.41
C LYS D 186 17.78 -16.65 -44.83
N SER D 187 18.24 -17.84 -45.26
CA SER D 187 17.94 -18.34 -46.59
C SER D 187 16.47 -18.72 -46.77
N ALA D 188 15.71 -18.84 -45.67
CA ALA D 188 14.30 -19.18 -45.74
C ALA D 188 13.39 -17.95 -45.68
N CYS D 189 13.95 -16.76 -45.86
CA CYS D 189 13.18 -15.51 -45.84
C CYS D 189 12.68 -15.23 -47.25
N ILE D 190 11.37 -15.33 -47.46
CA ILE D 190 10.76 -15.21 -48.78
C ILE D 190 9.87 -13.97 -48.78
N HIS D 191 10.25 -12.98 -49.58
CA HIS D 191 9.51 -11.72 -49.64
C HIS D 191 8.33 -11.79 -50.62
N PRO D 192 7.26 -11.04 -50.34
CA PRO D 192 7.05 -10.24 -49.13
C PRO D 192 6.63 -11.13 -47.96
N CYS D 193 7.11 -10.82 -46.75
CA CYS D 193 6.84 -11.68 -45.62
C CYS D 193 6.50 -10.85 -44.38
N VAL D 194 5.77 -11.47 -43.48
CA VAL D 194 5.54 -10.94 -42.14
C VAL D 194 6.66 -11.45 -41.24
N HIS D 195 7.45 -10.53 -40.68
CA HIS D 195 8.48 -10.91 -39.72
C HIS D 195 7.83 -11.12 -38.36
N ALA D 196 8.04 -12.31 -37.78
CA ALA D 196 7.31 -12.71 -36.59
C ALA D 196 7.76 -11.98 -35.32
N GLU D 197 8.86 -11.26 -35.38
CA GLU D 197 9.29 -10.40 -34.29
C GLU D 197 10.10 -9.25 -34.86
N GLY D 198 10.37 -8.26 -34.02
CA GLY D 198 11.16 -7.12 -34.45
C GLY D 198 11.11 -5.98 -33.47
N SER D 199 12.12 -5.10 -33.53
CA SER D 199 12.21 -3.96 -32.64
C SER D 199 12.15 -2.66 -33.46
N ALA D 200 11.47 -1.67 -32.91
CA ALA D 200 11.34 -0.37 -33.56
C ALA D 200 12.05 0.68 -32.72
N VAL D 201 12.79 1.58 -33.38
CA VAL D 201 13.18 2.83 -32.75
C VAL D 201 12.16 3.87 -33.14
N THR D 202 11.53 4.49 -32.15
CA THR D 202 10.51 5.51 -32.39
C THR D 202 11.14 6.87 -32.17
N ILE D 203 11.37 7.60 -33.26
CA ILE D 203 11.92 8.94 -33.21
C ILE D 203 10.77 9.95 -33.18
N ASN D 204 11.07 11.16 -32.73
CA ASN D 204 9.98 12.11 -32.48
C ASN D 204 9.46 12.76 -33.74
N GLY D 205 10.28 12.86 -34.78
CA GLY D 205 9.89 13.55 -36.00
C GLY D 205 9.88 15.05 -35.80
N PRO D 206 9.40 15.78 -36.83
CA PRO D 206 8.89 15.23 -38.08
C PRO D 206 9.99 14.87 -39.08
N ARG D 207 11.22 15.33 -38.87
CA ARG D 207 12.28 15.03 -39.81
C ARG D 207 12.70 13.56 -39.71
N PHE D 208 13.19 13.03 -40.83
CA PHE D 208 13.82 11.72 -40.81
C PHE D 208 15.23 11.82 -40.23
N SER D 209 15.84 10.66 -40.01
CA SER D 209 17.14 10.58 -39.33
C SER D 209 18.28 11.00 -40.26
N THR D 210 19.36 11.49 -39.65
CA THR D 210 20.60 11.63 -40.40
C THR D 210 21.25 10.27 -40.61
N ARG D 211 22.16 10.21 -41.57
CA ARG D 211 22.93 8.96 -41.77
C ARG D 211 23.67 8.57 -40.50
N CYS D 212 24.22 9.56 -39.79
CA CYS D 212 24.87 9.30 -38.50
C CYS D 212 23.93 8.61 -37.52
N GLU D 213 22.71 9.14 -37.38
CA GLU D 213 21.74 8.55 -36.47
C GLU D 213 21.29 7.16 -36.94
N SER D 214 21.05 7.01 -38.24
CA SER D 214 20.65 5.70 -38.76
C SER D 214 21.73 4.65 -38.53
N PHE D 215 23.00 5.01 -38.74
CA PHE D 215 24.10 4.09 -38.49
C PHE D 215 24.11 3.63 -37.04
N ILE D 216 23.93 4.56 -36.10
CA ILE D 216 23.93 4.20 -34.68
C ILE D 216 22.74 3.31 -34.35
N HIS D 217 21.56 3.63 -34.88
CA HIS D 217 20.39 2.79 -34.63
C HIS D 217 20.60 1.38 -35.18
N LYS D 218 21.18 1.27 -36.37
CA LYS D 218 21.46 -0.05 -36.93
C LYS D 218 22.46 -0.81 -36.08
N ALA D 219 23.49 -0.11 -35.59
CA ALA D 219 24.51 -0.76 -34.77
C ALA D 219 23.93 -1.28 -33.46
N MET D 220 22.86 -0.66 -32.96
CA MET D 220 22.20 -1.12 -31.74
C MET D 220 21.30 -2.33 -31.97
N GLY D 221 21.17 -2.80 -33.21
CA GLY D 221 20.36 -3.97 -33.49
C GLY D 221 18.90 -3.70 -33.75
N LEU D 222 18.50 -2.44 -33.91
CA LEU D 222 17.10 -2.11 -34.17
C LEU D 222 16.71 -2.47 -35.61
N ASP D 223 15.46 -2.91 -35.77
CA ASP D 223 15.02 -3.43 -37.06
C ASP D 223 14.39 -2.37 -37.95
N ILE D 224 13.54 -1.50 -37.38
CA ILE D 224 12.81 -0.50 -38.15
C ILE D 224 12.83 0.83 -37.40
N VAL D 225 12.50 1.89 -38.12
CA VAL D 225 12.34 3.22 -37.54
C VAL D 225 10.95 3.73 -37.87
N ASN D 226 10.28 4.31 -36.89
CA ASN D 226 8.97 4.93 -37.10
C ASN D 226 8.84 6.10 -36.14
N MET D 227 7.64 6.71 -36.14
CA MET D 227 7.41 7.92 -35.34
C MET D 227 6.18 7.87 -34.45
N THR D 228 5.40 6.78 -34.48
CA THR D 228 4.06 6.79 -33.90
C THR D 228 3.78 5.68 -32.89
N LEU D 229 4.72 4.75 -32.68
CA LEU D 229 4.45 3.61 -31.80
C LEU D 229 4.31 4.03 -30.34
N VAL D 230 5.16 4.95 -29.90
CA VAL D 230 5.19 5.43 -28.53
C VAL D 230 4.64 6.86 -28.53
N PRO D 231 3.75 7.19 -27.58
CA PRO D 231 3.29 6.43 -26.41
C PRO D 231 2.03 5.59 -26.60
N GLU D 232 1.65 5.33 -27.86
CA GLU D 232 0.40 4.61 -28.11
C GLU D 232 0.40 3.24 -27.43
N VAL D 233 1.49 2.49 -27.59
CA VAL D 233 1.58 1.15 -26.99
C VAL D 233 1.54 1.24 -25.47
N SER D 234 2.20 2.25 -24.90
CA SER D 234 2.24 2.40 -23.45
C SER D 234 0.86 2.73 -22.89
N LEU D 235 0.15 3.66 -23.53
CA LEU D 235 -1.16 4.09 -23.03
C LEU D 235 -2.18 2.96 -23.13
N ALA D 236 -2.08 2.11 -24.16
CA ALA D 236 -3.02 0.99 -24.27
C ALA D 236 -2.90 0.06 -23.07
N ARG D 237 -1.68 -0.21 -22.61
CA ARG D 237 -1.52 -1.05 -21.42
C ARG D 237 -2.00 -0.34 -20.17
N GLU D 238 -1.75 0.98 -20.08
CA GLU D 238 -2.31 1.75 -18.97
C GLU D 238 -3.83 1.65 -18.93
N ALA D 239 -4.47 1.57 -20.10
CA ALA D 239 -5.91 1.49 -20.19
C ALA D 239 -6.44 0.07 -19.98
N GLY D 240 -5.57 -0.90 -19.79
CA GLY D 240 -6.00 -2.27 -19.62
C GLY D 240 -6.43 -2.96 -20.90
N LEU D 241 -5.92 -2.51 -22.04
CA LEU D 241 -6.28 -3.05 -23.34
C LEU D 241 -5.13 -3.88 -23.91
N SER D 242 -5.48 -4.93 -24.65
CA SER D 242 -4.50 -5.75 -25.36
C SER D 242 -4.15 -5.07 -26.68
N TYR D 243 -2.86 -4.80 -26.87
CA TYR D 243 -2.38 -3.99 -28.00
C TYR D 243 -1.35 -4.80 -28.80
N ALA D 244 -1.47 -4.73 -30.12
CA ALA D 244 -0.47 -5.29 -31.03
C ALA D 244 -0.37 -4.40 -32.26
N SER D 245 0.85 -4.27 -32.78
CA SER D 245 1.15 -3.42 -33.93
C SER D 245 1.66 -4.26 -35.08
N ILE D 246 1.22 -3.92 -36.29
CA ILE D 246 1.80 -4.46 -37.51
C ILE D 246 2.40 -3.30 -38.30
N ALA D 247 3.71 -3.35 -38.51
CA ALA D 247 4.42 -2.30 -39.23
C ALA D 247 4.50 -2.66 -40.70
N ILE D 248 4.41 -1.65 -41.56
CA ILE D 248 4.53 -1.81 -43.01
C ILE D 248 5.85 -1.18 -43.44
N VAL D 249 6.77 -2.00 -43.95
CA VAL D 249 8.05 -1.49 -44.42
C VAL D 249 7.84 -0.82 -45.76
N THR D 250 8.23 0.45 -45.87
CA THR D 250 8.17 1.17 -47.13
C THR D 250 9.53 1.81 -47.40
N ASP D 251 9.57 2.77 -48.31
CA ASP D 251 10.81 3.33 -48.82
C ASP D 251 10.72 4.85 -48.77
N PHE D 252 11.54 5.47 -47.92
CA PHE D 252 11.56 6.92 -47.76
C PHE D 252 12.75 7.59 -48.44
N ASP D 253 13.48 6.86 -49.28
CA ASP D 253 14.73 7.36 -49.84
C ASP D 253 14.65 7.65 -51.33
N CYS D 254 13.47 8.03 -51.83
CA CYS D 254 13.35 8.41 -53.24
C CYS D 254 14.07 9.71 -53.56
N TRP D 255 14.46 10.49 -52.55
CA TRP D 255 15.25 11.70 -52.81
C TRP D 255 16.61 11.38 -53.42
N LYS D 256 17.05 10.13 -53.32
CA LYS D 256 18.34 9.73 -53.88
C LYS D 256 18.27 9.44 -55.37
N SER D 257 17.12 8.98 -55.86
CA SER D 257 17.03 8.54 -57.25
C SER D 257 17.11 9.73 -58.20
N GLU D 258 17.48 9.43 -59.45
CA GLU D 258 17.61 10.44 -60.49
C GLU D 258 16.27 10.89 -61.07
N GLU D 259 15.16 10.29 -60.61
CA GLU D 259 13.82 10.66 -61.08
C GLU D 259 12.87 10.47 -59.89
N GLU D 260 12.88 11.47 -59.00
CA GLU D 260 12.13 11.35 -57.75
C GLU D 260 10.64 11.16 -58.00
N HIS D 261 10.10 11.83 -59.02
CA HIS D 261 8.68 11.70 -59.31
C HIS D 261 8.33 10.27 -59.73
N VAL D 262 9.20 9.63 -60.51
CA VAL D 262 8.96 8.25 -60.91
C VAL D 262 9.16 7.30 -59.75
N CYS D 263 10.16 7.59 -58.90
CA CYS D 263 10.43 6.74 -57.74
C CYS D 263 9.26 6.76 -56.77
N VAL D 264 8.75 7.96 -56.44
CA VAL D 264 7.65 8.08 -55.50
C VAL D 264 6.42 7.34 -56.01
N ASP D 265 6.16 7.42 -57.31
CA ASP D 265 5.04 6.69 -57.90
C ASP D 265 5.20 5.19 -57.70
N MET D 266 6.41 4.66 -57.88
CA MET D 266 6.62 3.23 -57.74
C MET D 266 6.49 2.77 -56.29
N VAL D 267 7.04 3.55 -55.36
CA VAL D 267 6.94 3.20 -53.94
C VAL D 267 5.50 3.32 -53.46
N LEU D 268 4.77 4.31 -53.96
CA LEU D 268 3.38 4.49 -53.57
C LEU D 268 2.51 3.35 -54.09
N GLU D 269 2.82 2.83 -55.28
CA GLU D 269 2.08 1.68 -55.79
C GLU D 269 2.37 0.43 -54.98
N GLN D 270 3.63 0.22 -54.60
CA GLN D 270 3.97 -0.90 -53.72
C GLN D 270 3.30 -0.75 -52.37
N PHE D 271 3.23 0.47 -51.85
CA PHE D 271 2.60 0.69 -50.54
C PHE D 271 1.11 0.41 -50.61
N ARG D 272 0.46 0.73 -51.74
CA ARG D 272 -0.95 0.40 -51.91
C ARG D 272 -1.16 -1.12 -51.90
N LYS D 273 -0.26 -1.86 -52.56
CA LYS D 273 -0.31 -3.32 -52.50
C LYS D 273 -0.16 -3.83 -51.08
N SER D 274 0.73 -3.21 -50.30
CA SER D 274 0.91 -3.61 -48.90
C SER D 274 -0.35 -3.37 -48.09
N VAL D 275 -0.99 -2.20 -48.27
CA VAL D 275 -2.18 -1.86 -47.51
C VAL D 275 -3.29 -2.87 -47.78
N VAL D 276 -3.36 -3.39 -49.01
CA VAL D 276 -4.36 -4.41 -49.34
C VAL D 276 -4.17 -5.65 -48.46
N HIS D 277 -2.92 -6.10 -48.32
CA HIS D 277 -2.66 -7.31 -47.54
C HIS D 277 -2.79 -7.06 -46.04
N VAL D 278 -2.39 -5.86 -45.58
CA VAL D 278 -2.57 -5.53 -44.18
C VAL D 278 -4.06 -5.52 -43.82
N ARG D 279 -4.88 -4.97 -44.70
CA ARG D 279 -6.32 -4.98 -44.50
C ARG D 279 -6.85 -6.40 -44.39
N GLU D 280 -6.36 -7.32 -45.23
CA GLU D 280 -6.74 -8.72 -45.12
C GLU D 280 -6.32 -9.30 -43.78
N ILE D 281 -5.12 -8.95 -43.30
CA ILE D 281 -4.64 -9.46 -42.03
C ILE D 281 -5.50 -8.94 -40.88
N LEU D 282 -5.80 -7.65 -40.89
CA LEU D 282 -6.58 -7.06 -39.80
C LEU D 282 -7.98 -7.64 -39.74
N LEU D 283 -8.64 -7.82 -40.89
CA LEU D 283 -9.99 -8.38 -40.89
C LEU D 283 -10.01 -9.82 -40.38
N GLU D 284 -9.02 -10.63 -40.80
CA GLU D 284 -8.93 -11.99 -40.28
C GLU D 284 -8.62 -12.00 -38.79
N ALA D 285 -7.79 -11.05 -38.34
CA ALA D 285 -7.38 -11.03 -36.94
C ALA D 285 -8.56 -10.70 -36.02
N VAL D 286 -9.44 -9.80 -36.44
CA VAL D 286 -10.62 -9.49 -35.64
C VAL D 286 -11.46 -10.74 -35.44
N ALA D 287 -11.63 -11.54 -36.49
CA ALA D 287 -12.40 -12.77 -36.36
C ALA D 287 -11.70 -13.76 -35.43
N LEU D 288 -10.37 -13.87 -35.54
CA LEU D 288 -9.62 -14.79 -34.69
C LEU D 288 -9.70 -14.38 -33.22
N ILE D 289 -9.69 -13.07 -32.95
CA ILE D 289 -9.81 -12.59 -31.59
C ILE D 289 -11.18 -12.96 -31.02
N GLY D 290 -12.25 -12.73 -31.79
CA GLY D 290 -13.59 -13.05 -31.35
C GLY D 290 -13.88 -14.53 -31.23
N ALA D 291 -12.99 -15.39 -31.72
CA ALA D 291 -13.20 -16.83 -31.66
C ALA D 291 -12.67 -17.46 -30.38
N GLU D 292 -11.97 -16.71 -29.54
CA GLU D 292 -11.35 -17.25 -28.33
C GLU D 292 -11.91 -16.56 -27.10
N ASP D 293 -11.67 -17.18 -25.95
CA ASP D 293 -12.07 -16.65 -24.66
C ASP D 293 -10.96 -15.78 -24.10
N TRP D 294 -11.30 -14.56 -23.68
CA TRP D 294 -10.32 -13.59 -23.20
C TRP D 294 -10.57 -13.15 -21.76
N THR D 295 -11.41 -13.88 -21.02
CA THR D 295 -11.77 -13.44 -19.68
C THR D 295 -10.55 -13.34 -18.77
N LYS D 296 -9.69 -14.37 -18.79
CA LYS D 296 -8.54 -14.40 -17.90
C LYS D 296 -7.51 -13.35 -18.32
N THR D 297 -7.32 -13.14 -19.62
CA THR D 297 -6.35 -12.15 -20.09
C THR D 297 -6.83 -10.73 -19.78
N ILE D 298 -8.13 -10.47 -19.95
CA ILE D 298 -8.65 -9.14 -19.68
C ILE D 298 -8.54 -8.82 -18.18
N GLU D 299 -8.85 -9.80 -17.33
CA GLU D 299 -8.73 -9.59 -15.89
C GLU D 299 -7.28 -9.32 -15.50
N ALA D 300 -6.34 -9.99 -16.15
CA ALA D 300 -4.93 -9.73 -15.88
C ALA D 300 -4.50 -8.35 -16.37
N ASN D 301 -5.04 -7.90 -17.50
CA ASN D 301 -4.76 -6.56 -17.99
C ASN D 301 -5.17 -5.50 -16.97
N LYS D 302 -6.37 -5.64 -16.43
CA LYS D 302 -6.88 -4.66 -15.46
C LYS D 302 -6.17 -4.78 -14.13
N ALA D 303 -5.82 -6.00 -13.71
CA ALA D 303 -5.13 -6.17 -12.44
C ALA D 303 -3.71 -5.62 -12.48
N LEU D 304 -3.08 -5.65 -13.66
CA LEU D 304 -1.73 -5.10 -13.79
C LEU D 304 -1.73 -3.59 -13.58
N VAL D 305 -2.78 -2.91 -14.06
CA VAL D 305 -2.89 -1.47 -13.84
C VAL D 305 -3.01 -1.17 -12.35
N MET D 306 -3.84 -1.95 -11.63
CA MET D 306 -4.02 -1.70 -10.20
C MET D 306 -2.75 -1.99 -9.41
N SER D 307 -2.02 -3.05 -9.80
CA SER D 307 -0.80 -3.40 -9.06
C SER D 307 0.34 -2.42 -9.33
N SER D 308 0.25 -1.64 -10.42
CA SER D 308 1.29 -0.69 -10.77
C SER D 308 1.05 0.70 -10.17
N ARG D 309 0.00 0.87 -9.37
CA ARG D 309 -0.29 2.14 -8.72
C ARG D 309 0.59 2.27 -7.48
N GLN D 310 1.61 3.15 -7.55
CA GLN D 310 2.51 3.33 -6.43
C GLN D 310 1.90 4.17 -5.32
N ASP D 311 1.00 5.10 -5.67
CA ASP D 311 0.36 5.93 -4.65
C ASP D 311 -0.57 5.11 -3.76
N LEU D 312 -1.09 4.00 -4.27
CA LEU D 312 -1.99 3.14 -3.51
C LEU D 312 -1.21 2.21 -2.59
N LYS E 24 27.26 27.18 9.98
CA LYS E 24 28.29 27.04 8.96
C LYS E 24 27.97 25.86 8.04
N VAL E 25 27.52 24.75 8.63
CA VAL E 25 27.22 23.53 7.88
C VAL E 25 25.82 23.07 8.29
N LYS E 26 25.01 22.73 7.29
CA LYS E 26 23.63 22.34 7.49
C LYS E 26 23.25 21.39 6.36
N VAL E 27 22.74 20.21 6.71
CA VAL E 27 22.58 19.12 5.76
C VAL E 27 21.10 19.00 5.40
N GLY E 28 20.78 19.20 4.13
CA GLY E 28 19.47 18.88 3.62
C GLY E 28 19.42 17.43 3.15
N ILE E 29 18.25 16.81 3.32
CA ILE E 29 18.06 15.42 2.92
C ILE E 29 16.79 15.35 2.07
N ILE E 30 16.91 14.83 0.86
CA ILE E 30 15.78 14.57 -0.02
C ILE E 30 15.51 13.08 0.01
N GLY E 31 14.38 12.69 0.60
CA GLY E 31 14.02 11.29 0.71
C GLY E 31 13.17 10.84 -0.46
N GLY E 32 13.61 9.77 -1.11
CA GLY E 32 12.88 9.18 -2.22
C GLY E 32 11.85 8.17 -1.75
N SER E 33 11.61 7.17 -2.60
CA SER E 33 10.67 6.11 -2.25
C SER E 33 11.11 5.40 -0.97
N GLY E 34 10.14 5.07 -0.14
CA GLY E 34 10.41 4.58 1.19
C GLY E 34 10.62 5.65 2.24
N PHE E 35 10.80 6.90 1.81
CA PHE E 35 10.98 8.04 2.72
C PHE E 35 9.89 9.10 2.50
N ASP E 36 8.69 8.66 2.10
CA ASP E 36 7.61 9.61 1.84
C ASP E 36 7.21 10.37 3.11
N ASP E 37 7.35 9.74 4.28
CA ASP E 37 7.21 10.40 5.57
C ASP E 37 8.52 10.12 6.31
N PRO E 38 9.55 10.95 6.11
CA PRO E 38 10.92 10.59 6.48
C PRO E 38 11.11 10.16 7.92
N ASN E 39 10.89 11.07 8.86
CA ASN E 39 11.05 10.82 10.30
C ASN E 39 12.48 10.35 10.61
N LEU E 40 13.40 11.32 10.55
CA LEU E 40 14.82 11.11 10.84
C LEU E 40 15.26 11.68 12.19
N PHE E 41 14.52 12.65 12.73
CA PHE E 41 14.86 13.30 13.98
C PHE E 41 13.60 13.95 14.52
N LYS E 42 13.69 14.40 15.78
CA LYS E 42 12.59 15.15 16.38
C LYS E 42 12.34 16.41 15.57
N LYS E 43 11.08 16.66 15.24
CA LYS E 43 10.73 17.83 14.46
C LYS E 43 10.82 19.07 15.35
N VAL E 44 11.67 20.01 14.98
CA VAL E 44 11.78 21.29 15.67
C VAL E 44 10.97 22.36 14.97
N GLY E 45 11.10 22.46 13.66
CA GLY E 45 10.33 23.42 12.88
C GLY E 45 9.78 22.80 11.62
N VAL E 46 8.56 23.18 11.29
CA VAL E 46 7.90 22.74 10.05
C VAL E 46 7.66 23.98 9.21
N ARG E 47 8.17 23.99 7.99
CA ARG E 47 8.15 25.16 7.11
C ARG E 47 7.35 24.84 5.86
N GLN E 48 6.28 25.61 5.65
CA GLN E 48 5.55 25.58 4.38
C GLN E 48 6.03 26.79 3.58
N VAL E 49 6.98 26.56 2.67
CA VAL E 49 7.68 27.65 2.01
C VAL E 49 7.31 27.67 0.54
N THR E 50 7.57 28.82 -0.08
CA THR E 50 7.49 28.98 -1.52
C THR E 50 8.82 29.52 -2.03
N THR E 51 9.11 29.22 -3.28
CA THR E 51 10.35 29.63 -3.90
C THR E 51 10.04 30.45 -5.15
N PRO E 52 11.02 31.13 -5.75
CA PRO E 52 10.77 31.77 -7.04
C PRO E 52 10.39 30.79 -8.14
N PHE E 53 10.51 29.49 -7.90
CA PHE E 53 10.24 28.47 -8.91
C PHE E 53 9.03 27.61 -8.57
N GLY E 54 8.27 27.98 -7.56
CA GLY E 54 7.08 27.25 -7.17
C GLY E 54 7.23 26.63 -5.79
N LYS E 55 6.23 25.78 -5.44
CA LYS E 55 6.20 25.12 -4.14
C LYS E 55 7.02 23.83 -4.17
N PRO E 56 7.75 23.55 -3.08
CA PRO E 56 8.42 22.24 -2.97
C PRO E 56 7.39 21.12 -2.84
N SER E 57 7.90 19.89 -2.91
CA SER E 57 7.03 18.71 -2.89
C SER E 57 6.18 18.64 -1.62
N ASP E 58 6.65 19.21 -0.52
CA ASP E 58 5.95 19.10 0.75
C ASP E 58 6.54 20.14 1.70
N THR E 59 5.98 20.20 2.92
CA THR E 59 6.58 21.03 3.95
C THR E 59 7.98 20.52 4.28
N LEU E 60 8.84 21.44 4.69
CA LEU E 60 10.22 21.13 5.04
C LEU E 60 10.35 21.05 6.56
N VAL E 61 10.98 20.00 7.04
CA VAL E 61 11.09 19.73 8.48
C VAL E 61 12.53 19.97 8.90
N GLU E 62 12.71 20.86 9.89
CA GLU E 62 14.02 21.22 10.42
C GLU E 62 14.23 20.59 11.78
N GLY E 63 15.50 20.33 12.08
CA GLY E 63 15.85 19.74 13.36
C GLY E 63 17.35 19.55 13.45
N PHE E 64 17.77 18.67 14.36
CA PHE E 64 19.17 18.43 14.59
C PHE E 64 19.46 16.93 14.63
N VAL E 65 20.61 16.55 14.12
CA VAL E 65 21.19 15.23 14.34
C VAL E 65 22.44 15.46 15.18
N GLY E 66 22.34 15.20 16.48
CA GLY E 66 23.38 15.64 17.39
C GLY E 66 23.40 17.15 17.42
N ASP E 67 24.54 17.75 17.10
CA ASP E 67 24.68 19.20 17.04
C ASP E 67 24.51 19.74 15.62
N VAL E 68 24.27 18.88 14.64
CA VAL E 68 24.26 19.28 13.23
C VAL E 68 22.83 19.62 12.82
N ALA E 69 22.63 20.84 12.31
CA ALA E 69 21.33 21.23 11.79
C ALA E 69 21.01 20.45 10.52
N CYS E 70 19.75 20.08 10.37
CA CYS E 70 19.33 19.21 9.28
C CYS E 70 17.93 19.58 8.83
N VAL E 71 17.67 19.41 7.54
CA VAL E 71 16.38 19.67 6.92
C VAL E 71 16.05 18.52 5.99
N VAL E 72 14.82 18.00 6.07
CA VAL E 72 14.41 16.86 5.26
C VAL E 72 13.09 17.19 4.56
N LEU E 73 12.95 16.71 3.32
CA LEU E 73 11.70 16.79 2.58
C LEU E 73 11.55 15.52 1.75
N PRO E 74 10.31 15.05 1.56
CA PRO E 74 10.10 13.89 0.69
C PRO E 74 9.96 14.28 -0.77
N ARG E 75 10.74 13.64 -1.65
CA ARG E 75 10.76 14.03 -3.06
C ARG E 75 9.37 13.95 -3.69
N HIS E 76 8.60 12.93 -3.32
CA HIS E 76 7.31 12.67 -3.95
C HIS E 76 6.14 13.19 -3.13
N GLY E 77 6.41 13.90 -2.05
CA GLY E 77 5.38 14.41 -1.17
C GLY E 77 4.77 13.32 -0.31
N LYS E 78 4.07 13.74 0.73
CA LYS E 78 3.31 12.81 1.55
C LYS E 78 2.24 12.13 0.71
N GLY E 79 2.16 10.81 0.82
CA GLY E 79 1.25 10.03 0.01
C GLY E 79 1.80 9.62 -1.34
N HIS E 80 2.99 10.10 -1.72
CA HIS E 80 3.64 9.73 -2.97
C HIS E 80 2.71 9.94 -4.17
N LEU E 81 2.25 11.18 -4.32
CA LEU E 81 1.33 11.54 -5.40
C LEU E 81 1.99 12.23 -6.57
N ILE E 82 3.27 12.57 -6.47
CA ILE E 82 3.98 13.32 -7.50
C ILE E 82 4.89 12.34 -8.25
N PRO E 83 4.66 12.10 -9.53
CA PRO E 83 5.52 11.20 -10.30
C PRO E 83 6.87 11.85 -10.58
N PRO E 84 7.89 11.07 -10.93
CA PRO E 84 9.24 11.63 -11.10
C PRO E 84 9.34 12.79 -12.08
N SER E 85 8.62 12.73 -13.21
CA SER E 85 8.73 13.79 -14.20
C SER E 85 8.05 15.09 -13.76
N GLU E 86 7.21 15.05 -12.73
CA GLU E 86 6.48 16.22 -12.28
C GLU E 86 7.02 16.80 -10.97
N VAL E 87 8.04 16.19 -10.37
CA VAL E 87 8.66 16.74 -9.17
C VAL E 87 9.25 18.10 -9.50
N ASN E 88 9.01 19.07 -8.62
CA ASN E 88 9.60 20.40 -8.78
C ASN E 88 11.00 20.39 -8.18
N TYR E 89 11.95 19.91 -8.99
CA TYR E 89 13.33 19.79 -8.52
C TYR E 89 13.92 21.15 -8.17
N ARG E 90 13.57 22.19 -8.94
CA ARG E 90 14.09 23.52 -8.66
C ARG E 90 13.63 24.01 -7.29
N ALA E 91 12.32 23.89 -7.02
CA ALA E 91 11.78 24.36 -5.75
C ALA E 91 12.38 23.59 -4.58
N ASN E 92 12.55 22.27 -4.73
CA ASN E 92 13.11 21.46 -3.65
C ASN E 92 14.54 21.90 -3.33
N VAL E 93 15.38 22.04 -4.36
CA VAL E 93 16.77 22.41 -4.13
C VAL E 93 16.87 23.86 -3.66
N TRP E 94 16.08 24.76 -4.25
CA TRP E 94 16.16 26.15 -3.86
C TRP E 94 15.65 26.37 -2.44
N ALA E 95 14.61 25.64 -2.05
CA ALA E 95 14.10 25.75 -0.68
C ALA E 95 15.15 25.29 0.33
N LEU E 96 15.90 24.24 0.01
CA LEU E 96 16.94 23.79 0.91
C LEU E 96 18.09 24.80 0.98
N LYS E 97 18.48 25.35 -0.18
CA LYS E 97 19.49 26.40 -0.17
C LYS E 97 19.03 27.61 0.62
N ASP E 98 17.75 27.97 0.51
CA ASP E 98 17.24 29.15 1.18
C ASP E 98 17.24 29.00 2.70
N LEU E 99 17.03 27.77 3.20
CA LEU E 99 17.10 27.53 4.63
C LEU E 99 18.53 27.42 5.15
N GLY E 100 19.53 27.60 4.28
CA GLY E 100 20.91 27.61 4.69
C GLY E 100 21.67 26.31 4.55
N CYS E 101 21.11 25.34 3.82
CA CYS E 101 21.82 24.07 3.65
C CYS E 101 23.10 24.29 2.86
N THR E 102 24.15 23.57 3.25
CA THR E 102 25.41 23.53 2.52
C THR E 102 25.61 22.21 1.78
N HIS E 103 24.90 21.16 2.20
CA HIS E 103 24.97 19.84 1.59
C HIS E 103 23.55 19.34 1.34
N ILE E 104 23.43 18.42 0.39
CA ILE E 104 22.21 17.65 0.18
C ILE E 104 22.58 16.19 0.05
N LEU E 105 22.00 15.34 0.89
CA LEU E 105 22.06 13.90 0.74
C LEU E 105 20.71 13.42 0.22
N ALA E 106 20.72 12.56 -0.79
CA ALA E 106 19.51 12.13 -1.44
C ALA E 106 19.51 10.61 -1.62
N THR E 107 18.32 10.02 -1.52
CA THR E 107 18.15 8.59 -1.77
C THR E 107 17.37 8.37 -3.05
N THR E 108 17.54 7.18 -3.62
CA THR E 108 16.74 6.78 -4.78
C THR E 108 16.65 5.27 -4.85
N ALA E 109 15.47 4.77 -5.16
CA ALA E 109 15.26 3.35 -5.42
C ALA E 109 15.49 3.07 -6.89
N CYS E 110 16.18 1.98 -7.19
CA CYS E 110 16.63 1.73 -8.54
C CYS E 110 16.59 0.24 -8.86
N GLY E 111 16.71 -0.06 -10.15
CA GLY E 111 16.83 -1.43 -10.64
C GLY E 111 18.24 -1.66 -11.16
N SER E 112 18.67 -2.91 -11.08
CA SER E 112 20.03 -3.26 -11.48
C SER E 112 20.12 -3.54 -12.97
N LEU E 113 21.26 -3.19 -13.56
CA LEU E 113 21.55 -3.51 -14.96
C LEU E 113 22.75 -4.42 -15.11
N GLN E 114 23.45 -4.77 -14.02
CA GLN E 114 24.66 -5.56 -14.06
C GLN E 114 24.60 -6.66 -13.01
N GLU E 115 25.35 -7.74 -13.25
CA GLU E 115 25.22 -8.94 -12.44
C GLU E 115 25.69 -8.73 -11.00
N ASP E 116 26.70 -7.88 -10.79
CA ASP E 116 27.25 -7.70 -9.46
C ASP E 116 26.42 -6.75 -8.59
N LEU E 117 25.38 -6.12 -9.15
CA LEU E 117 24.47 -5.30 -8.37
C LEU E 117 23.21 -6.10 -8.13
N VAL E 118 23.00 -6.51 -6.87
CA VAL E 118 21.96 -7.45 -6.49
C VAL E 118 20.94 -6.71 -5.63
N PRO E 119 19.64 -7.01 -5.75
CA PRO E 119 18.65 -6.40 -4.87
C PRO E 119 19.05 -6.52 -3.39
N GLY E 120 18.96 -5.41 -2.68
CA GLY E 120 19.48 -5.29 -1.34
C GLY E 120 20.78 -4.53 -1.25
N ASP E 121 21.51 -4.39 -2.35
CA ASP E 121 22.73 -3.61 -2.37
C ASP E 121 22.40 -2.12 -2.36
N PHE E 122 23.43 -1.32 -2.09
CA PHE E 122 23.35 0.14 -2.21
C PHE E 122 24.47 0.61 -3.13
N VAL E 123 24.29 1.80 -3.71
CA VAL E 123 25.28 2.37 -4.63
C VAL E 123 25.50 3.83 -4.27
N VAL E 124 26.75 4.21 -4.01
CA VAL E 124 27.12 5.61 -3.89
C VAL E 124 27.54 6.06 -5.29
N LEU E 125 26.60 6.66 -6.01
CA LEU E 125 26.77 6.97 -7.42
C LEU E 125 27.89 7.98 -7.62
N ASN E 126 28.58 7.87 -8.76
CA ASN E 126 29.54 8.89 -9.17
C ASN E 126 29.37 9.33 -10.62
N GLN E 127 28.46 8.72 -11.39
CA GLN E 127 28.27 9.06 -12.79
C GLN E 127 26.80 8.85 -13.17
N PHE E 128 26.38 9.50 -14.26
CA PHE E 128 25.04 9.24 -14.78
C PHE E 128 25.00 9.48 -16.28
N MET E 129 23.97 8.91 -16.92
CA MET E 129 23.58 9.21 -18.29
C MET E 129 22.13 9.68 -18.27
N ASP E 130 21.88 10.86 -18.83
CA ASP E 130 20.59 11.54 -18.71
C ASP E 130 19.70 11.21 -19.91
N LYS E 131 18.55 10.59 -19.64
CA LYS E 131 17.54 10.35 -20.66
C LYS E 131 16.21 10.97 -20.25
N THR E 132 16.25 12.03 -19.45
CA THR E 132 15.05 12.76 -19.08
C THR E 132 14.75 13.86 -20.11
N TRP E 133 13.54 14.40 -20.01
CA TRP E 133 13.10 15.48 -20.89
C TRP E 133 11.88 16.12 -20.23
N GLY E 134 11.57 17.34 -20.68
CA GLY E 134 10.40 18.03 -20.18
C GLY E 134 10.46 18.49 -18.75
N ARG E 135 11.60 18.36 -18.09
CA ARG E 135 11.78 18.84 -16.72
C ARG E 135 12.58 20.13 -16.72
N GLU E 136 12.20 21.05 -15.84
CA GLU E 136 12.99 22.26 -15.64
C GLU E 136 14.31 21.90 -14.99
N ASN E 137 15.43 22.10 -15.69
CA ASN E 137 16.71 21.56 -15.26
C ASN E 137 17.75 22.64 -14.98
N THR E 138 17.37 23.91 -14.92
CA THR E 138 18.33 24.96 -14.63
C THR E 138 17.61 26.14 -13.97
N PHE E 139 18.31 26.81 -13.07
CA PHE E 139 17.79 28.02 -12.43
C PHE E 139 17.91 29.24 -13.33
N TYR E 140 18.76 29.18 -14.35
CA TYR E 140 19.15 30.35 -15.11
C TYR E 140 18.60 30.30 -16.53
N GLY E 141 18.33 31.48 -17.08
CA GLY E 141 17.87 31.58 -18.45
C GLY E 141 17.39 32.98 -18.75
N SER E 142 16.63 33.09 -19.84
CA SER E 142 16.05 34.35 -20.27
C SER E 142 14.55 34.43 -20.00
N LYS E 143 13.95 33.37 -19.48
CA LYS E 143 12.52 33.38 -19.16
C LYS E 143 12.26 34.16 -17.88
N PRO E 144 11.08 34.77 -17.75
CA PRO E 144 10.75 35.50 -16.52
C PRO E 144 10.74 34.62 -15.27
N ASP E 145 10.52 33.32 -15.41
CA ASP E 145 10.55 32.39 -14.28
C ASP E 145 11.94 31.84 -14.01
N SER E 146 12.99 32.57 -14.37
CA SER E 146 14.36 32.13 -14.17
C SER E 146 15.22 33.30 -13.71
N LEU E 147 16.32 32.97 -13.03
CA LEU E 147 17.34 33.96 -12.76
C LEU E 147 18.00 34.39 -14.07
N LYS E 148 18.29 35.67 -14.19
CA LYS E 148 18.88 36.19 -15.42
C LYS E 148 20.33 35.75 -15.55
N GLY E 149 20.70 35.26 -16.73
CA GLY E 149 22.04 34.79 -17.00
C GLY E 149 22.07 33.48 -17.75
N VAL E 150 23.24 33.10 -18.27
CA VAL E 150 23.44 31.83 -18.95
C VAL E 150 24.52 31.08 -18.19
N LEU E 151 24.16 29.92 -17.63
CA LEU E 151 25.04 29.13 -16.76
C LEU E 151 25.35 27.81 -17.43
N HIS E 152 26.63 27.55 -17.67
CA HIS E 152 27.10 26.31 -18.29
C HIS E 152 28.01 25.60 -17.29
N MET E 153 27.43 24.73 -16.47
CA MET E 153 28.18 24.12 -15.36
C MET E 153 28.94 22.89 -15.84
N PRO E 154 30.23 22.77 -15.52
CA PRO E 154 30.91 21.50 -15.76
C PRO E 154 30.30 20.39 -14.92
N MET E 155 30.16 19.21 -15.53
CA MET E 155 29.52 18.07 -14.86
C MET E 155 30.27 16.76 -15.08
N ALA E 156 31.56 16.82 -15.44
CA ALA E 156 32.32 15.62 -15.76
C ALA E 156 32.27 14.61 -14.61
N GLU E 157 32.51 15.06 -13.40
CA GLU E 157 32.28 14.27 -12.19
C GLU E 157 31.19 15.00 -11.41
N PRO E 158 29.93 14.60 -11.56
CA PRO E 158 28.82 15.49 -11.18
C PRO E 158 28.48 15.56 -9.70
N PHE E 159 29.08 14.74 -8.85
CA PHE E 159 28.80 14.76 -7.42
C PHE E 159 29.94 15.43 -6.67
N CYS E 160 29.68 15.81 -5.42
CA CYS E 160 30.72 16.30 -4.52
C CYS E 160 31.50 15.11 -3.99
N GLU E 161 32.80 15.05 -4.30
CA GLU E 161 33.56 13.83 -4.06
C GLU E 161 33.77 13.56 -2.57
N ARG E 162 34.10 14.57 -1.78
CA ARG E 162 34.30 14.26 -0.36
C ARG E 162 32.99 13.98 0.35
N THR E 163 31.85 14.48 -0.18
CA THR E 163 30.56 14.06 0.36
C THR E 163 30.25 12.61 -0.03
N ARG E 164 30.61 12.19 -1.24
CA ARG E 164 30.51 10.78 -1.61
C ARG E 164 31.29 9.92 -0.64
N GLN E 165 32.52 10.33 -0.32
CA GLN E 165 33.35 9.55 0.60
C GLN E 165 32.77 9.52 2.00
N ILE E 166 32.01 10.57 2.38
CA ILE E 166 31.34 10.56 3.68
C ILE E 166 30.32 9.43 3.73
N LEU E 167 29.51 9.30 2.67
CA LEU E 167 28.52 8.22 2.64
C LEU E 167 29.17 6.85 2.71
N ILE E 168 30.29 6.67 2.00
CA ILE E 168 31.00 5.40 2.03
C ILE E 168 31.57 5.13 3.42
N GLN E 169 32.20 6.14 4.03
CA GLN E 169 32.73 5.97 5.37
C GLN E 169 31.63 5.74 6.39
N ALA E 170 30.47 6.38 6.19
CA ALA E 170 29.33 6.16 7.07
C ALA E 170 28.86 4.71 7.01
N ALA E 171 28.86 4.12 5.81
CA ALA E 171 28.49 2.71 5.68
C ALA E 171 29.49 1.81 6.37
N ARG E 172 30.78 2.13 6.27
CA ARG E 172 31.79 1.36 6.99
C ARG E 172 31.57 1.44 8.50
N ASN E 173 31.24 2.64 9.01
CA ASN E 173 31.01 2.81 10.43
C ASN E 173 29.81 2.02 10.93
N LYS E 174 28.86 1.69 10.06
CA LYS E 174 27.68 0.92 10.42
C LYS E 174 27.83 -0.56 10.09
N SER E 175 29.07 -1.01 9.83
CA SER E 175 29.36 -2.43 9.62
C SER E 175 28.61 -3.01 8.43
N ILE E 176 28.50 -2.23 7.36
CA ILE E 176 27.91 -2.67 6.10
C ILE E 176 29.04 -2.88 5.10
N ASN E 177 29.02 -4.02 4.41
CA ASN E 177 30.06 -4.35 3.46
C ASN E 177 30.19 -3.26 2.39
N VAL E 178 31.43 -2.95 2.03
CA VAL E 178 31.72 -1.96 0.98
C VAL E 178 32.56 -2.66 -0.08
N TYR E 179 32.07 -2.66 -1.31
CA TYR E 179 32.77 -3.27 -2.45
C TYR E 179 33.18 -2.16 -3.40
N ASP E 180 34.49 -2.01 -3.60
CA ASP E 180 35.05 -1.04 -4.52
C ASP E 180 35.70 -1.82 -5.67
N LYS E 181 34.98 -1.89 -6.80
CA LYS E 181 35.45 -2.68 -7.95
C LYS E 181 36.73 -2.14 -8.55
N LYS E 182 37.18 -0.96 -8.13
CA LYS E 182 38.43 -0.39 -8.63
C LYS E 182 39.65 -0.93 -7.91
N THR E 183 39.48 -1.45 -6.69
CA THR E 183 40.59 -1.97 -5.90
C THR E 183 40.39 -3.40 -5.39
N MET E 184 39.19 -3.96 -5.52
CA MET E 184 38.90 -5.30 -5.04
C MET E 184 38.43 -6.17 -6.18
N ASP E 185 38.68 -7.48 -6.05
CA ASP E 185 38.24 -8.43 -7.06
C ASP E 185 36.77 -8.80 -6.83
N LYS E 186 36.15 -9.37 -7.87
CA LYS E 186 34.74 -9.74 -7.79
C LYS E 186 34.46 -10.73 -6.67
N SER E 187 35.47 -11.50 -6.24
CA SER E 187 35.28 -12.42 -5.13
C SER E 187 35.02 -11.69 -3.82
N ALA E 188 35.51 -10.45 -3.70
CA ALA E 188 35.28 -9.64 -2.51
C ALA E 188 33.94 -8.90 -2.54
N CYS E 189 33.06 -9.24 -3.48
CA CYS E 189 31.75 -8.61 -3.57
C CYS E 189 30.74 -9.45 -2.80
N ILE E 190 30.70 -9.23 -1.48
CA ILE E 190 29.84 -9.98 -0.58
C ILE E 190 28.57 -9.18 -0.35
N HIS E 191 27.43 -9.78 -0.65
CA HIS E 191 26.14 -9.11 -0.54
C HIS E 191 25.51 -9.35 0.84
N PRO E 192 24.75 -8.36 1.35
CA PRO E 192 24.51 -7.05 0.74
C PRO E 192 25.68 -6.10 0.95
N CYS E 193 25.99 -5.27 -0.05
CA CYS E 193 27.16 -4.41 0.00
C CYS E 193 26.82 -3.04 -0.57
N VAL E 194 27.60 -2.05 -0.13
CA VAL E 194 27.55 -0.71 -0.70
C VAL E 194 28.60 -0.64 -1.80
N HIS E 195 28.17 -0.37 -3.03
CA HIS E 195 29.09 -0.18 -4.14
C HIS E 195 29.69 1.22 -4.05
N ALA E 196 31.02 1.30 -3.95
CA ALA E 196 31.70 2.57 -3.74
C ALA E 196 31.65 3.48 -4.96
N GLU E 197 31.25 2.97 -6.12
CA GLU E 197 31.03 3.79 -7.29
C GLU E 197 29.97 3.14 -8.15
N GLY E 198 29.46 3.90 -9.13
CA GLY E 198 28.45 3.38 -10.02
C GLY E 198 27.80 4.45 -10.88
N SER E 199 27.26 4.05 -12.02
CA SER E 199 26.61 4.95 -12.95
C SER E 199 25.13 4.60 -13.06
N ALA E 200 24.28 5.63 -13.14
CA ALA E 200 22.86 5.46 -13.32
C ALA E 200 22.43 6.02 -14.66
N VAL E 201 21.50 5.33 -15.33
CA VAL E 201 20.74 5.92 -16.41
C VAL E 201 19.43 6.41 -15.81
N THR E 202 19.13 7.69 -15.98
CA THR E 202 17.89 8.27 -15.46
C THR E 202 16.92 8.39 -16.61
N ILE E 203 15.89 7.55 -16.61
CA ILE E 203 14.85 7.60 -17.61
C ILE E 203 13.73 8.49 -17.10
N ASN E 204 12.89 8.97 -18.03
CA ASN E 204 11.89 9.96 -17.65
C ASN E 204 10.71 9.32 -16.92
N GLY E 205 10.40 8.07 -17.19
CA GLY E 205 9.23 7.43 -16.62
C GLY E 205 7.96 7.93 -17.28
N PRO E 206 6.80 7.59 -16.72
CA PRO E 206 6.66 6.77 -15.51
C PRO E 206 6.82 5.27 -15.76
N ARG E 207 6.79 4.86 -17.03
CA ARG E 207 6.91 3.44 -17.34
C ARG E 207 8.34 2.96 -17.12
N PHE E 208 8.47 1.66 -16.84
CA PHE E 208 9.78 1.03 -16.81
C PHE E 208 10.27 0.77 -18.24
N SER E 209 11.52 0.34 -18.36
CA SER E 209 12.14 0.17 -19.66
C SER E 209 11.67 -1.12 -20.33
N THR E 210 11.71 -1.12 -21.66
CA THR E 210 11.56 -2.36 -22.40
C THR E 210 12.83 -3.20 -22.26
N ARG E 211 12.71 -4.49 -22.58
CA ARG E 211 13.88 -5.34 -22.61
C ARG E 211 14.92 -4.80 -23.60
N CYS E 212 14.46 -4.31 -24.74
CA CYS E 212 15.36 -3.72 -25.74
C CYS E 212 16.14 -2.55 -25.15
N GLU E 213 15.44 -1.62 -24.49
CA GLU E 213 16.12 -0.48 -23.88
C GLU E 213 17.07 -0.93 -22.77
N SER E 214 16.64 -1.88 -21.93
CA SER E 214 17.49 -2.36 -20.85
C SER E 214 18.76 -3.02 -21.39
N PHE E 215 18.63 -3.79 -22.47
CA PHE E 215 19.80 -4.43 -23.08
C PHE E 215 20.80 -3.39 -23.57
N ILE E 216 20.31 -2.30 -24.16
CA ILE E 216 21.19 -1.26 -24.68
C ILE E 216 21.87 -0.51 -23.55
N HIS E 217 21.11 -0.16 -22.49
CA HIS E 217 21.71 0.49 -21.33
C HIS E 217 22.77 -0.38 -20.69
N LYS E 218 22.52 -1.70 -20.60
CA LYS E 218 23.52 -2.60 -20.06
C LYS E 218 24.76 -2.65 -20.95
N ALA E 219 24.56 -2.69 -22.27
CA ALA E 219 25.70 -2.74 -23.18
C ALA E 219 26.54 -1.46 -23.09
N MET E 220 25.92 -0.34 -22.75
CA MET E 220 26.65 0.92 -22.56
C MET E 220 27.44 0.95 -21.27
N GLY E 221 27.29 -0.04 -20.40
CA GLY E 221 28.04 -0.11 -19.17
C GLY E 221 27.39 0.53 -17.97
N LEU E 222 26.13 0.94 -18.07
CA LEU E 222 25.45 1.57 -16.94
C LEU E 222 25.12 0.53 -15.88
N ASP E 223 25.19 0.95 -14.61
CA ASP E 223 25.04 0.02 -13.49
C ASP E 223 23.59 -0.14 -13.04
N ILE E 224 22.85 0.97 -12.94
CA ILE E 224 21.48 0.96 -12.42
C ILE E 224 20.63 1.92 -13.25
N VAL E 225 19.32 1.80 -13.07
CA VAL E 225 18.35 2.66 -13.75
C VAL E 225 17.42 3.25 -12.69
N ASN E 226 17.15 4.54 -12.78
CA ASN E 226 16.20 5.20 -11.88
C ASN E 226 15.50 6.29 -12.67
N MET E 227 14.71 7.12 -11.96
CA MET E 227 13.91 8.14 -12.62
C MET E 227 14.06 9.54 -12.03
N THR E 228 14.81 9.72 -10.94
CA THR E 228 14.77 10.96 -10.18
C THR E 228 16.10 11.65 -9.96
N LEU E 229 17.22 11.09 -10.45
CA LEU E 229 18.52 11.68 -10.15
C LEU E 229 18.72 13.01 -10.88
N VAL E 230 18.30 13.07 -12.14
CA VAL E 230 18.44 14.26 -12.97
C VAL E 230 17.06 14.92 -13.07
N PRO E 231 16.98 16.25 -12.91
CA PRO E 231 18.03 17.26 -12.79
C PRO E 231 18.44 17.63 -11.36
N GLU E 232 18.02 16.82 -10.38
CA GLU E 232 18.28 17.15 -8.98
C GLU E 232 19.76 17.36 -8.72
N VAL E 233 20.62 16.46 -9.24
CA VAL E 233 22.06 16.58 -9.04
C VAL E 233 22.60 17.83 -9.74
N SER E 234 22.04 18.16 -10.90
CA SER E 234 22.52 19.32 -11.65
C SER E 234 22.15 20.62 -10.95
N LEU E 235 20.92 20.71 -10.44
CA LEU E 235 20.48 21.93 -9.77
C LEU E 235 21.22 22.15 -8.47
N ALA E 236 21.58 21.07 -7.76
CA ALA E 236 22.33 21.21 -6.53
C ALA E 236 23.67 21.91 -6.79
N ARG E 237 24.36 21.51 -7.86
CA ARG E 237 25.63 22.15 -8.18
C ARG E 237 25.41 23.60 -8.63
N GLU E 238 24.35 23.85 -9.39
CA GLU E 238 24.02 25.22 -9.75
C GLU E 238 23.78 26.08 -8.51
N ALA E 239 23.24 25.49 -7.45
CA ALA E 239 22.96 26.20 -6.21
C ALA E 239 24.17 26.31 -5.30
N GLY E 240 25.32 25.78 -5.72
CA GLY E 240 26.50 25.84 -4.88
C GLY E 240 26.50 24.91 -3.71
N LEU E 241 25.80 23.78 -3.82
CA LEU E 241 25.65 22.83 -2.73
C LEU E 241 26.44 21.55 -3.03
N SER E 242 26.92 20.90 -1.98
CA SER E 242 27.56 19.60 -2.09
C SER E 242 26.49 18.51 -2.08
N TYR E 243 26.41 17.74 -3.16
CA TYR E 243 25.35 16.76 -3.35
C TYR E 243 25.95 15.36 -3.50
N ALA E 244 25.37 14.40 -2.81
CA ALA E 244 25.70 12.99 -2.98
C ALA E 244 24.44 12.16 -2.85
N SER E 245 24.39 11.08 -3.62
CA SER E 245 23.22 10.21 -3.69
C SER E 245 23.60 8.79 -3.27
N ILE E 246 22.71 8.14 -2.54
CA ILE E 246 22.83 6.72 -2.24
C ILE E 246 21.61 6.02 -2.82
N ALA E 247 21.85 5.07 -3.71
CA ALA E 247 20.80 4.36 -4.40
C ALA E 247 20.53 3.02 -3.72
N ILE E 248 19.25 2.69 -3.57
CA ILE E 248 18.82 1.39 -3.06
C ILE E 248 18.47 0.51 -4.25
N VAL E 249 19.17 -0.61 -4.39
CA VAL E 249 18.84 -1.57 -5.45
C VAL E 249 17.68 -2.43 -4.98
N THR E 250 16.60 -2.46 -5.78
CA THR E 250 15.47 -3.30 -5.47
C THR E 250 15.09 -4.12 -6.71
N ASP E 251 13.91 -4.74 -6.70
CA ASP E 251 13.51 -5.66 -7.77
C ASP E 251 12.13 -5.26 -8.27
N PHE E 252 12.06 -4.80 -9.52
CA PHE E 252 10.81 -4.37 -10.13
C PHE E 252 10.20 -5.42 -11.06
N ASP E 253 10.74 -6.63 -11.08
CA ASP E 253 10.37 -7.63 -12.08
C ASP E 253 9.74 -8.86 -11.43
N CYS E 254 8.92 -8.67 -10.39
CA CYS E 254 8.21 -9.80 -9.82
C CYS E 254 7.17 -10.38 -10.77
N TRP E 255 6.76 -9.62 -11.78
CA TRP E 255 5.85 -10.16 -12.80
C TRP E 255 6.42 -11.39 -13.49
N LYS E 256 7.74 -11.57 -13.43
CA LYS E 256 8.35 -12.77 -13.99
C LYS E 256 8.14 -14.01 -13.12
N SER E 257 7.75 -13.84 -11.86
CA SER E 257 7.67 -14.95 -10.93
C SER E 257 6.35 -15.70 -11.07
N GLU E 258 6.40 -16.99 -10.73
CA GLU E 258 5.22 -17.85 -10.79
C GLU E 258 4.25 -17.52 -9.66
N GLU E 260 3.58 -14.62 -8.07
CA GLU E 260 4.36 -13.39 -8.04
C GLU E 260 4.00 -12.53 -6.83
N HIS E 261 2.76 -12.70 -6.33
CA HIS E 261 2.35 -11.96 -5.15
C HIS E 261 3.20 -12.33 -3.94
N VAL E 262 3.77 -13.54 -3.95
CA VAL E 262 4.75 -13.91 -2.94
C VAL E 262 6.08 -13.19 -3.21
N CYS E 263 6.47 -13.10 -4.48
CA CYS E 263 7.66 -12.34 -4.85
C CYS E 263 7.57 -10.91 -4.36
N VAL E 264 6.42 -10.27 -4.56
CA VAL E 264 6.25 -8.87 -4.16
C VAL E 264 6.39 -8.72 -2.65
N ASP E 265 5.89 -9.69 -1.88
CA ASP E 265 6.02 -9.61 -0.44
C ASP E 265 7.46 -9.70 0.01
N MET E 266 8.24 -10.61 -0.58
CA MET E 266 9.65 -10.74 -0.24
C MET E 266 10.42 -9.48 -0.62
N VAL E 267 10.15 -8.92 -1.80
CA VAL E 267 10.87 -7.74 -2.26
C VAL E 267 10.55 -6.54 -1.38
N LEU E 268 9.27 -6.36 -1.04
CA LEU E 268 8.89 -5.23 -0.19
C LEU E 268 9.52 -5.33 1.19
N GLU E 269 9.61 -6.55 1.74
CA GLU E 269 10.27 -6.72 3.02
C GLU E 269 11.77 -6.48 2.92
N GLN E 270 12.39 -6.89 1.81
CA GLN E 270 13.80 -6.58 1.59
C GLN E 270 14.00 -5.08 1.45
N PHE E 271 13.13 -4.42 0.69
CA PHE E 271 13.22 -2.95 0.56
C PHE E 271 13.00 -2.28 1.91
N ARG E 272 12.11 -2.83 2.73
CA ARG E 272 11.87 -2.27 4.06
C ARG E 272 13.12 -2.36 4.92
N LYS E 273 13.87 -3.45 4.81
CA LYS E 273 15.15 -3.54 5.50
C LYS E 273 16.18 -2.58 4.92
N SER E 274 16.11 -2.33 3.61
CA SER E 274 17.08 -1.45 2.97
C SER E 274 16.89 -0.01 3.43
N VAL E 275 15.64 0.44 3.55
CA VAL E 275 15.42 1.84 3.94
C VAL E 275 15.85 2.07 5.38
N VAL E 276 15.75 1.05 6.23
CA VAL E 276 16.24 1.18 7.60
C VAL E 276 17.76 1.33 7.61
N HIS E 277 18.45 0.57 6.76
CA HIS E 277 19.90 0.66 6.70
C HIS E 277 20.35 2.00 6.11
N VAL E 278 19.66 2.47 5.07
CA VAL E 278 19.99 3.78 4.51
C VAL E 278 19.71 4.88 5.51
N ARG E 279 18.62 4.74 6.29
CA ARG E 279 18.34 5.72 7.34
C ARG E 279 19.50 5.83 8.32
N GLU E 280 20.09 4.69 8.70
CA GLU E 280 21.22 4.72 9.60
C GLU E 280 22.48 5.26 8.93
N ILE E 281 22.64 5.00 7.62
CA ILE E 281 23.77 5.56 6.89
C ILE E 281 23.66 7.08 6.80
N LEU E 282 22.45 7.57 6.49
CA LEU E 282 22.24 9.02 6.40
C LEU E 282 22.55 9.72 7.71
N LEU E 283 22.01 9.20 8.82
CA LEU E 283 22.24 9.82 10.12
C LEU E 283 23.72 9.84 10.47
N GLU E 284 24.43 8.74 10.19
CA GLU E 284 25.87 8.71 10.45
C GLU E 284 26.61 9.68 9.54
N ALA E 285 26.17 9.81 8.29
CA ALA E 285 26.82 10.73 7.37
C ALA E 285 26.63 12.18 7.79
N VAL E 286 25.47 12.51 8.35
CA VAL E 286 25.27 13.88 8.85
C VAL E 286 26.26 14.18 9.97
N ALA E 287 26.51 13.21 10.85
CA ALA E 287 27.48 13.41 11.93
C ALA E 287 28.89 13.56 11.39
N LEU E 288 29.26 12.75 10.39
CA LEU E 288 30.60 12.83 9.82
C LEU E 288 30.82 14.17 9.14
N ILE E 289 29.83 14.66 8.40
CA ILE E 289 29.92 15.98 7.77
C ILE E 289 30.15 17.06 8.83
N GLY E 290 29.41 17.00 9.93
CA GLY E 290 29.55 17.98 10.98
C GLY E 290 30.90 17.94 11.70
N ALA E 291 31.68 16.89 11.51
CA ALA E 291 32.96 16.74 12.20
C ALA E 291 34.12 17.35 11.44
N GLU E 292 33.88 18.01 10.30
CA GLU E 292 34.95 18.55 9.46
C GLU E 292 34.65 19.98 9.08
N ASP E 293 35.70 20.69 8.67
CA ASP E 293 35.56 22.04 8.12
C ASP E 293 35.28 21.96 6.62
N TRP E 294 34.36 22.79 6.16
CA TRP E 294 33.97 22.82 4.75
C TRP E 294 34.15 24.21 4.15
N THR E 295 34.93 25.07 4.79
CA THR E 295 35.05 26.46 4.34
C THR E 295 35.59 26.55 2.92
N LYS E 296 36.65 25.80 2.61
CA LYS E 296 37.23 25.86 1.27
C LYS E 296 36.31 25.21 0.23
N THR E 297 35.73 24.04 0.56
CA THR E 297 34.86 23.37 -0.39
C THR E 297 33.62 24.20 -0.70
N ILE E 298 33.00 24.79 0.32
CA ILE E 298 31.86 25.67 0.10
C ILE E 298 32.26 26.86 -0.75
N GLU E 299 33.42 27.45 -0.45
CA GLU E 299 33.92 28.57 -1.25
C GLU E 299 34.12 28.15 -2.71
N ALA E 300 34.64 26.94 -2.92
CA ALA E 300 34.83 26.45 -4.29
C ALA E 300 33.51 26.14 -4.97
N ASN E 301 32.52 25.65 -4.21
CA ASN E 301 31.19 25.43 -4.79
C ASN E 301 30.61 26.73 -5.35
N LYS E 302 30.72 27.81 -4.58
CA LYS E 302 30.16 29.09 -5.02
C LYS E 302 30.96 29.69 -6.17
N ALA E 303 32.29 29.55 -6.13
CA ALA E 303 33.12 30.11 -7.19
C ALA E 303 32.87 29.42 -8.53
N LEU E 304 32.58 28.12 -8.50
CA LEU E 304 32.32 27.39 -9.75
C LEU E 304 31.08 27.93 -10.45
N VAL E 305 30.05 28.28 -9.67
CA VAL E 305 28.85 28.87 -10.26
C VAL E 305 29.18 30.18 -10.94
N MET E 306 29.99 31.03 -10.29
CA MET E 306 30.31 32.34 -10.85
C MET E 306 31.12 32.21 -12.13
N SER E 307 32.11 31.30 -12.15
CA SER E 307 32.96 31.14 -13.32
C SER E 307 32.28 30.41 -14.47
N SER E 308 31.08 29.87 -14.25
CA SER E 308 30.33 29.20 -15.30
C SER E 308 29.34 30.12 -16.01
N ARG E 309 29.26 31.38 -15.60
CA ARG E 309 28.36 32.35 -16.22
C ARG E 309 28.95 32.80 -17.55
N GLN E 310 28.31 32.44 -18.65
CA GLN E 310 28.79 32.86 -19.96
C GLN E 310 28.25 34.23 -20.37
N ASP E 311 27.17 34.70 -19.76
CA ASP E 311 26.74 36.07 -20.00
C ASP E 311 27.66 37.09 -19.36
N LEU E 312 28.43 36.67 -18.35
CA LEU E 312 29.37 37.56 -17.67
C LEU E 312 30.75 37.48 -18.31
N LYS F 24 19.30 36.70 -57.85
CA LYS F 24 20.62 36.62 -57.25
C LYS F 24 20.57 35.91 -55.90
N VAL F 25 21.59 36.13 -55.07
CA VAL F 25 21.67 35.47 -53.77
C VAL F 25 21.77 36.53 -52.68
N LYS F 26 21.47 36.09 -51.46
CA LYS F 26 21.62 36.92 -50.26
C LYS F 26 21.98 35.98 -49.12
N VAL F 27 23.11 36.24 -48.48
CA VAL F 27 23.69 35.31 -47.50
C VAL F 27 23.34 35.78 -46.11
N GLY F 28 22.55 34.99 -45.39
CA GLY F 28 22.37 35.21 -43.97
C GLY F 28 23.48 34.58 -43.16
N ILE F 29 23.81 35.22 -42.04
CA ILE F 29 24.87 34.75 -41.15
C ILE F 29 24.34 34.73 -39.73
N ILE F 30 24.39 33.56 -39.10
CA ILE F 30 24.02 33.39 -37.70
C ILE F 30 25.31 33.22 -36.92
N GLY F 31 25.68 34.22 -36.12
CA GLY F 31 26.89 34.16 -35.33
C GLY F 31 26.62 33.63 -33.94
N GLY F 32 27.40 32.64 -33.54
CA GLY F 32 27.29 32.05 -32.21
C GLY F 32 28.18 32.75 -31.19
N SER F 33 28.68 31.97 -30.24
CA SER F 33 29.61 32.50 -29.25
C SER F 33 30.82 33.12 -29.93
N GLY F 34 31.28 34.24 -29.38
CA GLY F 34 32.32 35.01 -30.01
C GLY F 34 31.84 36.02 -31.02
N PHE F 35 30.58 35.94 -31.44
CA PHE F 35 29.99 36.85 -32.41
C PHE F 35 28.75 37.55 -31.84
N ASP F 36 28.69 37.74 -30.51
CA ASP F 36 27.51 38.37 -29.93
C ASP F 36 27.84 39.42 -28.88
N ASP F 37 29.10 39.86 -28.81
CA ASP F 37 29.43 40.93 -27.87
C ASP F 37 28.78 42.23 -28.33
N PRO F 38 28.23 43.02 -27.40
CA PRO F 38 27.57 44.27 -27.80
C PRO F 38 28.48 45.23 -28.55
N ASN F 39 29.80 45.12 -28.38
CA ASN F 39 30.74 45.97 -29.09
C ASN F 39 30.80 45.60 -30.57
N PHE F 41 31.18 43.94 -42.03
CA PHE F 41 30.81 45.02 -42.94
C PHE F 41 30.16 46.18 -42.19
N LYS F 42 30.24 47.38 -42.76
CA LYS F 42 29.58 48.53 -42.17
C LYS F 42 28.07 48.39 -42.28
N LYS F 43 27.38 48.73 -41.20
CA LYS F 43 25.93 48.56 -41.14
C LYS F 43 25.24 49.56 -42.05
N VAL F 44 24.43 49.07 -42.97
CA VAL F 44 23.63 49.91 -43.86
C VAL F 44 22.23 50.12 -43.31
N GLY F 45 21.63 49.06 -42.74
CA GLY F 45 20.29 49.18 -42.19
C GLY F 45 20.04 48.09 -41.17
N VAL F 46 19.15 48.39 -40.23
CA VAL F 46 18.74 47.46 -39.20
C VAL F 46 17.22 47.35 -39.21
N ARG F 47 16.73 46.28 -38.60
CA ARG F 47 15.28 46.03 -38.54
C ARG F 47 14.96 45.09 -37.41
N GLN F 48 14.11 45.53 -36.48
CA GLN F 48 13.57 44.70 -35.42
C GLN F 48 12.23 44.15 -35.91
N VAL F 49 12.14 42.83 -36.04
CA VAL F 49 11.01 42.22 -36.72
C VAL F 49 10.25 41.32 -35.75
N THR F 50 8.98 41.10 -36.07
CA THR F 50 8.15 40.08 -35.45
C THR F 50 7.73 39.10 -36.53
N THR F 51 8.08 37.82 -36.34
CA THR F 51 7.70 36.75 -37.23
C THR F 51 6.46 36.04 -36.71
N PRO F 52 5.82 35.19 -37.52
CA PRO F 52 4.70 34.40 -37.00
C PRO F 52 5.09 33.42 -35.90
N PHE F 53 6.38 33.30 -35.60
CA PHE F 53 6.85 32.39 -34.56
C PHE F 53 7.59 33.13 -33.44
N GLY F 54 7.36 34.43 -33.32
CA GLY F 54 7.94 35.23 -32.26
C GLY F 54 9.07 36.12 -32.75
N LYS F 55 9.80 36.68 -31.77
CA LYS F 55 10.87 37.62 -32.06
C LYS F 55 12.18 36.90 -32.30
N PRO F 56 12.98 37.34 -33.27
CA PRO F 56 14.34 36.83 -33.41
C PRO F 56 15.19 37.20 -32.19
N SER F 57 16.38 36.60 -32.14
CA SER F 57 17.28 36.82 -31.00
C SER F 57 17.66 38.27 -30.84
N ASP F 58 17.79 39.01 -31.93
CA ASP F 58 18.15 40.41 -31.88
C ASP F 58 17.84 41.05 -33.22
N THR F 59 18.19 42.32 -33.35
CA THR F 59 18.01 43.02 -34.62
C THR F 59 18.87 42.39 -35.71
N LEU F 60 18.31 42.27 -36.91
CA LEU F 60 19.06 41.79 -38.06
C LEU F 60 19.71 42.98 -38.76
N VAL F 61 20.99 42.83 -39.08
CA VAL F 61 21.79 43.92 -39.64
C VAL F 61 22.09 43.58 -41.11
N GLU F 62 21.69 44.46 -42.01
CA GLU F 62 21.82 44.26 -43.45
C GLU F 62 23.04 44.99 -43.98
N GLY F 63 23.70 44.39 -44.96
CA GLY F 63 24.85 45.03 -45.56
C GLY F 63 25.31 44.29 -46.80
N PHE F 64 26.55 44.54 -47.19
CA PHE F 64 27.12 43.97 -48.40
C PHE F 64 28.54 43.51 -48.14
N VAL F 65 28.91 42.42 -48.81
CA VAL F 65 30.31 42.02 -48.99
C VAL F 65 30.59 42.15 -50.48
N GLY F 66 31.29 43.20 -50.87
CA GLY F 66 31.38 43.54 -52.27
C GLY F 66 30.00 43.90 -52.80
N ASP F 67 29.55 43.19 -53.83
CA ASP F 67 28.22 43.39 -54.39
C ASP F 67 27.19 42.39 -53.85
N VAL F 68 27.58 41.53 -52.92
CA VAL F 68 26.73 40.44 -52.44
C VAL F 68 26.02 40.90 -51.18
N ALA F 69 24.69 40.83 -51.18
CA ALA F 69 23.91 41.21 -50.00
C ALA F 69 24.11 40.20 -48.88
N CYS F 70 24.11 40.71 -47.65
CA CYS F 70 24.41 39.90 -46.47
C CYS F 70 23.57 40.40 -45.30
N VAL F 71 23.18 39.47 -44.42
CA VAL F 71 22.42 39.77 -43.22
C VAL F 71 23.01 38.96 -42.08
N VAL F 72 23.27 39.62 -40.95
CA VAL F 72 23.93 38.99 -39.81
C VAL F 72 23.02 39.12 -38.58
N LEU F 73 23.00 38.06 -37.77
CA LEU F 73 22.16 37.96 -36.60
C LEU F 73 22.92 37.18 -35.53
N PRO F 74 23.02 37.70 -34.31
CA PRO F 74 23.67 36.94 -33.22
C PRO F 74 22.71 35.94 -32.59
N ARG F 75 23.10 34.66 -32.61
CA ARG F 75 22.21 33.59 -32.18
C ARG F 75 21.72 33.80 -30.75
N HIS F 76 22.60 34.24 -29.85
CA HIS F 76 22.25 34.39 -28.44
C HIS F 76 21.87 35.82 -28.09
N GLY F 77 21.71 36.68 -29.10
CA GLY F 77 21.45 38.09 -28.86
C GLY F 77 22.67 38.83 -28.36
N LYS F 78 22.66 40.16 -28.47
CA LYS F 78 23.75 40.95 -27.92
C LYS F 78 23.82 40.74 -26.40
N GLY F 79 25.05 40.55 -25.91
CA GLY F 79 25.26 40.25 -24.51
C GLY F 79 25.21 38.79 -24.15
N HIS F 80 24.82 37.91 -25.08
CA HIS F 80 24.76 36.47 -24.86
C HIS F 80 23.87 36.13 -23.66
N LEU F 81 22.64 36.63 -23.68
CA LEU F 81 21.72 36.41 -22.58
C LEU F 81 20.76 35.25 -22.81
N ILE F 82 20.72 34.67 -24.00
CA ILE F 82 19.77 33.63 -24.35
C ILE F 82 20.49 32.29 -24.39
N PRO F 83 20.15 31.34 -23.52
CA PRO F 83 20.82 30.03 -23.53
C PRO F 83 20.38 29.21 -24.75
N PRO F 84 21.15 28.16 -25.09
CA PRO F 84 20.87 27.42 -26.34
C PRO F 84 19.45 26.88 -26.46
N SER F 85 18.89 26.32 -25.38
CA SER F 85 17.56 25.71 -25.49
C SER F 85 16.44 26.74 -25.60
N GLU F 86 16.71 28.01 -25.32
CA GLU F 86 15.69 29.06 -25.38
C GLU F 86 15.80 29.93 -26.61
N VAL F 87 16.84 29.75 -27.43
CA VAL F 87 16.94 30.47 -28.69
C VAL F 87 15.72 30.19 -29.55
N ASN F 88 15.17 31.23 -30.17
CA ASN F 88 14.01 31.09 -31.04
C ASN F 88 14.51 30.79 -32.44
N TYR F 89 14.89 29.52 -32.66
CA TYR F 89 15.44 29.12 -33.94
C TYR F 89 14.45 29.35 -35.08
N ARG F 90 13.16 29.12 -34.82
CA ARG F 90 12.14 29.33 -35.85
C ARG F 90 12.09 30.78 -36.29
N ALA F 91 12.06 31.71 -35.34
CA ALA F 91 11.98 33.12 -35.69
C ALA F 91 13.24 33.60 -36.39
N ASN F 92 14.40 33.09 -35.97
CA ASN F 92 15.67 33.49 -36.60
C ASN F 92 15.70 33.07 -38.06
N VAL F 93 15.39 31.79 -38.33
CA VAL F 93 15.41 31.30 -39.71
C VAL F 93 14.32 31.97 -40.54
N TRP F 94 13.12 32.13 -39.97
CA TRP F 94 12.03 32.73 -40.74
C TRP F 94 12.31 34.18 -41.08
N ALA F 95 12.92 34.93 -40.15
CA ALA F 95 13.24 36.33 -40.41
C ALA F 95 14.26 36.46 -41.53
N LEU F 96 15.28 35.60 -41.53
CA LEU F 96 16.27 35.62 -42.60
C LEU F 96 15.62 35.30 -43.94
N LYS F 97 14.74 34.29 -43.97
CA LYS F 97 14.04 33.95 -45.20
C LYS F 97 13.15 35.10 -45.68
N ASP F 98 12.46 35.76 -44.75
CA ASP F 98 11.57 36.86 -45.12
C ASP F 98 12.33 38.03 -45.73
N LEU F 99 13.60 38.19 -45.36
CA LEU F 99 14.42 39.26 -45.95
C LEU F 99 15.01 38.88 -47.29
N GLY F 100 14.73 37.67 -47.78
CA GLY F 100 15.20 37.25 -49.09
C GLY F 100 16.48 36.44 -49.10
N CYS F 101 16.94 35.98 -47.94
CA CYS F 101 18.16 35.16 -47.91
C CYS F 101 17.95 33.86 -48.66
N THR F 102 18.98 33.45 -49.40
CA THR F 102 19.01 32.16 -50.07
C THR F 102 19.93 31.17 -49.37
N HIS F 103 20.85 31.66 -48.55
CA HIS F 103 21.83 30.85 -47.84
C HIS F 103 21.87 31.27 -46.39
N ILE F 104 22.30 30.34 -45.53
CA ILE F 104 22.65 30.66 -44.16
C ILE F 104 24.00 30.03 -43.84
N LEU F 105 24.96 30.85 -43.44
CA LEU F 105 26.21 30.38 -42.88
C LEU F 105 26.14 30.58 -41.37
N ALA F 106 26.51 29.55 -40.60
CA ALA F 106 26.40 29.59 -39.15
C ALA F 106 27.72 29.15 -38.53
N THR F 107 28.03 29.71 -37.36
CA THR F 107 29.18 29.32 -36.56
C THR F 107 28.71 28.68 -35.25
N THR F 108 29.59 27.86 -34.67
CA THR F 108 29.30 27.28 -33.36
C THR F 108 30.61 26.94 -32.65
N ALA F 109 30.67 27.27 -31.36
CA ALA F 109 31.81 26.91 -30.53
C ALA F 109 31.56 25.55 -29.89
N CYS F 110 32.52 24.65 -30.01
CA CYS F 110 32.29 23.26 -29.66
C CYS F 110 33.48 22.69 -28.90
N GLY F 111 33.23 21.60 -28.19
CA GLY F 111 34.28 20.81 -27.56
C GLY F 111 34.60 19.58 -28.38
N SER F 112 35.82 19.09 -28.23
CA SER F 112 36.29 17.95 -29.00
C SER F 112 35.98 16.63 -28.30
N LEU F 113 35.71 15.61 -29.10
CA LEU F 113 35.53 14.25 -28.60
C LEU F 113 36.59 13.29 -29.12
N GLN F 114 37.47 13.73 -30.01
CA GLN F 114 38.44 12.85 -30.65
C GLN F 114 39.82 13.50 -30.66
N GLU F 115 40.84 12.64 -30.72
CA GLU F 115 42.21 13.08 -30.46
C GLU F 115 42.74 14.04 -31.52
N ASP F 116 42.29 13.90 -32.78
CA ASP F 116 42.80 14.75 -33.85
C ASP F 116 42.07 16.07 -33.98
N LEU F 117 41.05 16.32 -33.17
CA LEU F 117 40.37 17.60 -33.13
C LEU F 117 40.83 18.33 -31.88
N VAL F 118 41.64 19.36 -32.05
CA VAL F 118 42.27 20.04 -30.92
C VAL F 118 41.83 21.50 -30.90
N PRO F 119 41.80 22.15 -29.73
CA PRO F 119 41.42 23.57 -29.66
C PRO F 119 42.19 24.41 -30.67
N GLY F 120 41.47 25.27 -31.38
CA GLY F 120 42.01 26.05 -32.46
C GLY F 120 41.64 25.52 -33.84
N ASP F 121 41.25 24.26 -33.94
CA ASP F 121 40.79 23.69 -35.21
C ASP F 121 39.39 24.19 -35.54
N PHE F 122 38.99 23.93 -36.78
CA PHE F 122 37.64 24.21 -37.27
C PHE F 122 37.09 22.94 -37.90
N VAL F 123 35.76 22.83 -37.95
CA VAL F 123 35.12 21.68 -38.57
C VAL F 123 33.99 22.18 -39.45
N VAL F 124 34.02 21.84 -40.73
CA VAL F 124 32.87 22.04 -41.63
C VAL F 124 32.03 20.77 -41.51
N LEU F 125 31.04 20.82 -40.64
CA LEU F 125 30.27 19.64 -40.27
C LEU F 125 29.49 19.09 -41.47
N ASN F 126 29.28 17.77 -41.46
CA ASN F 126 28.42 17.13 -42.45
C ASN F 126 27.42 16.15 -41.86
N GLN F 127 27.46 15.92 -40.55
CA GLN F 127 26.56 14.97 -39.89
C GLN F 127 26.28 15.44 -38.47
N PHE F 128 25.21 14.91 -37.88
CA PHE F 128 24.96 15.17 -36.46
C PHE F 128 24.13 14.06 -35.85
N MET F 129 24.22 13.96 -34.53
CA MET F 129 23.34 13.15 -33.72
C MET F 129 22.58 14.06 -32.77
N ASP F 130 21.25 13.98 -32.79
CA ASP F 130 20.40 14.92 -32.08
C ASP F 130 20.05 14.38 -30.69
N LYS F 131 20.43 15.11 -29.66
CA LYS F 131 20.02 14.81 -28.29
C LYS F 131 19.33 16.00 -27.64
N THR F 132 18.72 16.86 -28.44
CA THR F 132 17.94 17.97 -27.93
C THR F 132 16.49 17.56 -27.72
N TRP F 133 15.79 18.37 -26.92
CA TRP F 133 14.38 18.15 -26.63
C TRP F 133 13.79 19.47 -26.18
N GLY F 134 12.47 19.60 -26.32
CA GLY F 134 11.77 20.76 -25.82
C GLY F 134 11.97 22.04 -26.62
N ARG F 135 12.57 21.96 -27.80
CA ARG F 135 12.70 23.10 -28.69
C ARG F 135 11.71 22.98 -29.83
N GLU F 136 11.19 24.12 -30.28
CA GLU F 136 10.35 24.15 -31.47
C GLU F 136 11.20 23.86 -32.68
N ASN F 137 11.00 22.70 -33.32
CA ASN F 137 11.90 22.21 -34.34
C ASN F 137 11.28 22.15 -35.73
N THR F 138 10.06 22.65 -35.91
CA THR F 138 9.41 22.60 -37.21
C THR F 138 8.43 23.75 -37.37
N PHE F 139 8.29 24.23 -38.61
CA PHE F 139 7.32 25.26 -38.92
C PHE F 139 5.91 24.71 -39.15
N TYR F 140 5.79 23.41 -39.44
CA TYR F 140 4.55 22.82 -39.91
C TYR F 140 3.92 21.94 -38.84
N GLY F 141 2.59 21.85 -38.89
CA GLY F 141 1.87 20.99 -37.96
C GLY F 141 0.39 21.36 -37.93
N SER F 142 -0.25 20.96 -36.83
CA SER F 142 -1.68 21.18 -36.64
C SER F 142 -1.99 22.15 -35.51
N LYS F 143 -0.96 22.67 -34.83
CA LYS F 143 -1.18 23.65 -33.79
C LYS F 143 -1.65 24.96 -34.40
N PRO F 144 -2.34 25.81 -33.62
CA PRO F 144 -2.91 27.04 -34.20
C PRO F 144 -1.89 27.95 -34.86
N ASP F 145 -0.67 28.03 -34.33
CA ASP F 145 0.30 28.98 -34.84
C ASP F 145 1.25 28.40 -35.89
N SER F 146 1.14 27.10 -36.19
CA SER F 146 2.04 26.51 -37.17
C SER F 146 1.48 26.61 -38.57
N LEU F 147 2.37 26.53 -39.56
CA LEU F 147 1.94 26.37 -40.95
C LEU F 147 1.21 25.05 -41.10
N LYS F 148 0.04 25.09 -41.72
CA LYS F 148 -0.80 23.89 -41.76
C LYS F 148 -0.26 22.91 -42.80
N GLY F 149 -0.11 21.66 -42.38
CA GLY F 149 0.47 20.63 -43.21
C GLY F 149 1.39 19.73 -42.40
N VAL F 150 1.78 18.59 -42.97
CA VAL F 150 2.68 17.65 -42.31
C VAL F 150 3.91 17.51 -43.19
N LEU F 151 5.06 17.95 -42.68
CA LEU F 151 6.31 18.00 -43.45
C LEU F 151 7.30 17.02 -42.86
N HIS F 152 7.72 16.04 -43.67
CA HIS F 152 8.71 15.04 -43.27
C HIS F 152 9.92 15.19 -44.19
N MET F 153 10.90 15.99 -43.75
CA MET F 153 12.06 16.31 -44.58
C MET F 153 13.13 15.22 -44.47
N PRO F 154 13.66 14.73 -45.58
CA PRO F 154 14.84 13.86 -45.50
C PRO F 154 16.02 14.65 -44.95
N MET F 155 16.81 13.99 -44.10
CA MET F 155 17.95 14.65 -43.47
C MET F 155 19.20 13.77 -43.48
N ALA F 156 19.26 12.76 -44.35
CA ALA F 156 20.36 11.81 -44.33
C ALA F 156 21.71 12.51 -44.44
N GLU F 157 21.82 13.47 -45.36
CA GLU F 157 22.95 14.39 -45.40
C GLU F 157 22.39 15.77 -45.17
N PRO F 158 22.45 16.27 -43.93
CA PRO F 158 21.56 17.39 -43.53
C PRO F 158 21.99 18.78 -43.96
N PHE F 159 23.21 18.97 -44.48
CA PHE F 159 23.67 20.27 -44.91
C PHE F 159 23.57 20.41 -46.44
N CYS F 160 23.75 21.64 -46.92
CA CYS F 160 23.87 21.88 -48.35
C CYS F 160 25.32 21.63 -48.77
N GLU F 161 25.53 20.62 -49.61
CA GLU F 161 26.89 20.18 -49.90
C GLU F 161 27.66 21.22 -50.71
N ARG F 162 27.00 21.89 -51.65
CA ARG F 162 27.65 22.97 -52.39
C ARG F 162 28.18 24.03 -51.44
N THR F 163 27.37 24.42 -50.44
CA THR F 163 27.78 25.46 -49.52
C THR F 163 28.87 24.98 -48.56
N ARG F 164 28.83 23.70 -48.17
CA ARG F 164 29.94 23.13 -47.40
C ARG F 164 31.27 23.31 -48.13
N GLN F 165 31.31 22.97 -49.43
CA GLN F 165 32.55 23.06 -50.16
C GLN F 165 32.99 24.50 -50.36
N ILE F 166 32.05 25.45 -50.36
CA ILE F 166 32.40 26.87 -50.38
C ILE F 166 33.18 27.23 -49.11
N LEU F 167 32.69 26.79 -47.95
CA LEU F 167 33.39 27.06 -46.70
C LEU F 167 34.79 26.46 -46.70
N ILE F 168 34.92 25.25 -47.24
CA ILE F 168 36.24 24.60 -47.29
C ILE F 168 37.17 25.36 -48.23
N GLN F 169 36.67 25.77 -49.40
CA GLN F 169 37.51 26.54 -50.32
C GLN F 169 37.87 27.90 -49.75
N ALA F 170 36.95 28.52 -49.01
CA ALA F 170 37.25 29.80 -48.39
C ALA F 170 38.39 29.67 -47.39
N ALA F 171 38.42 28.55 -46.65
CA ALA F 171 39.54 28.29 -45.75
C ALA F 171 40.84 28.16 -46.53
N ARG F 172 40.82 27.40 -47.63
CA ARG F 172 42.00 27.31 -48.50
C ARG F 172 42.46 28.69 -48.94
N ASN F 173 41.52 29.55 -49.35
CA ASN F 173 41.86 30.86 -49.88
C ASN F 173 42.45 31.78 -48.82
N LYS F 174 42.14 31.55 -47.54
CA LYS F 174 42.74 32.32 -46.45
C LYS F 174 43.94 31.60 -45.84
N SER F 175 44.54 30.67 -46.59
CA SER F 175 45.79 30.01 -46.19
C SER F 175 45.65 29.27 -44.87
N ILE F 176 44.56 28.52 -44.73
CA ILE F 176 44.31 27.70 -43.55
C ILE F 176 44.38 26.23 -43.95
N ASN F 177 45.14 25.45 -43.20
CA ASN F 177 45.29 24.02 -43.48
C ASN F 177 43.93 23.32 -43.55
N VAL F 178 43.74 22.50 -44.58
CA VAL F 178 42.54 21.68 -44.73
C VAL F 178 42.95 20.22 -44.59
N TYR F 179 42.27 19.50 -43.71
CA TYR F 179 42.56 18.09 -43.45
C TYR F 179 41.32 17.26 -43.73
N ASP F 180 41.42 16.36 -44.71
CA ASP F 180 40.35 15.44 -45.09
C ASP F 180 40.81 14.03 -44.78
N LYS F 181 40.28 13.44 -43.70
CA LYS F 181 40.74 12.12 -43.27
C LYS F 181 40.35 11.01 -44.23
N LYS F 182 39.42 11.27 -45.17
CA LYS F 182 39.07 10.25 -46.14
C LYS F 182 40.11 10.13 -47.25
N THR F 183 40.88 11.17 -47.52
CA THR F 183 41.84 11.15 -48.62
C THR F 183 43.26 11.52 -48.21
N MET F 184 43.49 11.85 -46.94
CA MET F 184 44.82 12.25 -46.47
C MET F 184 45.23 11.41 -45.27
N ASP F 185 46.54 11.16 -45.16
CA ASP F 185 47.06 10.50 -43.99
C ASP F 185 47.12 11.48 -42.82
N LYS F 186 47.21 10.92 -41.61
CA LYS F 186 47.20 11.73 -40.39
C LYS F 186 48.34 12.75 -40.33
N SER F 187 49.36 12.61 -41.18
CA SER F 187 50.44 13.59 -41.19
C SER F 187 50.00 14.90 -41.83
N ALA F 188 48.88 14.91 -42.54
CA ALA F 188 48.32 16.16 -43.05
C ALA F 188 47.49 16.90 -42.01
N CYS F 189 47.29 16.31 -40.84
CA CYS F 189 46.55 16.94 -39.75
C CYS F 189 47.50 17.89 -39.03
N ILE F 190 47.72 19.06 -39.63
CA ILE F 190 48.63 20.07 -39.10
C ILE F 190 47.78 21.18 -38.49
N HIS F 191 47.93 21.38 -37.19
CA HIS F 191 47.10 22.32 -36.44
C HIS F 191 47.64 23.75 -36.48
N PRO F 192 46.72 24.74 -36.55
CA PRO F 192 45.26 24.55 -36.63
C PRO F 192 44.81 24.25 -38.06
N CYS F 193 43.76 23.43 -38.20
CA CYS F 193 43.29 23.04 -39.51
C CYS F 193 41.77 22.97 -39.53
N VAL F 194 41.22 23.15 -40.73
CA VAL F 194 39.81 22.93 -40.98
C VAL F 194 39.62 21.45 -41.32
N HIS F 195 38.81 20.76 -40.53
CA HIS F 195 38.47 19.37 -40.84
C HIS F 195 37.35 19.37 -41.89
N ALA F 196 37.60 18.71 -43.02
CA ALA F 196 36.70 18.77 -44.16
C ALA F 196 35.37 18.05 -43.94
N GLU F 197 35.28 17.22 -42.90
CA GLU F 197 34.02 16.59 -42.53
C GLU F 197 34.03 16.38 -41.02
N GLY F 198 32.84 16.09 -40.48
CA GLY F 198 32.74 15.84 -39.06
C GLY F 198 31.31 15.74 -38.57
N SER F 199 31.12 15.01 -37.48
CA SER F 199 29.81 14.81 -36.88
C SER F 199 29.76 15.50 -35.52
N ALA F 200 28.64 16.15 -35.24
CA ALA F 200 28.42 16.79 -33.96
C ALA F 200 27.31 16.07 -33.21
N VAL F 201 27.50 15.86 -31.91
CA VAL F 201 26.37 15.53 -31.04
C VAL F 201 25.90 16.85 -30.43
N THR F 202 24.62 17.14 -30.60
CA THR F 202 24.02 18.37 -30.08
C THR F 202 23.23 18.02 -28.83
N ILE F 203 23.76 18.40 -27.67
CA ILE F 203 23.09 18.15 -26.40
C ILE F 203 22.24 19.37 -26.06
N ASN F 204 21.28 19.17 -25.15
CA ASN F 204 20.31 20.23 -24.88
C ASN F 204 20.91 21.32 -24.01
N GLY F 205 21.86 20.98 -23.14
CA GLY F 205 22.41 21.92 -22.19
C GLY F 205 21.39 22.28 -21.12
N PRO F 206 21.65 23.35 -20.36
CA PRO F 206 22.86 24.20 -20.45
C PRO F 206 24.09 23.55 -19.83
N ARG F 207 23.93 22.48 -19.06
CA ARG F 207 25.08 21.84 -18.44
C ARG F 207 25.92 21.12 -19.50
N PHE F 208 27.21 20.93 -19.18
CA PHE F 208 28.05 20.08 -20.00
C PHE F 208 27.81 18.61 -19.66
N SER F 209 28.42 17.73 -20.44
CA SER F 209 28.21 16.30 -20.29
C SER F 209 28.98 15.75 -19.09
N THR F 210 28.45 14.66 -18.52
CA THR F 210 29.24 13.87 -17.61
C THR F 210 30.32 13.10 -18.37
N ARG F 211 31.32 12.63 -17.63
CA ARG F 211 32.33 11.76 -18.25
C ARG F 211 31.70 10.51 -18.83
N CYS F 212 30.69 9.96 -18.13
CA CYS F 212 29.97 8.80 -18.64
C CYS F 212 29.31 9.10 -19.99
N GLU F 213 28.67 10.27 -20.11
CA GLU F 213 28.03 10.63 -21.37
C GLU F 213 29.07 10.90 -22.45
N SER F 214 30.17 11.58 -22.10
CA SER F 214 31.21 11.85 -23.09
C SER F 214 31.85 10.57 -23.60
N PHE F 215 32.06 9.60 -22.70
CA PHE F 215 32.65 8.32 -23.10
C PHE F 215 31.77 7.61 -24.12
N ILE F 216 30.45 7.64 -23.91
CA ILE F 216 29.54 6.99 -24.84
C ILE F 216 29.51 7.73 -26.17
N HIS F 217 29.45 9.07 -26.14
CA HIS F 217 29.44 9.84 -27.37
C HIS F 217 30.69 9.59 -28.21
N LYS F 218 31.85 9.52 -27.55
CA LYS F 218 33.08 9.20 -28.27
C LYS F 218 33.05 7.78 -28.82
N ALA F 219 32.50 6.84 -28.06
CA ALA F 219 32.41 5.46 -28.51
C ALA F 219 31.54 5.34 -29.75
N MET F 220 30.54 6.20 -29.89
CA MET F 220 29.70 6.22 -31.08
C MET F 220 30.39 6.86 -32.29
N GLY F 221 31.62 7.35 -32.13
CA GLY F 221 32.35 7.92 -33.23
C GLY F 221 32.08 9.38 -33.52
N LEU F 222 31.43 10.10 -32.60
CA LEU F 222 31.14 11.51 -32.80
C LEU F 222 32.40 12.35 -32.60
N ASP F 223 32.50 13.43 -33.37
CA ASP F 223 33.71 14.24 -33.41
C ASP F 223 33.68 15.39 -32.41
N ILE F 224 32.57 16.12 -32.31
CA ILE F 224 32.47 17.28 -31.45
C ILE F 224 31.12 17.30 -30.75
N VAL F 225 31.02 18.12 -29.71
CA VAL F 225 29.80 18.31 -28.96
C VAL F 225 29.46 19.80 -28.95
N ASN F 226 28.20 20.13 -29.19
CA ASN F 226 27.73 21.51 -29.10
C ASN F 226 26.28 21.49 -28.63
N MET F 227 25.65 22.67 -28.62
CA MET F 227 24.30 22.80 -28.09
C MET F 227 23.34 23.54 -29.01
N THR F 228 23.78 24.01 -30.18
CA THR F 228 23.00 24.97 -30.96
C THR F 228 22.76 24.56 -32.41
N LEU F 229 23.31 23.43 -32.88
CA LEU F 229 23.16 23.08 -34.29
C LEU F 229 21.72 22.69 -34.61
N VAL F 230 21.08 21.94 -33.72
CA VAL F 230 19.71 21.46 -33.92
C VAL F 230 18.80 22.26 -33.02
N PRO F 231 17.65 22.75 -33.55
CA PRO F 231 17.01 22.50 -34.85
C PRO F 231 17.34 23.51 -35.93
N GLU F 232 18.38 24.32 -35.73
CA GLU F 232 18.71 25.37 -36.70
C GLU F 232 18.88 24.80 -38.09
N VAL F 233 19.67 23.72 -38.22
CA VAL F 233 19.93 23.14 -39.52
C VAL F 233 18.66 22.55 -40.13
N SER F 234 17.80 21.96 -39.31
CA SER F 234 16.57 21.36 -39.80
C SER F 234 15.61 22.44 -40.31
N LEU F 235 15.45 23.52 -39.54
CA LEU F 235 14.53 24.59 -39.95
C LEU F 235 15.02 25.30 -41.21
N ALA F 236 16.35 25.43 -41.37
CA ALA F 236 16.87 26.05 -42.59
C ALA F 236 16.45 25.26 -43.82
N ARG F 237 16.50 23.93 -43.75
CA ARG F 237 16.07 23.11 -44.88
C ARG F 237 14.56 23.18 -45.08
N GLU F 238 13.78 23.25 -43.99
CA GLU F 238 12.34 23.44 -44.12
C GLU F 238 12.00 24.74 -44.84
N ALA F 239 12.83 25.76 -44.68
CA ALA F 239 12.59 27.06 -45.29
C ALA F 239 13.15 27.16 -46.71
N GLY F 240 13.66 26.06 -47.25
CA GLY F 240 14.22 26.08 -48.60
C GLY F 240 15.53 26.84 -48.72
N LEU F 241 16.33 26.88 -47.66
CA LEU F 241 17.59 27.60 -47.65
C LEU F 241 18.76 26.63 -47.64
N SER F 242 19.86 27.04 -48.27
CA SER F 242 21.12 26.31 -48.21
C SER F 242 21.86 26.67 -46.93
N TYR F 243 22.13 25.68 -46.08
CA TYR F 243 22.72 25.89 -44.77
C TYR F 243 24.04 25.15 -44.65
N ALA F 244 25.05 25.80 -44.07
CA ALA F 244 26.31 25.17 -43.76
C ALA F 244 26.87 25.79 -42.48
N SER F 245 27.55 24.97 -41.69
CA SER F 245 28.05 25.36 -40.38
C SER F 245 29.55 25.14 -40.30
N ILE F 246 30.26 26.09 -39.70
CA ILE F 246 31.67 25.94 -39.37
C ILE F 246 31.80 26.01 -37.86
N ALA F 247 32.32 24.95 -37.27
CA ALA F 247 32.49 24.85 -35.83
C ALA F 247 33.90 25.26 -35.43
N ILE F 248 34.01 25.99 -34.32
CA ILE F 248 35.30 26.33 -33.72
C ILE F 248 35.53 25.38 -32.56
N VAL F 249 36.64 24.65 -32.59
CA VAL F 249 37.00 23.78 -31.48
C VAL F 249 37.67 24.63 -30.41
N THR F 250 37.14 24.60 -29.19
CA THR F 250 37.78 25.29 -28.08
C THR F 250 37.90 24.34 -26.89
N ASP F 251 38.23 24.87 -25.71
CA ASP F 251 38.55 24.06 -24.55
C ASP F 251 37.69 24.53 -23.36
N PHE F 252 36.79 23.66 -22.91
CA PHE F 252 35.90 23.96 -21.79
C PHE F 252 36.35 23.34 -20.49
N ASP F 253 37.54 22.73 -20.45
CA ASP F 253 37.97 21.92 -19.32
C ASP F 253 39.18 22.52 -18.60
N CYS F 254 39.20 23.84 -18.42
CA CYS F 254 40.25 24.46 -17.62
C CYS F 254 40.06 24.23 -16.12
N TRP F 255 38.90 23.73 -15.70
CA TRP F 255 38.62 23.52 -14.29
C TRP F 255 39.57 22.50 -13.65
N VAL F 262 44.62 31.62 -15.58
CA VAL F 262 45.81 31.37 -16.37
C VAL F 262 45.46 30.49 -17.57
N CYS F 263 44.95 29.29 -17.28
CA CYS F 263 44.45 28.40 -18.33
C CYS F 263 43.43 29.11 -19.21
N VAL F 264 42.49 29.81 -18.56
CA VAL F 264 41.43 30.51 -19.29
C VAL F 264 42.02 31.57 -20.21
N ASP F 265 43.06 32.26 -19.76
CA ASP F 265 43.63 33.35 -20.55
C ASP F 265 44.18 32.85 -21.88
N MET F 266 44.92 31.73 -21.86
CA MET F 266 45.45 31.18 -23.11
C MET F 266 44.33 30.62 -23.99
N VAL F 267 43.31 30.01 -23.37
CA VAL F 267 42.20 29.47 -24.15
C VAL F 267 41.38 30.60 -24.76
N LEU F 268 41.19 31.69 -24.01
CA LEU F 268 40.42 32.82 -24.52
C LEU F 268 41.14 33.52 -25.66
N GLU F 269 42.46 33.68 -25.54
CA GLU F 269 43.23 34.28 -26.62
C GLU F 269 43.22 33.40 -27.85
N GLN F 270 43.34 32.09 -27.66
CA GLN F 270 43.20 31.15 -28.78
C GLN F 270 41.82 31.26 -29.42
N PHE F 271 40.77 31.34 -28.60
CA PHE F 271 39.42 31.47 -29.17
C PHE F 271 39.27 32.79 -29.91
N ARG F 272 39.86 33.86 -29.39
CA ARG F 272 39.85 35.14 -30.09
C ARG F 272 40.47 35.01 -31.47
N LYS F 273 41.60 34.32 -31.58
CA LYS F 273 42.24 34.11 -32.86
C LYS F 273 41.38 33.26 -33.78
N SER F 274 40.70 32.24 -33.23
CA SER F 274 39.81 31.42 -34.03
C SER F 274 38.65 32.22 -34.57
N VAL F 275 38.09 33.13 -33.76
CA VAL F 275 36.99 33.98 -34.22
C VAL F 275 37.45 34.85 -35.38
N VAL F 276 38.67 35.37 -35.32
CA VAL F 276 39.20 36.17 -36.42
C VAL F 276 39.30 35.33 -37.69
N HIS F 277 39.81 34.10 -37.57
CA HIS F 277 39.89 33.21 -38.73
C HIS F 277 38.52 32.94 -39.32
N VAL F 278 37.51 32.69 -38.48
CA VAL F 278 36.19 32.36 -39.00
C VAL F 278 35.55 33.58 -39.67
N ARG F 279 35.80 34.78 -39.12
CA ARG F 279 35.33 35.99 -39.79
C ARG F 279 35.92 36.13 -41.18
N GLU F 280 37.22 35.87 -41.32
CA GLU F 280 37.84 35.92 -42.63
C GLU F 280 37.31 34.84 -43.56
N ILE F 281 37.04 33.64 -43.01
CA ILE F 281 36.45 32.57 -43.80
C ILE F 281 35.05 32.96 -44.27
N LEU F 282 34.24 33.49 -43.36
CA LEU F 282 32.86 33.84 -43.70
C LEU F 282 32.80 34.95 -44.76
N LEU F 283 33.68 35.94 -44.63
CA LEU F 283 33.69 37.03 -45.63
C LEU F 283 34.12 36.51 -46.99
N GLU F 284 35.11 35.61 -47.02
CA GLU F 284 35.51 35.00 -48.30
C GLU F 284 34.40 34.11 -48.84
N ALA F 285 33.69 33.42 -47.94
CA ALA F 285 32.64 32.50 -48.38
C ALA F 285 31.47 33.25 -49.01
N VAL F 286 31.09 34.40 -48.44
CA VAL F 286 30.04 35.22 -49.05
C VAL F 286 30.44 35.63 -50.46
N ALA F 287 31.71 36.00 -50.65
CA ALA F 287 32.17 36.37 -51.98
C ALA F 287 32.09 35.19 -52.93
N LEU F 288 32.51 34.01 -52.49
CA LEU F 288 32.49 32.84 -53.35
C LEU F 288 31.08 32.42 -53.72
N ILE F 289 30.13 32.57 -52.79
CA ILE F 289 28.73 32.28 -53.09
C ILE F 289 28.21 33.23 -54.17
N GLY F 290 28.51 34.52 -54.03
CA GLY F 290 28.04 35.49 -54.99
C GLY F 290 28.64 35.36 -56.37
N ALA F 291 29.76 34.66 -56.49
CA ALA F 291 30.44 34.49 -57.77
C ALA F 291 29.88 33.33 -58.60
N GLU F 292 28.89 32.61 -58.09
CA GLU F 292 28.33 31.47 -58.79
C GLU F 292 26.82 31.66 -58.96
N ASP F 293 26.25 30.82 -59.82
CA ASP F 293 24.81 30.80 -60.05
C ASP F 293 24.19 29.69 -59.23
N TRP F 294 23.08 30.00 -58.54
CA TRP F 294 22.42 29.05 -57.65
C TRP F 294 20.98 28.79 -58.04
N THR F 295 20.61 29.10 -59.29
CA THR F 295 19.22 28.94 -59.71
C THR F 295 18.75 27.51 -59.52
N LYS F 296 19.53 26.53 -59.99
CA LYS F 296 19.10 25.14 -59.93
C LYS F 296 19.09 24.64 -58.48
N THR F 297 20.07 25.05 -57.67
CA THR F 297 20.13 24.61 -56.28
C THR F 297 18.96 25.18 -55.48
N ILE F 298 18.64 26.46 -55.70
CA ILE F 298 17.52 27.07 -55.00
C ILE F 298 16.21 26.41 -55.40
N GLU F 299 16.05 26.14 -56.70
CA GLU F 299 14.85 25.43 -57.16
C GLU F 299 14.76 24.05 -56.54
N ALA F 300 15.90 23.37 -56.39
CA ALA F 300 15.89 22.06 -55.75
C ALA F 300 15.55 22.16 -54.27
N ASN F 301 16.06 23.18 -53.58
CA ASN F 301 15.72 23.38 -52.17
C ASN F 301 14.22 23.56 -51.99
N LYS F 302 13.60 24.37 -52.85
CA LYS F 302 12.17 24.61 -52.74
C LYS F 302 11.36 23.38 -53.10
N ALA F 303 11.82 22.61 -54.10
CA ALA F 303 11.06 21.44 -54.53
C ALA F 303 11.13 20.32 -53.50
N LEU F 304 12.22 20.23 -52.74
CA LEU F 304 12.32 19.21 -51.71
C LEU F 304 11.32 19.46 -50.59
N VAL F 305 11.06 20.72 -50.26
CA VAL F 305 10.05 21.06 -49.27
C VAL F 305 8.67 20.61 -49.75
N MET F 306 8.33 20.95 -50.98
CA MET F 306 7.02 20.58 -51.52
C MET F 306 6.85 19.07 -51.59
N SER F 307 7.90 18.35 -51.98
CA SER F 307 7.80 16.90 -52.09
C SER F 307 7.84 16.19 -50.73
N SER F 308 8.11 16.92 -49.64
CA SER F 308 8.11 16.34 -48.31
C SER F 308 6.80 16.54 -47.57
N ARG F 309 5.79 17.11 -48.23
CA ARG F 309 4.49 17.36 -47.61
C ARG F 309 3.64 16.09 -47.76
N GLN F 310 3.41 15.40 -46.64
CA GLN F 310 2.63 14.17 -46.71
C GLN F 310 1.14 14.44 -46.78
N ASP F 311 0.69 15.58 -46.25
CA ASP F 311 -0.73 15.92 -46.30
C ASP F 311 -1.22 16.24 -47.72
N LEU F 312 -0.31 16.43 -48.67
CA LEU F 312 -0.69 16.73 -50.05
C LEU F 312 -0.70 15.46 -50.90
S SO4 G . 0.55 -6.72 36.65
O1 SO4 G . 1.85 -6.05 36.75
O2 SO4 G . 0.68 -8.08 37.13
O3 SO4 G . -0.42 -6.01 37.48
O4 SO4 G . 0.09 -6.72 35.26
S SO4 H . -27.97 1.75 17.68
O1 SO4 H . -27.15 2.78 18.31
O2 SO4 H . -28.97 1.29 18.65
O3 SO4 H . -28.64 2.30 16.50
O4 SO4 H . -27.13 0.61 17.28
S SO4 I . -21.75 -31.84 26.04
O1 SO4 I . -21.92 -31.68 27.49
O2 SO4 I . -21.51 -33.25 25.75
O3 SO4 I . -20.61 -31.04 25.59
O4 SO4 I . -22.98 -31.40 25.38
S SO4 J . 2.27 5.98 -39.34
O1 SO4 J . 3.34 5.45 -38.48
O2 SO4 J . 1.24 6.59 -38.50
O3 SO4 J . 2.82 6.99 -40.24
O4 SO4 J . 1.68 4.90 -40.14
S SO4 K . 12.86 7.38 -5.91
O1 SO4 K . 13.44 6.80 -4.70
O2 SO4 K . 13.86 7.35 -6.99
O3 SO4 K . 12.47 8.77 -5.67
O4 SO4 K . 11.69 6.61 -6.32
S SO4 L . 27.42 28.62 -29.93
O1 SO4 L . 27.73 28.72 -28.50
O2 SO4 L . 27.22 27.22 -30.29
O3 SO4 L . 28.55 29.16 -30.69
O4 SO4 L . 26.22 29.40 -30.23
#